data_8EGT
#
_entry.id   8EGT
#
loop_
_entity.id
_entity.type
_entity.pdbx_description
1 polymer 'gp19, capsid lining protein'
2 polymer 'Major capsid protein'
#
loop_
_entity_poly.entity_id
_entity_poly.type
_entity_poly.pdbx_seq_one_letter_code
_entity_poly.pdbx_strand_id
1 'polypeptide(L)' MANFDGNEMRGMTHANYEDSRLNKSRELNANMSIGTSKSEDEYGRQVHSLTKQSYSDDSVQEA H,G,F,E
2 'polypeptide(L)'
;MADKKTDIPTLIADSTKASLQDFNHDYGKQWTFGENWSNVNTMFETYVNKYLFPKINETLLIDIALGNRFNWLAKEQDFI
GQYSEEYVIMDTIPIEMNLSKSEELMLKRNYPQMATRLYGSGIVKKQKFTLNNNDVRFNFQTLGDATNYALGVLRKKISD
INVQEEKEIRAMMVDYAINQLQDSNRRTASSKEDLTERVFEAILNMQNNSAKYNEVHKASGGSVGQYTTVSKLSDIAILT
TDSLKSYLLDTKIANTFQMAGIDFTDHIISFDDLGGVYKTTKDVTLANEDTINYLRAFGDYQAMIGDVIPTGSVFTFNVS
DLKEFKGNIEEIKPQGELFAFIFDINALKYKRNTKGMLKEPFYNGEFDEVTHWIHYYSFKAMSPFFNKILITEAPKEQPD
AGATE
;
A,B,C,D
#
# COMPACT_ATOMS: atom_id res chain seq x y z
N GLY A 6 -11.60 36.14 -37.54
CA GLY A 6 -11.09 35.41 -36.40
C GLY A 6 -9.74 35.95 -35.99
N ASN A 7 -9.69 36.75 -34.95
CA ASN A 7 -8.44 37.30 -34.47
C ASN A 7 -7.57 36.14 -34.00
N GLU A 8 -6.24 36.30 -34.02
CA GLU A 8 -5.33 35.23 -33.60
C GLU A 8 -4.32 35.77 -32.61
N MET A 9 -4.27 35.19 -31.40
CA MET A 9 -3.38 35.69 -30.39
C MET A 9 -1.97 35.44 -30.91
N ARG A 10 -1.03 36.33 -30.59
CA ARG A 10 0.34 36.23 -31.06
C ARG A 10 1.25 36.39 -29.86
N GLY A 11 2.55 36.11 -30.01
CA GLY A 11 3.47 36.21 -28.89
C GLY A 11 3.68 37.63 -28.45
N MET A 12 3.56 37.90 -27.16
CA MET A 12 3.74 39.24 -26.62
C MET A 12 5.03 39.31 -25.82
N THR A 13 5.87 38.29 -25.85
CA THR A 13 7.07 38.25 -25.02
C THR A 13 8.28 37.72 -25.78
N HIS A 14 9.46 38.29 -25.54
CA HIS A 14 10.68 37.88 -26.26
C HIS A 14 11.07 36.44 -26.02
N ALA A 15 11.03 35.98 -24.78
CA ALA A 15 11.28 34.57 -24.48
C ALA A 15 10.47 34.19 -23.25
N ASN A 16 9.91 32.98 -23.21
CA ASN A 16 9.13 32.53 -22.06
C ASN A 16 9.25 31.03 -21.86
N TYR A 17 8.99 30.56 -20.64
CA TYR A 17 8.96 29.12 -20.39
C TYR A 17 7.71 28.64 -21.06
N GLU A 18 7.68 27.42 -21.54
CA GLU A 18 6.52 26.99 -22.33
C GLU A 18 5.24 26.92 -21.52
N ASP A 19 4.08 27.01 -22.19
CA ASP A 19 2.77 27.01 -21.51
C ASP A 19 2.09 25.65 -21.44
N SER A 20 2.75 24.55 -21.82
CA SER A 20 2.11 23.22 -21.88
C SER A 20 1.20 22.78 -20.74
N ARG A 21 1.65 22.86 -19.50
CA ARG A 21 0.87 22.34 -18.36
C ARG A 21 -0.50 22.94 -18.23
N LEU A 22 -0.67 24.20 -18.64
CA LEU A 22 -1.95 24.89 -18.45
C LEU A 22 -2.99 24.52 -19.51
N ASN A 23 -2.70 23.57 -20.41
CA ASN A 23 -3.62 23.25 -21.52
C ASN A 23 -4.47 22.02 -21.24
N LYS A 24 -5.79 22.12 -21.45
CA LYS A 24 -6.70 20.98 -21.28
C LYS A 24 -7.17 20.50 -22.65
N SER A 25 -6.30 20.53 -23.64
CA SER A 25 -6.70 20.09 -24.95
C SER A 25 -6.82 18.60 -24.90
N ARG A 26 -5.95 17.94 -24.15
CA ARG A 26 -6.06 16.50 -23.99
C ARG A 26 -7.28 16.12 -23.21
N GLU A 27 -7.57 16.84 -22.14
CA GLU A 27 -8.70 16.45 -21.30
C GLU A 27 -10.06 16.55 -21.97
N LEU A 28 -10.38 17.66 -22.65
CA LEU A 28 -11.71 17.88 -23.22
C LEU A 28 -11.60 18.44 -24.62
N ASN A 29 -11.14 17.63 -25.57
CA ASN A 29 -10.99 18.08 -26.96
C ASN A 29 -12.33 18.05 -27.64
N ALA A 30 -12.51 18.82 -28.70
CA ALA A 30 -13.76 18.79 -29.47
C ALA A 30 -14.02 17.46 -30.15
N ASN A 31 -12.97 16.79 -30.59
CA ASN A 31 -13.10 15.51 -31.32
C ASN A 31 -13.71 14.40 -30.52
N MET A 32 -13.67 14.50 -29.20
CA MET A 32 -14.22 13.46 -28.36
C MET A 32 -15.69 13.73 -28.34
N SER A 33 -16.47 13.05 -29.20
CA SER A 33 -17.92 13.31 -29.31
C SER A 33 -18.72 12.12 -29.81
N ILE A 34 -20.05 12.17 -29.67
CA ILE A 34 -20.92 11.05 -30.05
C ILE A 34 -20.89 10.87 -31.55
N GLY A 35 -21.01 9.63 -32.03
CA GLY A 35 -20.95 9.35 -33.45
C GLY A 35 -22.31 9.07 -34.05
N THR A 36 -22.70 9.80 -35.09
CA THR A 36 -24.02 9.66 -35.68
C THR A 36 -24.10 8.86 -36.97
N SER A 37 -23.03 8.19 -37.37
CA SER A 37 -22.98 7.48 -38.65
C SER A 37 -23.49 6.04 -38.70
N LYS A 38 -23.91 5.49 -37.56
CA LYS A 38 -24.34 4.10 -37.51
C LYS A 38 -25.68 3.92 -38.22
N SER A 39 -26.00 2.70 -38.62
CA SER A 39 -27.29 2.39 -39.28
C SER A 39 -28.03 1.47 -38.35
N GLU A 40 -29.34 1.36 -38.46
CA GLU A 40 -30.12 0.58 -37.47
C GLU A 40 -29.84 -0.91 -37.46
N ASP A 41 -30.06 -1.56 -36.32
CA ASP A 41 -29.77 -3.00 -36.16
C ASP A 41 -30.78 -3.87 -36.87
N GLU A 42 -30.62 -5.19 -36.83
CA GLU A 42 -31.51 -6.05 -37.58
C GLU A 42 -32.93 -5.82 -37.18
N TYR A 43 -33.18 -5.64 -35.90
CA TYR A 43 -34.54 -5.50 -35.45
C TYR A 43 -35.15 -4.29 -36.06
N GLY A 44 -34.39 -3.21 -36.12
CA GLY A 44 -34.91 -1.98 -36.65
C GLY A 44 -35.29 -2.07 -38.10
N ARG A 45 -34.47 -2.72 -38.89
CA ARG A 45 -34.75 -2.82 -40.30
C ARG A 45 -36.04 -3.61 -40.50
N GLN A 46 -36.27 -4.68 -39.75
CA GLN A 46 -37.52 -5.43 -39.84
C GLN A 46 -38.72 -4.61 -39.40
N VAL A 47 -38.58 -3.77 -38.38
CA VAL A 47 -39.71 -2.94 -38.00
C VAL A 47 -40.08 -2.06 -39.18
N HIS A 48 -39.10 -1.44 -39.83
CA HIS A 48 -39.40 -0.54 -40.93
C HIS A 48 -40.01 -1.19 -42.16
N SER A 49 -39.49 -2.34 -42.59
CA SER A 49 -39.97 -3.00 -43.81
C SER A 49 -40.48 -4.44 -43.72
N LEU A 50 -40.34 -5.11 -42.59
CA LEU A 50 -40.70 -6.54 -42.44
C LEU A 50 -40.12 -7.32 -43.61
N THR A 51 -38.86 -7.02 -43.96
CA THR A 51 -38.24 -7.66 -45.11
C THR A 51 -37.87 -9.11 -44.88
N LYS A 52 -37.53 -9.47 -43.65
CA LYS A 52 -37.17 -10.85 -43.34
C LYS A 52 -38.41 -11.65 -43.08
N GLN A 53 -38.79 -12.58 -43.96
CA GLN A 53 -39.91 -13.49 -43.69
C GLN A 53 -39.42 -14.92 -43.49
N SER A 54 -38.12 -15.12 -43.43
CA SER A 54 -37.55 -16.46 -43.33
C SER A 54 -37.83 -17.32 -42.10
N TYR A 55 -37.76 -16.76 -40.90
CA TYR A 55 -37.90 -17.56 -39.67
C TYR A 55 -39.04 -17.11 -38.78
N SER A 56 -39.96 -18.00 -38.44
CA SER A 56 -41.06 -17.68 -37.53
C SER A 56 -41.00 -18.51 -36.24
N ASP A 57 -39.91 -19.24 -36.01
CA ASP A 57 -39.75 -20.08 -34.79
C ASP A 57 -40.71 -21.27 -34.84
N ASP A 58 -41.04 -21.91 -33.72
CA ASP A 58 -41.85 -23.12 -33.78
C ASP A 58 -43.12 -22.79 -34.51
N SER A 59 -43.52 -23.63 -35.45
CA SER A 59 -44.70 -23.37 -36.25
C SER A 59 -45.35 -24.69 -36.59
N VAL A 60 -46.63 -24.65 -36.96
CA VAL A 60 -47.37 -25.86 -37.32
C VAL A 60 -47.38 -26.81 -36.12
N GLY B 6 -14.26 -3.17 -17.98
CA GLY B 6 -12.92 -2.83 -17.59
C GLY B 6 -12.51 -1.51 -18.15
N ASN B 7 -12.90 -0.42 -17.51
CA ASN B 7 -12.53 0.91 -17.95
C ASN B 7 -11.04 1.08 -17.74
N GLU B 8 -10.37 1.84 -18.61
CA GLU B 8 -8.93 2.11 -18.44
C GLU B 8 -8.67 3.61 -18.38
N MET B 9 -8.00 4.08 -17.34
CA MET B 9 -7.73 5.51 -17.20
C MET B 9 -6.76 5.93 -18.30
N ARG B 10 -6.83 7.18 -18.75
CA ARG B 10 -6.01 7.67 -19.87
C ARG B 10 -5.37 8.96 -19.47
N GLY B 11 -4.35 9.40 -20.20
CA GLY B 11 -3.64 10.61 -19.82
C GLY B 11 -4.42 11.90 -19.97
N MET B 12 -4.46 12.72 -18.92
CA MET B 12 -5.21 13.96 -18.92
C MET B 12 -4.32 15.21 -18.88
N THR B 13 -3.03 15.07 -19.17
CA THR B 13 -2.13 16.22 -19.16
C THR B 13 -1.24 16.25 -20.38
N HIS B 14 -0.99 17.44 -20.93
CA HIS B 14 -0.08 17.55 -22.06
C HIS B 14 1.30 17.13 -21.66
N ALA B 15 1.74 17.55 -20.47
CA ALA B 15 3.06 17.15 -19.96
C ALA B 15 3.04 17.03 -18.46
N ASN B 16 3.79 16.09 -17.90
CA ASN B 16 3.90 15.97 -16.44
C ASN B 16 5.09 15.14 -16.03
N TYR B 17 5.45 15.16 -14.75
CA TYR B 17 6.51 14.28 -14.24
C TYR B 17 5.87 12.94 -13.95
N GLU B 18 6.63 11.87 -13.90
CA GLU B 18 6.04 10.54 -13.75
C GLU B 18 5.58 10.21 -12.33
N ASP B 19 4.84 9.11 -12.16
CA ASP B 19 4.30 8.72 -10.86
C ASP B 19 4.96 7.49 -10.26
N SER B 20 6.19 7.18 -10.63
CA SER B 20 6.83 5.96 -10.17
C SER B 20 6.98 5.86 -8.68
N ARG B 21 7.30 6.96 -8.03
CA ARG B 21 7.54 6.92 -6.60
C ARG B 21 6.30 6.50 -5.84
N LEU B 22 5.14 7.00 -6.26
CA LEU B 22 3.88 6.62 -5.62
C LEU B 22 3.45 5.17 -5.87
N ASN B 23 3.90 4.57 -6.97
CA ASN B 23 3.47 3.22 -7.31
C ASN B 23 3.88 2.25 -6.25
N LYS B 24 2.98 1.35 -5.84
CA LYS B 24 3.25 0.40 -4.76
C LYS B 24 3.01 -1.01 -5.27
N SER B 25 3.33 -1.27 -6.53
CA SER B 25 3.19 -2.61 -7.05
C SER B 25 4.29 -3.42 -6.50
N ARG B 26 5.51 -2.87 -6.41
CA ARG B 26 6.60 -3.71 -5.97
C ARG B 26 6.30 -4.18 -4.58
N GLU B 27 5.95 -3.29 -3.66
CA GLU B 27 5.71 -3.70 -2.28
C GLU B 27 4.71 -4.82 -2.17
N LEU B 28 3.47 -4.64 -2.63
CA LEU B 28 2.40 -5.63 -2.48
C LEU B 28 1.78 -5.90 -3.84
N ASN B 29 1.82 -7.14 -4.33
CA ASN B 29 1.29 -7.51 -5.65
C ASN B 29 0.58 -8.88 -5.52
N ALA B 30 -0.32 -9.24 -6.45
CA ALA B 30 -1.03 -10.50 -6.35
C ALA B 30 -0.14 -11.72 -6.43
N ASN B 31 0.97 -11.61 -7.12
CA ASN B 31 1.87 -12.74 -7.33
C ASN B 31 2.40 -13.30 -6.03
N MET B 32 2.53 -12.45 -5.03
CA MET B 32 3.09 -12.89 -3.76
C MET B 32 1.98 -13.55 -2.99
N SER B 33 1.88 -14.87 -3.06
CA SER B 33 0.79 -15.61 -2.40
C SER B 33 1.13 -17.03 -2.01
N ILE B 34 0.32 -17.64 -1.12
CA ILE B 34 0.60 -18.99 -0.62
C ILE B 34 0.46 -20.01 -1.72
N GLY B 35 1.29 -21.05 -1.71
CA GLY B 35 1.24 -22.08 -2.74
C GLY B 35 0.51 -23.32 -2.31
N THR B 36 -0.47 -23.77 -3.09
CA THR B 36 -1.30 -24.91 -2.72
C THR B 36 -0.98 -26.22 -3.43
N SER B 37 0.13 -26.28 -4.16
CA SER B 37 0.47 -27.45 -4.98
C SER B 37 1.24 -28.55 -4.26
N LYS B 38 1.53 -28.37 -2.97
CA LYS B 38 2.36 -29.33 -2.25
C LYS B 38 1.61 -30.63 -1.95
N SER B 39 2.32 -31.72 -1.68
CA SER B 39 1.71 -33.03 -1.37
C SER B 39 2.08 -33.43 0.05
N GLU B 40 1.36 -34.38 0.66
CA GLU B 40 1.56 -34.70 2.09
C GLU B 40 2.89 -35.30 2.54
N ASP B 41 3.27 -35.05 3.79
CA ASP B 41 4.53 -35.57 4.36
C ASP B 41 4.43 -37.07 4.59
N GLU B 42 5.54 -37.72 4.94
CA GLU B 42 5.55 -39.15 5.16
C GLU B 42 4.55 -39.54 6.21
N TYR B 43 4.42 -38.76 7.28
CA TYR B 43 3.52 -39.13 8.34
C TYR B 43 2.13 -39.15 7.81
N GLY B 44 1.79 -38.15 7.01
CA GLY B 44 0.44 -38.06 6.51
C GLY B 44 0.08 -39.22 5.64
N ARG B 45 0.98 -39.64 4.79
CA ARG B 45 0.68 -40.73 3.89
C ARG B 45 0.38 -41.98 4.71
N GLN B 46 1.15 -42.24 5.77
CA GLN B 46 0.86 -43.38 6.66
C GLN B 46 -0.46 -43.25 7.41
N VAL B 47 -0.83 -42.05 7.84
CA VAL B 47 -2.09 -41.88 8.52
C VAL B 47 -3.19 -42.29 7.56
N HIS B 48 -3.11 -41.83 6.31
CA HIS B 48 -4.17 -42.11 5.34
C HIS B 48 -4.32 -43.56 4.96
N SER B 49 -3.22 -44.26 4.71
CA SER B 49 -3.29 -45.66 4.25
C SER B 49 -2.60 -46.75 5.06
N LEU B 50 -1.83 -46.40 6.09
CA LEU B 50 -1.03 -47.39 6.84
C LEU B 50 -0.31 -48.26 5.83
N THR B 51 0.32 -47.62 4.85
CA THR B 51 1.06 -48.35 3.84
C THR B 51 2.26 -49.01 4.46
N LYS B 52 3.01 -48.28 5.28
CA LYS B 52 4.27 -48.80 5.82
C LYS B 52 4.09 -49.70 7.02
N GLN B 53 4.35 -51.01 6.87
CA GLN B 53 4.21 -51.94 7.97
C GLN B 53 5.55 -52.49 8.47
N SER B 54 6.65 -51.98 7.93
CA SER B 54 8.00 -52.47 8.28
C SER B 54 8.58 -52.31 9.68
N TYR B 55 8.42 -51.16 10.33
CA TYR B 55 9.10 -50.89 11.60
C TYR B 55 8.14 -50.62 12.76
N SER B 56 8.35 -51.22 13.94
CA SER B 56 7.53 -50.94 15.12
C SER B 56 8.42 -50.59 16.34
N ASP B 57 9.70 -50.30 16.14
CA ASP B 57 10.61 -49.91 17.23
C ASP B 57 10.81 -51.05 18.22
N ASP B 58 11.22 -50.80 19.46
CA ASP B 58 11.52 -51.92 20.36
C ASP B 58 10.34 -52.83 20.48
N SER B 59 10.57 -54.13 20.38
CA SER B 59 9.49 -55.11 20.41
C SER B 59 9.88 -56.28 21.28
N VAL B 60 8.91 -56.92 21.89
CA VAL B 60 9.18 -58.09 22.73
C VAL B 60 10.32 -57.79 23.67
N ILE C 8 73.63 -63.90 52.47
CA ILE C 8 73.93 -63.78 53.88
C ILE C 8 72.86 -62.90 54.56
N PRO C 9 72.41 -63.24 55.79
CA PRO C 9 71.33 -62.49 56.44
C PRO C 9 71.60 -60.99 56.61
N THR C 10 72.79 -60.62 57.04
CA THR C 10 73.12 -59.22 57.28
C THR C 10 73.18 -58.35 56.04
N LEU C 11 73.75 -58.87 54.97
CA LEU C 11 73.88 -58.10 53.73
C LEU C 11 72.50 -57.80 53.21
N ILE C 12 71.62 -58.78 53.25
CA ILE C 12 70.28 -58.61 52.74
C ILE C 12 69.60 -57.55 53.58
N ALA C 13 69.82 -57.58 54.88
CA ALA C 13 69.16 -56.64 55.77
C ALA C 13 69.51 -55.20 55.50
N ASP C 14 70.77 -54.90 55.16
CA ASP C 14 71.17 -53.51 54.97
C ASP C 14 70.41 -52.86 53.83
N SER C 15 69.80 -51.70 54.08
CA SER C 15 69.05 -50.99 53.05
C SER C 15 69.86 -49.85 52.45
N THR C 16 71.07 -49.63 52.93
CA THR C 16 71.90 -48.59 52.35
C THR C 16 72.16 -49.01 50.92
N LYS C 17 72.37 -50.30 50.71
CA LYS C 17 72.60 -50.82 49.37
C LYS C 17 71.24 -51.15 48.76
N ALA C 18 70.48 -50.14 48.35
CA ALA C 18 69.17 -50.38 47.77
C ALA C 18 68.95 -49.51 46.56
N SER C 19 68.22 -50.00 45.57
CA SER C 19 67.88 -49.17 44.44
C SER C 19 66.99 -48.06 44.95
N LEU C 20 66.11 -48.38 45.89
CA LEU C 20 65.17 -47.38 46.36
C LEU C 20 65.88 -46.20 46.92
N GLN C 21 66.94 -46.40 47.66
CA GLN C 21 67.57 -45.26 48.32
C GLN C 21 68.04 -44.25 47.29
N ASP C 22 68.63 -44.72 46.20
CA ASP C 22 69.09 -43.81 45.14
C ASP C 22 67.97 -43.08 44.43
N PHE C 23 66.91 -43.78 44.06
CA PHE C 23 65.75 -43.15 43.41
C PHE C 23 64.94 -42.27 44.35
N ASN C 24 64.80 -42.69 45.59
CA ASN C 24 64.03 -41.92 46.58
C ASN C 24 64.64 -40.58 46.92
N HIS C 25 65.96 -40.50 47.04
CA HIS C 25 66.63 -39.25 47.48
C HIS C 25 67.53 -38.61 46.45
N ASP C 26 67.78 -37.31 46.57
CA ASP C 26 68.71 -36.61 45.68
C ASP C 26 70.14 -36.98 46.07
N TYR C 27 71.10 -36.78 45.18
CA TYR C 27 72.50 -37.04 45.50
C TYR C 27 72.82 -38.43 46.05
N GLY C 28 72.35 -39.48 45.39
CA GLY C 28 72.68 -40.86 45.78
C GLY C 28 74.05 -41.33 45.29
N LYS C 29 74.48 -42.54 45.67
CA LYS C 29 75.83 -43.02 45.30
C LYS C 29 75.98 -43.46 43.86
N GLN C 30 76.88 -42.82 43.12
CA GLN C 30 77.13 -43.17 41.71
C GLN C 30 77.87 -44.47 41.42
N TRP C 31 78.91 -44.83 42.18
CA TRP C 31 79.76 -46.01 41.88
C TRP C 31 79.57 -47.18 42.80
N THR C 32 79.47 -48.39 42.24
CA THR C 32 79.24 -49.60 43.04
C THR C 32 80.34 -50.60 42.82
N PHE C 33 80.89 -51.16 43.91
CA PHE C 33 81.88 -52.24 43.81
C PHE C 33 81.04 -53.39 44.31
N GLY C 34 80.88 -54.46 43.56
CA GLY C 34 79.94 -55.50 43.92
C GLY C 34 80.06 -56.17 45.26
N GLU C 35 78.93 -56.51 45.87
CA GLU C 35 78.93 -57.18 47.16
C GLU C 35 78.99 -58.68 46.93
N ASN C 36 79.83 -59.38 47.67
CA ASN C 36 79.99 -60.82 47.52
C ASN C 36 78.78 -61.57 48.02
N TRP C 37 78.40 -62.66 47.36
CA TRP C 37 77.20 -63.42 47.72
C TRP C 37 77.46 -64.90 47.91
N SER C 38 76.96 -65.48 49.01
CA SER C 38 77.12 -66.92 49.27
C SER C 38 75.85 -67.49 49.85
N ASN C 39 75.52 -68.72 49.49
CA ASN C 39 74.33 -69.39 49.98
C ASN C 39 74.66 -70.58 50.82
N VAL C 40 75.83 -70.63 51.42
CA VAL C 40 76.26 -71.85 52.12
C VAL C 40 75.38 -72.36 53.26
N ASN C 41 74.84 -71.51 54.14
CA ASN C 41 73.90 -71.99 55.17
C ASN C 41 72.51 -71.45 54.96
N THR C 42 72.25 -70.77 53.85
CA THR C 42 70.94 -70.16 53.65
C THR C 42 70.04 -71.04 52.82
N MET C 43 68.80 -70.61 52.57
CA MET C 43 67.94 -71.34 51.65
C MET C 43 68.62 -71.04 50.34
N PHE C 44 68.32 -71.76 49.28
CA PHE C 44 68.94 -71.57 47.97
C PHE C 44 70.26 -72.31 47.86
N GLU C 45 70.73 -72.99 48.91
CA GLU C 45 72.02 -73.64 48.81
C GLU C 45 71.85 -74.71 47.75
N THR C 46 72.85 -74.92 46.91
CA THR C 46 72.77 -75.93 45.85
C THR C 46 73.96 -76.85 46.00
N TYR C 47 73.82 -78.13 45.70
CA TYR C 47 74.89 -79.06 45.95
C TYR C 47 76.12 -78.77 45.12
N VAL C 48 75.95 -78.50 43.83
CA VAL C 48 77.10 -78.33 42.94
C VAL C 48 77.83 -76.99 43.03
N ASN C 49 77.11 -75.88 43.05
CA ASN C 49 77.72 -74.53 43.06
C ASN C 49 77.19 -73.70 44.21
N LYS C 50 77.94 -73.62 45.29
CA LYS C 50 77.48 -72.91 46.47
C LYS C 50 77.32 -71.41 46.29
N TYR C 51 78.20 -70.76 45.55
CA TYR C 51 78.20 -69.28 45.48
C TYR C 51 77.36 -68.47 44.46
N LEU C 52 76.74 -69.09 43.46
CA LEU C 52 75.99 -68.32 42.45
C LEU C 52 74.66 -67.75 42.96
N PHE C 53 74.24 -66.57 42.50
CA PHE C 53 72.99 -65.93 42.97
C PHE C 53 71.74 -66.72 42.58
N PRO C 54 70.65 -66.71 43.39
CA PRO C 54 69.51 -67.51 42.97
C PRO C 54 68.90 -67.03 41.67
N LYS C 55 68.49 -67.94 40.77
CA LYS C 55 67.97 -67.57 39.45
C LYS C 55 66.52 -68.00 39.24
N ILE C 56 65.65 -67.12 38.73
CA ILE C 56 64.20 -67.42 38.56
C ILE C 56 63.84 -67.98 37.19
N ASN C 57 63.18 -69.13 37.14
CA ASN C 57 62.75 -69.72 35.86
C ASN C 57 61.67 -68.90 35.18
N GLU C 58 60.68 -68.42 35.92
CA GLU C 58 59.57 -67.70 35.30
C GLU C 58 58.86 -66.70 36.15
N THR C 59 58.25 -65.68 35.54
CA THR C 59 57.40 -64.73 36.26
C THR C 59 56.03 -65.03 35.64
N LEU C 60 55.09 -65.61 36.38
CA LEU C 60 53.82 -66.06 35.79
C LEU C 60 52.82 -65.05 35.25
N LEU C 61 52.60 -63.96 35.94
CA LEU C 61 51.59 -62.98 35.53
C LEU C 61 50.18 -63.52 35.40
N ILE C 62 49.76 -64.37 36.33
CA ILE C 62 48.45 -64.99 36.20
C ILE C 62 47.46 -63.87 36.12
N ASP C 63 46.52 -63.95 35.19
CA ASP C 63 45.46 -62.96 35.09
C ASP C 63 44.16 -63.73 34.99
N ILE C 64 43.17 -63.34 35.78
CA ILE C 64 41.90 -64.03 35.77
C ILE C 64 40.98 -63.05 35.08
N ALA C 65 40.35 -63.49 34.00
CA ALA C 65 39.40 -62.65 33.28
C ALA C 65 38.11 -62.71 34.04
N LEU C 66 37.44 -61.60 34.21
CA LEU C 66 36.16 -61.57 34.90
C LEU C 66 35.25 -60.88 33.94
N GLY C 67 33.96 -61.19 33.98
CA GLY C 67 33.03 -60.63 33.02
C GLY C 67 31.70 -60.25 33.59
N ASN C 68 31.00 -59.36 32.92
CA ASN C 68 29.68 -58.94 33.35
C ASN C 68 28.74 -59.90 32.66
N ARG C 69 27.99 -60.67 33.44
CA ARG C 69 27.02 -61.60 32.86
C ARG C 69 25.96 -60.84 32.11
N PHE C 70 25.57 -59.67 32.62
CA PHE C 70 24.53 -58.86 31.97
C PHE C 70 25.05 -58.03 30.80
N ASN C 71 26.26 -58.27 30.27
CA ASN C 71 26.82 -57.42 29.20
C ASN C 71 26.02 -57.53 27.93
N TRP C 72 25.51 -58.70 27.62
CA TRP C 72 24.61 -58.83 26.47
C TRP C 72 23.39 -58.13 26.98
N LEU C 73 22.43 -57.76 26.16
CA LEU C 73 21.29 -56.95 26.62
C LEU C 73 21.78 -55.58 27.04
N ALA C 74 22.81 -55.07 26.37
CA ALA C 74 23.28 -53.71 26.60
C ALA C 74 23.18 -53.06 25.26
N LYS C 75 22.62 -51.86 25.20
CA LYS C 75 22.37 -51.20 23.93
C LYS C 75 23.32 -50.03 23.74
N GLU C 76 24.15 -50.05 22.70
CA GLU C 76 25.05 -48.94 22.46
C GLU C 76 24.17 -47.76 22.13
N GLN C 77 24.52 -46.56 22.59
CA GLN C 77 23.67 -45.37 22.39
C GLN C 77 24.17 -44.17 21.58
N ASP C 78 25.46 -44.02 21.28
CA ASP C 78 25.89 -42.84 20.52
C ASP C 78 25.31 -41.60 21.18
N PHE C 79 25.59 -41.40 22.46
CA PHE C 79 24.90 -40.33 23.19
C PHE C 79 25.04 -38.87 22.83
N ILE C 80 23.91 -38.18 22.76
CA ILE C 80 23.87 -36.75 22.57
C ILE C 80 22.56 -36.66 23.33
N GLY C 81 22.31 -35.63 24.12
CA GLY C 81 21.03 -35.51 24.79
C GLY C 81 21.00 -36.35 26.05
N GLN C 82 19.97 -36.22 26.88
CA GLN C 82 19.91 -36.95 28.17
C GLN C 82 18.77 -37.92 28.45
N TYR C 83 17.52 -37.50 28.33
CA TYR C 83 16.38 -38.33 28.75
C TYR C 83 15.95 -39.49 27.86
N SER C 84 15.21 -40.46 28.42
CA SER C 84 14.68 -41.58 27.65
C SER C 84 13.16 -41.76 27.88
N GLU C 85 12.32 -41.61 26.85
CA GLU C 85 10.84 -41.71 27.00
C GLU C 85 10.08 -43.04 27.23
N GLU C 86 10.42 -44.14 26.55
CA GLU C 86 9.78 -45.47 26.82
C GLU C 86 8.24 -45.65 26.85
N TYR C 87 7.51 -45.18 25.86
CA TYR C 87 6.06 -45.35 25.83
C TYR C 87 5.51 -46.69 25.35
N VAL C 88 4.27 -47.04 25.69
CA VAL C 88 3.62 -48.26 25.25
C VAL C 88 2.20 -47.85 24.96
N ILE C 89 1.48 -48.57 24.09
CA ILE C 89 0.12 -48.19 23.70
C ILE C 89 -0.89 -49.08 24.41
N MET C 90 -1.90 -48.50 25.06
CA MET C 90 -2.86 -49.26 25.86
C MET C 90 -3.84 -50.15 25.09
N ASP C 91 -4.32 -51.22 25.73
CA ASP C 91 -5.20 -52.21 25.08
C ASP C 91 -6.62 -51.79 24.70
N THR C 92 -7.14 -52.31 23.57
CA THR C 92 -8.53 -52.06 23.17
C THR C 92 -9.18 -53.41 22.93
N ILE C 93 -10.37 -53.65 23.48
CA ILE C 93 -11.01 -54.96 23.39
C ILE C 93 -12.00 -55.01 22.22
N PRO C 94 -11.96 -56.05 21.36
CA PRO C 94 -12.84 -56.06 20.20
C PRO C 94 -14.32 -56.10 20.59
N ILE C 95 -15.21 -55.45 19.83
CA ILE C 95 -16.64 -55.34 20.18
C ILE C 95 -17.61 -55.83 19.11
N GLU C 96 -18.84 -56.15 19.49
CA GLU C 96 -19.84 -56.69 18.54
C GLU C 96 -20.33 -55.69 17.50
N MET C 97 -20.83 -56.18 16.37
CA MET C 97 -21.26 -55.30 15.29
C MET C 97 -22.40 -54.36 15.64
N ASN C 98 -23.42 -54.83 16.35
CA ASN C 98 -24.49 -53.94 16.79
C ASN C 98 -25.01 -53.11 15.64
N LEU C 99 -25.44 -53.77 14.56
CA LEU C 99 -25.88 -53.05 13.38
C LEU C 99 -27.12 -52.20 13.65
N SER C 100 -27.87 -52.49 14.70
CA SER C 100 -29.02 -51.66 15.08
C SER C 100 -28.64 -50.23 15.47
N LYS C 101 -27.41 -50.02 15.92
CA LYS C 101 -26.98 -48.70 16.41
C LYS C 101 -27.02 -47.65 15.33
N SER C 102 -27.17 -46.38 15.71
CA SER C 102 -27.29 -45.31 14.75
C SER C 102 -26.09 -45.22 13.85
N GLU C 103 -26.31 -44.80 12.62
CA GLU C 103 -25.23 -44.72 11.64
C GLU C 103 -24.21 -43.65 12.00
N GLU C 104 -24.57 -42.74 12.90
CA GLU C 104 -23.66 -41.67 13.35
C GLU C 104 -22.49 -42.22 14.12
N LEU C 105 -22.54 -43.49 14.53
CA LEU C 105 -21.40 -44.10 15.18
C LEU C 105 -20.19 -44.08 14.25
N MET C 106 -20.40 -43.98 12.94
CA MET C 106 -19.27 -43.96 12.02
C MET C 106 -18.37 -42.86 12.45
N LEU C 107 -18.97 -41.73 12.83
CA LEU C 107 -18.20 -40.59 13.26
C LEU C 107 -18.09 -40.74 14.78
N LYS C 108 -16.91 -41.09 15.28
CA LYS C 108 -16.68 -41.21 16.71
C LYS C 108 -15.16 -41.27 16.72
N ARG C 109 -14.50 -40.45 17.52
CA ARG C 109 -13.02 -40.38 17.44
C ARG C 109 -12.19 -41.65 17.74
N ASN C 110 -12.48 -42.38 18.82
CA ASN C 110 -11.69 -43.57 19.19
C ASN C 110 -10.17 -43.35 19.18
N TYR C 111 -9.68 -42.32 19.87
CA TYR C 111 -8.24 -42.03 19.89
C TYR C 111 -7.40 -43.08 20.57
N PRO C 112 -6.16 -43.34 20.08
CA PRO C 112 -5.27 -44.28 20.80
C PRO C 112 -4.77 -43.72 22.13
N GLN C 113 -4.40 -44.57 23.09
CA GLN C 113 -3.99 -44.13 24.43
C GLN C 113 -2.65 -44.73 24.76
N MET C 114 -1.90 -44.14 25.68
CA MET C 114 -0.55 -44.62 25.96
C MET C 114 -0.05 -44.28 27.35
N ALA C 115 1.05 -44.91 27.79
CA ALA C 115 1.64 -44.64 29.09
C ALA C 115 3.06 -44.19 28.85
N THR C 116 3.76 -43.67 29.85
CA THR C 116 5.09 -43.11 29.63
C THR C 116 5.98 -43.13 30.86
N ARG C 117 7.30 -42.96 30.69
CA ARG C 117 8.22 -42.97 31.79
C ARG C 117 9.50 -42.24 31.35
N LEU C 118 9.81 -41.08 31.95
CA LEU C 118 11.01 -40.33 31.58
C LEU C 118 12.11 -40.72 32.55
N TYR C 119 13.09 -41.48 32.09
CA TYR C 119 14.12 -42.00 32.99
C TYR C 119 15.20 -41.10 33.59
N GLY C 120 15.85 -40.26 32.80
CA GLY C 120 16.96 -39.47 33.32
C GLY C 120 18.22 -39.56 32.50
N SER C 121 19.37 -39.25 33.10
CA SER C 121 20.65 -39.25 32.38
C SER C 121 21.62 -40.19 33.07
N GLY C 122 22.72 -40.55 32.40
CA GLY C 122 23.65 -41.54 32.94
C GLY C 122 25.00 -41.06 33.46
N ILE C 123 25.49 -41.65 34.56
CA ILE C 123 26.78 -41.25 35.13
C ILE C 123 27.96 -41.69 34.26
N VAL C 124 29.09 -40.97 34.33
CA VAL C 124 30.28 -41.28 33.50
C VAL C 124 31.37 -41.65 34.47
N LYS C 125 32.05 -42.79 34.24
CA LYS C 125 33.04 -43.29 35.20
C LYS C 125 34.43 -43.36 34.62
N LYS C 126 35.48 -43.41 35.46
CA LYS C 126 36.86 -43.40 34.99
C LYS C 126 37.82 -44.25 35.82
N GLN C 127 38.94 -44.66 35.23
CA GLN C 127 39.96 -45.45 35.94
C GLN C 127 41.26 -44.98 35.36
N LYS C 128 42.37 -45.13 36.06
CA LYS C 128 43.67 -44.79 35.49
C LYS C 128 44.85 -45.59 36.02
N PHE C 129 45.88 -45.83 35.19
CA PHE C 129 47.08 -46.52 35.61
C PHE C 129 48.27 -45.75 35.11
N THR C 130 49.28 -45.55 35.96
CA THR C 130 50.50 -44.82 35.56
C THR C 130 51.63 -45.82 35.41
N LEU C 131 52.31 -45.81 34.26
CA LEU C 131 53.36 -46.78 33.99
C LEU C 131 54.71 -46.08 33.96
N ASN C 132 55.70 -46.56 34.73
CA ASN C 132 57.00 -45.88 34.85
C ASN C 132 58.08 -46.55 34.05
N ASN C 133 58.68 -45.83 33.11
CA ASN C 133 59.77 -46.39 32.32
C ASN C 133 61.01 -46.70 33.14
N ASN C 134 61.37 -45.84 34.08
CA ASN C 134 62.62 -46.02 34.85
C ASN C 134 62.83 -47.20 35.80
N ASP C 135 61.88 -47.52 36.68
CA ASP C 135 62.08 -48.56 37.72
C ASP C 135 61.29 -49.85 37.62
N VAL C 136 60.20 -49.88 36.87
CA VAL C 136 59.50 -51.14 36.69
C VAL C 136 60.45 -52.04 35.94
N ARG C 137 61.35 -51.46 35.17
CA ARG C 137 62.32 -52.23 34.42
C ARG C 137 63.25 -53.07 35.28
N PHE C 138 63.57 -52.61 36.47
CA PHE C 138 64.42 -53.38 37.37
C PHE C 138 63.78 -54.69 37.70
N ASN C 139 62.48 -54.72 37.89
CA ASN C 139 61.79 -55.93 38.30
C ASN C 139 61.84 -57.09 37.33
N PHE C 140 61.77 -56.86 36.02
CA PHE C 140 61.69 -57.96 35.03
C PHE C 140 63.02 -58.35 34.38
N GLN C 141 63.27 -59.64 34.21
CA GLN C 141 64.50 -60.12 33.57
C GLN C 141 64.60 -59.72 32.13
N THR C 142 63.47 -59.74 31.41
CA THR C 142 63.47 -59.44 29.98
C THR C 142 62.45 -58.39 29.63
N LEU C 143 62.65 -57.70 28.51
CA LEU C 143 61.73 -56.64 28.06
C LEU C 143 60.37 -57.21 27.77
N GLY C 144 60.31 -58.41 27.23
CA GLY C 144 59.04 -59.04 26.87
C GLY C 144 58.11 -59.25 28.04
N ASP C 145 58.63 -59.65 29.18
CA ASP C 145 57.81 -59.81 30.37
C ASP C 145 57.22 -58.48 30.81
N ALA C 146 58.00 -57.42 30.73
CA ALA C 146 57.51 -56.09 31.08
C ALA C 146 56.39 -55.61 30.16
N THR C 147 56.48 -55.88 28.87
CA THR C 147 55.40 -55.50 27.95
C THR C 147 54.11 -56.25 28.31
N ASN C 148 54.22 -57.51 28.73
CA ASN C 148 53.04 -58.26 29.17
C ASN C 148 52.44 -57.60 30.39
N TYR C 149 53.28 -57.10 31.28
CA TYR C 149 52.80 -56.45 32.50
C TYR C 149 51.96 -55.23 32.17
N ALA C 150 52.37 -54.44 31.19
CA ALA C 150 51.57 -53.29 30.78
C ALA C 150 50.21 -53.71 30.21
N LEU C 151 50.16 -54.75 29.38
CA LEU C 151 48.88 -55.24 28.85
C LEU C 151 48.05 -55.75 30.00
N GLY C 152 48.69 -56.38 30.97
CA GLY C 152 47.98 -56.90 32.11
C GLY C 152 47.27 -55.86 32.94
N VAL C 153 47.89 -54.70 33.19
CA VAL C 153 47.19 -53.64 33.91
C VAL C 153 45.98 -53.10 33.16
N LEU C 154 46.07 -52.92 31.85
CA LEU C 154 44.92 -52.47 31.05
C LEU C 154 43.80 -53.48 31.08
N ARG C 155 44.14 -54.75 30.94
CA ARG C 155 43.15 -55.78 30.99
C ARG C 155 42.50 -55.88 32.36
N LYS C 156 43.25 -55.71 33.45
CA LYS C 156 42.64 -55.70 34.78
C LYS C 156 41.68 -54.52 34.91
N LYS C 157 42.03 -53.37 34.35
CA LYS C 157 41.10 -52.25 34.40
C LYS C 157 39.81 -52.56 33.68
N ILE C 158 39.89 -53.20 32.53
CA ILE C 158 38.68 -53.55 31.78
C ILE C 158 37.88 -54.55 32.60
N SER C 159 38.55 -55.48 33.27
CA SER C 159 37.87 -56.46 34.11
C SER C 159 37.15 -55.77 35.24
N ASP C 160 37.75 -54.73 35.79
CA ASP C 160 37.10 -53.96 36.85
C ASP C 160 35.81 -53.27 36.42
N ILE C 161 35.76 -52.75 35.20
CA ILE C 161 34.56 -52.09 34.74
C ILE C 161 33.49 -53.13 34.75
N ASN C 162 33.80 -54.31 34.26
CA ASN C 162 32.79 -55.35 34.16
C ASN C 162 32.23 -55.82 35.49
N VAL C 163 33.08 -56.07 36.47
CA VAL C 163 32.59 -56.53 37.75
C VAL C 163 31.74 -55.43 38.36
N GLN C 164 32.15 -54.16 38.23
CA GLN C 164 31.39 -53.09 38.86
C GLN C 164 30.01 -52.96 38.26
N GLU C 165 29.92 -53.02 36.94
CA GLU C 165 28.63 -52.87 36.27
C GLU C 165 27.71 -54.01 36.63
N GLU C 166 28.26 -55.21 36.70
CA GLU C 166 27.46 -56.37 37.06
C GLU C 166 26.93 -56.16 38.45
N LYS C 167 27.76 -55.66 39.35
CA LYS C 167 27.34 -55.47 40.72
C LYS C 167 26.24 -54.45 40.81
N GLU C 168 26.36 -53.39 40.05
CA GLU C 168 25.34 -52.35 40.06
C GLU C 168 24.00 -52.82 39.47
N ILE C 169 24.02 -53.60 38.39
CA ILE C 169 22.78 -54.10 37.80
C ILE C 169 22.11 -55.01 38.79
N ARG C 170 22.88 -55.86 39.45
CA ARG C 170 22.33 -56.77 40.46
C ARG C 170 21.74 -56.01 41.63
N ALA C 171 22.44 -54.98 42.09
CA ALA C 171 21.97 -54.16 43.18
C ALA C 171 20.70 -53.41 42.81
N MET C 172 20.60 -52.98 41.56
CA MET C 172 19.42 -52.26 41.10
C MET C 172 18.23 -53.15 41.26
N MET C 173 18.37 -54.39 40.86
CA MET C 173 17.26 -55.33 40.96
C MET C 173 16.88 -55.62 42.39
N VAL C 174 17.86 -55.82 43.26
CA VAL C 174 17.57 -56.09 44.66
C VAL C 174 16.87 -54.89 45.29
N ASP C 175 17.36 -53.68 45.02
CA ASP C 175 16.76 -52.46 45.58
C ASP C 175 15.36 -52.23 45.05
N TYR C 176 15.18 -52.45 43.75
CA TYR C 176 13.89 -52.25 43.14
C TYR C 176 12.89 -53.22 43.72
N ALA C 177 13.29 -54.47 43.88
CA ALA C 177 12.40 -55.47 44.40
C ALA C 177 12.01 -55.16 45.82
N ILE C 178 12.98 -54.83 46.65
CA ILE C 178 12.72 -54.56 48.06
C ILE C 178 11.90 -53.31 48.27
N ASN C 179 12.19 -52.25 47.53
CA ASN C 179 11.52 -50.96 47.74
C ASN C 179 10.58 -50.46 46.65
N GLN C 180 11.05 -50.30 45.41
CA GLN C 180 10.22 -49.73 44.35
C GLN C 180 9.51 -50.81 43.54
N LEU C 181 8.54 -51.50 44.11
CA LEU C 181 7.81 -52.53 43.39
C LEU C 181 6.35 -52.38 43.69
N GLN C 182 5.49 -52.79 42.75
CA GLN C 182 4.06 -52.73 42.95
C GLN C 182 3.75 -53.78 43.98
N ASP C 183 2.95 -53.45 44.99
CA ASP C 183 2.68 -54.41 46.07
C ASP C 183 1.99 -55.66 45.56
N SER C 184 1.13 -55.51 44.57
CA SER C 184 0.37 -56.65 44.06
C SER C 184 1.28 -57.73 43.54
N ASN C 185 2.38 -57.35 42.91
CA ASN C 185 3.32 -58.31 42.35
C ASN C 185 3.94 -59.24 43.39
N ARG C 186 4.15 -58.75 44.61
CA ARG C 186 4.83 -59.55 45.64
C ARG C 186 4.12 -60.82 46.09
N ARG C 187 4.87 -61.84 46.50
CA ARG C 187 4.31 -63.13 46.93
C ARG C 187 5.06 -63.55 48.18
N THR C 188 4.48 -64.44 48.99
CA THR C 188 5.10 -64.88 50.24
C THR C 188 5.36 -66.38 50.28
N ALA C 189 6.56 -66.80 50.69
CA ALA C 189 6.92 -68.23 50.78
C ALA C 189 7.27 -68.61 52.20
N SER C 190 6.51 -69.53 52.79
CA SER C 190 6.77 -69.97 54.17
C SER C 190 8.06 -70.74 54.35
N SER C 191 8.40 -71.62 53.42
CA SER C 191 9.56 -72.49 53.55
C SER C 191 10.33 -72.53 52.25
N LYS C 192 11.55 -73.01 52.30
CA LYS C 192 12.39 -73.08 51.11
C LYS C 192 11.69 -73.98 50.11
N GLU C 193 11.09 -75.06 50.59
CA GLU C 193 10.36 -75.96 49.71
C GLU C 193 9.17 -75.27 49.06
N ASP C 194 8.46 -74.45 49.84
CA ASP C 194 7.33 -73.72 49.30
C ASP C 194 7.81 -72.73 48.25
N LEU C 195 8.98 -72.13 48.47
CA LEU C 195 9.48 -71.17 47.52
C LEU C 195 9.69 -71.87 46.21
N THR C 196 10.23 -73.09 46.20
CA THR C 196 10.50 -73.70 44.91
C THR C 196 9.20 -73.93 44.18
N GLU C 197 8.16 -74.36 44.88
CA GLU C 197 6.86 -74.51 44.24
C GLU C 197 6.36 -73.17 43.72
N ARG C 198 6.51 -72.13 44.51
CA ARG C 198 6.04 -70.79 44.13
C ARG C 198 6.77 -70.29 42.91
N VAL C 199 8.09 -70.48 42.87
CA VAL C 199 8.90 -69.99 41.76
C VAL C 199 8.55 -70.70 40.46
N PHE C 200 8.37 -72.02 40.53
CA PHE C 200 7.99 -72.78 39.35
C PHE C 200 6.59 -72.43 38.89
N GLU C 201 5.67 -72.16 39.82
CA GLU C 201 4.33 -71.71 39.45
C GLU C 201 4.42 -70.35 38.77
N ALA C 202 5.28 -69.45 39.26
CA ALA C 202 5.45 -68.13 38.69
C ALA C 202 5.99 -68.15 37.27
N ILE C 203 6.94 -69.03 36.91
CA ILE C 203 7.56 -69.00 35.55
C ILE C 203 6.44 -69.09 34.56
N LEU C 204 5.52 -70.03 34.79
CA LEU C 204 4.40 -70.25 33.88
C LEU C 204 3.43 -69.09 33.85
N ASN C 205 3.21 -68.46 35.01
CA ASN C 205 2.27 -67.35 35.11
C ASN C 205 2.65 -66.19 34.17
N MET C 206 3.94 -65.93 33.97
CA MET C 206 4.38 -64.85 33.11
C MET C 206 3.98 -65.13 31.68
N GLN C 207 4.09 -66.38 31.27
CA GLN C 207 3.72 -66.76 29.90
C GLN C 207 2.24 -66.55 29.63
N ASN C 208 1.41 -66.59 30.67
CA ASN C 208 -0.02 -66.32 30.52
C ASN C 208 -0.17 -64.88 30.08
N ASN C 209 -1.13 -64.58 29.19
CA ASN C 209 -1.36 -63.20 28.74
C ASN C 209 -2.29 -62.54 29.74
N SER C 210 -1.74 -61.83 30.72
CA SER C 210 -2.55 -61.15 31.72
C SER C 210 -1.89 -59.86 32.14
N ALA C 211 -2.69 -58.88 32.56
CA ALA C 211 -2.18 -57.57 32.95
C ALA C 211 -1.76 -57.48 34.40
N LYS C 212 -2.03 -58.51 35.19
CA LYS C 212 -1.75 -58.46 36.62
C LYS C 212 -0.28 -58.33 37.01
N TYR C 213 0.62 -59.02 36.32
CA TYR C 213 2.06 -59.00 36.64
C TYR C 213 2.76 -57.67 36.33
N ASN C 214 2.41 -57.02 35.22
CA ASN C 214 3.05 -55.75 34.80
C ASN C 214 2.73 -54.58 35.67
N GLU C 215 3.60 -53.56 35.67
CA GLU C 215 3.43 -52.38 36.52
C GLU C 215 3.02 -51.12 35.78
N VAL C 216 2.17 -51.26 34.75
CA VAL C 216 1.66 -50.09 34.02
C VAL C 216 0.72 -49.29 34.88
N HIS C 217 0.28 -49.84 36.00
CA HIS C 217 -0.55 -49.09 36.93
C HIS C 217 0.27 -47.92 37.41
N LYS C 218 1.58 -48.07 37.50
CA LYS C 218 2.47 -46.95 37.83
C LYS C 218 2.73 -46.36 36.44
N ALA C 219 3.93 -45.91 36.11
CA ALA C 219 4.22 -45.49 34.74
C ALA C 219 3.34 -44.41 34.17
N SER C 220 2.91 -43.45 34.99
CA SER C 220 2.10 -42.33 34.50
C SER C 220 0.96 -42.98 33.75
N GLY C 221 0.65 -42.54 32.55
CA GLY C 221 -0.31 -43.25 31.75
C GLY C 221 -1.63 -43.52 32.39
N GLY C 222 -2.09 -44.76 32.31
CA GLY C 222 -3.40 -45.08 32.80
C GLY C 222 -3.61 -46.00 33.95
N SER C 223 -4.14 -45.48 35.05
CA SER C 223 -4.54 -46.33 36.13
C SER C 223 -5.79 -47.08 35.65
N VAL C 224 -6.67 -46.39 34.92
CA VAL C 224 -7.94 -46.99 34.47
C VAL C 224 -8.01 -48.16 33.48
N GLY C 225 -7.20 -48.15 32.43
CA GLY C 225 -7.27 -49.18 31.40
C GLY C 225 -6.45 -50.41 31.72
N GLN C 226 -6.26 -51.29 30.73
CA GLN C 226 -5.42 -52.48 30.93
C GLN C 226 -4.38 -52.62 29.84
N TYR C 227 -3.20 -53.15 30.17
CA TYR C 227 -2.19 -53.42 29.17
C TYR C 227 -1.85 -54.85 29.50
N THR C 228 -1.99 -55.76 28.54
CA THR C 228 -1.73 -57.15 28.79
C THR C 228 -0.36 -57.44 28.23
N THR C 229 0.61 -57.76 29.09
CA THR C 229 1.96 -58.05 28.66
C THR C 229 2.20 -59.53 28.83
N VAL C 230 3.02 -60.15 27.98
CA VAL C 230 3.32 -61.56 28.07
C VAL C 230 4.81 -61.67 28.05
N SER C 231 5.40 -62.53 28.88
CA SER C 231 6.84 -62.75 28.89
C SER C 231 7.15 -64.12 28.33
N LYS C 232 7.73 -64.18 27.14
CA LYS C 232 7.99 -65.46 26.51
C LYS C 232 9.08 -66.21 27.23
N LEU C 233 9.09 -67.53 27.16
CA LEU C 233 10.20 -68.28 27.74
C LEU C 233 11.33 -67.83 26.86
N SER C 234 12.55 -67.72 27.40
CA SER C 234 13.72 -67.22 26.68
C SER C 234 13.87 -65.76 27.02
N ASP C 235 12.84 -65.15 27.57
CA ASP C 235 12.91 -63.76 28.02
C ASP C 235 12.60 -63.71 29.51
N ILE C 236 12.75 -64.81 30.23
CA ILE C 236 12.43 -64.85 31.67
C ILE C 236 13.67 -65.32 32.39
N ALA C 237 13.98 -64.76 33.56
CA ALA C 237 15.17 -65.12 34.28
C ALA C 237 14.87 -64.86 35.74
N ILE C 238 15.48 -65.61 36.67
CA ILE C 238 15.14 -65.50 38.10
C ILE C 238 16.34 -65.07 38.94
N LEU C 239 16.33 -63.90 39.57
CA LEU C 239 17.43 -63.45 40.41
C LEU C 239 17.28 -64.05 41.81
N THR C 240 18.07 -65.05 42.15
CA THR C 240 17.94 -65.73 43.45
C THR C 240 19.32 -65.88 44.08
N THR C 241 19.41 -66.27 45.35
CA THR C 241 20.70 -66.55 45.97
C THR C 241 21.22 -67.90 45.51
N ASP C 242 22.51 -68.18 45.64
CA ASP C 242 23.08 -69.44 45.14
C ASP C 242 22.49 -70.68 45.76
N SER C 243 22.23 -70.65 47.06
CA SER C 243 21.60 -71.80 47.69
C SER C 243 20.22 -72.07 47.10
N LEU C 244 19.46 -71.02 46.84
CA LEU C 244 18.11 -71.18 46.27
C LEU C 244 18.16 -71.76 44.88
N LYS C 245 19.14 -71.38 44.09
CA LYS C 245 19.29 -71.95 42.76
C LYS C 245 19.54 -73.44 42.84
N SER C 246 20.33 -73.87 43.81
CA SER C 246 20.56 -75.29 43.98
C SER C 246 19.27 -76.02 44.28
N TYR C 247 18.44 -75.48 45.16
CA TYR C 247 17.16 -76.12 45.49
C TYR C 247 16.26 -76.20 44.26
N LEU C 248 16.18 -75.12 43.48
CA LEU C 248 15.31 -75.09 42.30
C LEU C 248 15.73 -76.07 41.24
N LEU C 249 17.03 -76.15 40.97
CA LEU C 249 17.55 -77.10 39.99
C LEU C 249 17.35 -78.53 40.44
N ASP C 250 17.45 -78.76 41.74
CA ASP C 250 17.31 -80.10 42.30
C ASP C 250 15.95 -80.69 42.02
N THR C 251 14.92 -79.87 41.99
CA THR C 251 13.56 -80.39 41.79
C THR C 251 13.45 -81.06 40.44
N LYS C 252 12.54 -82.02 40.34
CA LYS C 252 12.35 -82.75 39.10
C LYS C 252 11.88 -81.86 37.96
N ILE C 253 11.14 -80.80 38.26
CA ILE C 253 10.57 -79.96 37.19
C ILE C 253 11.72 -79.41 36.37
N ALA C 254 12.81 -79.03 37.02
CA ALA C 254 13.93 -78.44 36.31
C ALA C 254 14.47 -79.42 35.30
N ASN C 255 14.54 -80.68 35.69
CA ASN C 255 15.02 -81.72 34.79
C ASN C 255 14.11 -81.87 33.58
N THR C 256 12.78 -81.83 33.75
CA THR C 256 11.85 -82.01 32.63
C THR C 256 11.97 -80.86 31.67
N PHE C 257 12.21 -79.65 32.19
CA PHE C 257 12.40 -78.49 31.32
C PHE C 257 13.63 -78.63 30.46
N GLN C 258 14.74 -79.04 31.06
CA GLN C 258 15.98 -79.19 30.31
C GLN C 258 15.81 -80.27 29.27
N MET C 259 15.10 -81.33 29.60
CA MET C 259 14.84 -82.42 28.64
C MET C 259 14.03 -81.87 27.47
N ALA C 260 13.07 -81.01 27.75
CA ALA C 260 12.27 -80.37 26.70
C ALA C 260 13.11 -79.50 25.81
N GLY C 261 14.11 -78.81 26.39
CA GLY C 261 14.99 -77.94 25.63
C GLY C 261 15.25 -76.53 26.13
N ILE C 262 14.56 -76.07 27.18
CA ILE C 262 14.79 -74.75 27.78
C ILE C 262 15.75 -74.93 28.93
N ASP C 263 16.87 -74.21 28.96
CA ASP C 263 17.86 -74.43 30.00
C ASP C 263 17.50 -73.61 31.19
N PHE C 264 16.92 -74.24 32.20
CA PHE C 264 16.55 -73.55 33.42
C PHE C 264 17.83 -73.03 34.02
N THR C 265 18.91 -73.79 33.95
CA THR C 265 20.15 -73.38 34.61
C THR C 265 20.71 -72.06 34.11
N ASP C 266 20.71 -71.81 32.80
CA ASP C 266 21.15 -70.51 32.28
C ASP C 266 20.19 -69.41 32.71
N HIS C 267 18.90 -69.70 32.69
CA HIS C 267 17.92 -68.68 33.01
C HIS C 267 18.06 -68.20 34.42
N ILE C 268 18.20 -69.13 35.36
CA ILE C 268 18.26 -68.74 36.76
C ILE C 268 19.61 -68.09 36.94
N ILE C 269 19.67 -66.94 37.61
CA ILE C 269 20.93 -66.19 37.77
C ILE C 269 21.10 -66.01 39.25
N SER C 270 22.27 -66.34 39.78
CA SER C 270 22.46 -66.28 41.21
C SER C 270 23.76 -65.72 41.70
N PHE C 271 23.73 -65.05 42.85
CA PHE C 271 24.92 -64.49 43.45
C PHE C 271 24.82 -65.04 44.84
N ASP C 272 25.92 -65.22 45.54
CA ASP C 272 25.86 -65.90 46.81
C ASP C 272 24.99 -65.24 47.84
N ASP C 273 25.03 -63.91 47.93
CA ASP C 273 24.25 -63.18 48.92
C ASP C 273 23.35 -62.11 48.34
N LEU C 274 23.48 -61.79 47.06
CA LEU C 274 22.73 -60.69 46.45
C LEU C 274 23.00 -59.49 47.33
N GLY C 275 24.23 -59.35 47.81
CA GLY C 275 24.56 -58.29 48.73
C GLY C 275 26.01 -57.97 48.59
N GLY C 276 26.46 -56.87 49.20
CA GLY C 276 27.83 -56.42 49.05
C GLY C 276 27.91 -55.08 48.33
N VAL C 277 26.76 -54.50 47.97
CA VAL C 277 26.75 -53.18 47.36
C VAL C 277 26.13 -52.33 48.44
N TYR C 278 26.76 -51.22 48.82
CA TYR C 278 26.30 -50.42 49.95
C TYR C 278 25.80 -49.06 49.55
N LYS C 279 24.77 -48.57 50.23
CA LYS C 279 24.15 -47.29 49.89
C LYS C 279 24.34 -46.33 51.04
N THR C 280 24.82 -45.13 50.74
CA THR C 280 24.98 -44.12 51.78
C THR C 280 23.61 -43.64 52.21
N THR C 281 23.46 -43.29 53.48
CA THR C 281 22.22 -42.73 53.98
C THR C 281 22.80 -41.53 54.73
N LYS C 282 22.03 -40.49 55.02
CA LYS C 282 22.51 -39.38 55.88
C LYS C 282 23.63 -38.43 55.36
N ASP C 283 23.92 -38.38 54.06
CA ASP C 283 24.87 -37.39 53.51
C ASP C 283 26.22 -37.20 54.24
N VAL C 284 26.99 -38.28 54.38
CA VAL C 284 28.33 -38.22 55.02
C VAL C 284 29.38 -37.39 54.29
N THR C 285 30.36 -36.85 55.01
CA THR C 285 31.46 -36.08 54.40
C THR C 285 32.82 -36.62 54.86
N LEU C 286 33.76 -36.82 53.94
CA LEU C 286 35.06 -37.40 54.30
C LEU C 286 35.73 -36.45 55.26
N ALA C 287 36.27 -36.98 56.35
CA ALA C 287 36.93 -36.15 57.36
C ALA C 287 38.25 -36.63 57.91
N ASN C 288 38.69 -37.86 57.62
CA ASN C 288 39.89 -38.42 58.26
C ASN C 288 40.91 -38.92 57.27
N GLU C 289 42.18 -38.82 57.63
CA GLU C 289 43.23 -39.32 56.75
C GLU C 289 43.11 -40.81 56.56
N ASP C 290 42.77 -41.52 57.62
CA ASP C 290 42.73 -42.97 57.51
C ASP C 290 41.71 -43.39 56.45
N THR C 291 40.57 -42.71 56.40
CA THR C 291 39.57 -43.08 55.42
C THR C 291 40.08 -42.88 54.03
N ILE C 292 40.74 -41.77 53.76
CA ILE C 292 41.15 -41.50 52.39
C ILE C 292 42.15 -42.57 51.97
N ASN C 293 43.00 -43.02 52.91
CA ASN C 293 43.95 -44.08 52.61
C ASN C 293 43.27 -45.41 52.24
N TYR C 294 42.20 -45.77 52.94
CA TYR C 294 41.45 -46.99 52.61
C TYR C 294 40.86 -46.88 51.22
N LEU C 295 40.28 -45.73 50.92
CA LEU C 295 39.64 -45.53 49.63
C LEU C 295 40.71 -45.63 48.55
N ARG C 296 41.90 -45.11 48.81
CA ARG C 296 43.02 -45.20 47.85
C ARG C 296 43.46 -46.62 47.59
N ALA C 297 43.43 -47.47 48.60
CA ALA C 297 43.79 -48.88 48.41
C ALA C 297 42.84 -49.48 47.41
N PHE C 298 41.60 -49.01 47.37
CA PHE C 298 40.57 -49.52 46.44
C PHE C 298 40.58 -48.76 45.10
N GLY C 299 41.60 -47.96 44.83
CA GLY C 299 41.74 -47.24 43.56
C GLY C 299 41.20 -45.81 43.43
N ASP C 300 40.72 -45.18 44.51
CA ASP C 300 40.12 -43.84 44.44
C ASP C 300 41.12 -42.68 44.60
N TYR C 301 41.78 -42.30 43.52
CA TYR C 301 42.69 -41.15 43.54
C TYR C 301 41.99 -39.85 43.81
N GLN C 302 40.80 -39.69 43.27
CA GLN C 302 40.06 -38.43 43.36
C GLN C 302 39.68 -37.96 44.76
N ALA C 303 39.34 -38.87 45.65
CA ALA C 303 38.85 -38.48 46.98
C ALA C 303 39.80 -37.64 47.79
N MET C 304 39.29 -36.65 48.51
CA MET C 304 40.11 -35.80 49.36
C MET C 304 39.29 -35.46 50.58
N ILE C 305 39.93 -35.05 51.67
CA ILE C 305 39.23 -34.75 52.90
C ILE C 305 38.34 -33.53 52.69
N GLY C 306 37.14 -33.54 53.26
CA GLY C 306 36.19 -32.45 53.09
C GLY C 306 35.23 -32.65 51.93
N ASP C 307 35.41 -33.69 51.13
CA ASP C 307 34.48 -33.99 50.03
C ASP C 307 33.20 -34.53 50.62
N VAL C 308 32.04 -34.14 50.08
CA VAL C 308 30.76 -34.58 50.61
C VAL C 308 30.24 -35.69 49.73
N ILE C 309 29.81 -36.80 50.35
CA ILE C 309 29.28 -37.94 49.61
C ILE C 309 27.76 -37.79 49.78
N PRO C 310 27.01 -37.64 48.67
CA PRO C 310 25.57 -37.42 48.82
C PRO C 310 24.78 -38.61 49.31
N THR C 311 23.59 -38.40 49.85
CA THR C 311 22.74 -39.50 50.27
C THR C 311 22.40 -40.29 49.03
N GLY C 312 22.35 -41.61 49.14
CA GLY C 312 22.07 -42.47 48.00
C GLY C 312 23.27 -42.79 47.14
N SER C 313 24.47 -42.43 47.57
CA SER C 313 25.68 -42.82 46.83
C SER C 313 25.93 -44.30 46.98
N VAL C 314 26.30 -44.99 45.90
CA VAL C 314 26.46 -46.43 45.95
C VAL C 314 27.95 -46.73 46.01
N PHE C 315 28.45 -47.14 47.18
CA PHE C 315 29.89 -47.42 47.35
C PHE C 315 30.43 -48.64 46.62
N THR C 316 29.73 -49.77 46.64
CA THR C 316 30.16 -51.04 45.99
C THR C 316 31.33 -51.76 46.67
N PHE C 317 31.67 -51.38 47.90
CA PHE C 317 32.69 -52.08 48.69
C PHE C 317 32.32 -51.74 50.10
N ASN C 318 32.78 -52.47 51.09
CA ASN C 318 32.32 -52.23 52.44
C ASN C 318 33.06 -51.10 53.09
N VAL C 319 32.38 -49.96 53.24
CA VAL C 319 32.99 -48.79 53.85
C VAL C 319 32.39 -48.58 55.22
N SER C 320 31.59 -49.52 55.71
CA SER C 320 30.89 -49.32 56.98
C SER C 320 31.84 -49.15 58.14
N ASP C 321 32.94 -49.87 58.14
CA ASP C 321 33.90 -49.80 59.24
C ASP C 321 34.48 -48.41 59.40
N LEU C 322 34.70 -47.70 58.30
CA LEU C 322 35.30 -46.37 58.35
C LEU C 322 34.42 -45.44 59.16
N LYS C 323 34.99 -44.53 59.93
CA LYS C 323 34.20 -43.72 60.89
C LYS C 323 33.10 -42.81 60.38
N GLU C 324 33.33 -42.08 59.30
CA GLU C 324 32.32 -41.13 58.84
C GLU C 324 31.09 -41.91 58.44
N PHE C 325 31.26 -43.09 57.86
CA PHE C 325 30.15 -43.87 57.35
C PHE C 325 29.65 -44.92 58.30
N LYS C 326 30.07 -44.87 59.56
CA LYS C 326 29.71 -45.96 60.48
C LYS C 326 28.23 -46.18 60.72
N GLY C 327 27.47 -45.13 60.96
CA GLY C 327 26.02 -45.26 61.13
C GLY C 327 25.28 -44.84 59.90
N ASN C 328 25.99 -44.51 58.84
CA ASN C 328 25.38 -43.95 57.63
C ASN C 328 25.47 -44.82 56.37
N ILE C 329 25.73 -46.12 56.50
CA ILE C 329 25.76 -47.02 55.34
C ILE C 329 24.77 -48.15 55.54
N GLU C 330 23.95 -48.44 54.52
CA GLU C 330 22.98 -49.53 54.57
C GLU C 330 23.19 -50.43 53.37
N GLU C 331 23.36 -51.73 53.58
CA GLU C 331 23.62 -52.65 52.48
C GLU C 331 22.37 -52.88 51.64
N ILE C 332 22.53 -53.03 50.33
CA ILE C 332 21.39 -53.33 49.46
C ILE C 332 21.41 -54.85 49.39
N LYS C 333 20.55 -55.52 50.15
CA LYS C 333 20.56 -56.98 50.21
C LYS C 333 19.16 -57.56 50.44
N PRO C 334 18.88 -58.77 49.92
CA PRO C 334 17.57 -59.33 50.22
C PRO C 334 17.39 -59.52 51.69
N GLN C 335 16.20 -59.22 52.20
CA GLN C 335 15.93 -59.30 53.62
C GLN C 335 15.37 -60.68 53.83
N GLY C 336 16.04 -61.50 54.64
CA GLY C 336 15.60 -62.87 54.83
C GLY C 336 16.29 -63.76 53.83
N GLU C 337 16.45 -65.04 54.15
CA GLU C 337 17.17 -65.93 53.25
C GLU C 337 16.46 -66.09 51.94
N LEU C 338 15.12 -66.25 51.97
CA LEU C 338 14.38 -66.50 50.74
C LEU C 338 14.18 -65.21 49.96
N PHE C 339 14.46 -65.23 48.67
CA PHE C 339 14.33 -64.07 47.84
C PHE C 339 14.43 -64.59 46.44
N ALA C 340 13.35 -64.54 45.69
CA ALA C 340 13.38 -64.89 44.27
C ALA C 340 12.71 -63.73 43.60
N PHE C 341 13.40 -63.07 42.66
CA PHE C 341 12.81 -61.98 41.93
C PHE C 341 12.83 -62.50 40.53
N ILE C 342 11.67 -62.67 39.92
CA ILE C 342 11.60 -63.24 38.59
C ILE C 342 11.20 -62.07 37.73
N PHE C 343 11.93 -61.79 36.67
CA PHE C 343 11.70 -60.60 35.87
C PHE C 343 11.84 -60.89 34.42
N ASP C 344 11.16 -60.15 33.55
CA ASP C 344 11.36 -60.31 32.13
C ASP C 344 12.72 -59.70 31.84
N ILE C 345 13.55 -60.31 31.00
CA ILE C 345 14.89 -59.81 30.75
C ILE C 345 14.87 -58.44 30.14
N ASN C 346 13.85 -58.13 29.36
CA ASN C 346 13.81 -56.87 28.67
C ASN C 346 13.72 -55.70 29.63
N ALA C 347 13.30 -55.93 30.86
CA ALA C 347 13.11 -54.84 31.82
C ALA C 347 14.37 -54.03 32.11
N LEU C 348 15.53 -54.68 32.18
CA LEU C 348 16.76 -53.98 32.54
C LEU C 348 17.23 -53.08 31.42
N LYS C 349 16.90 -51.80 31.46
CA LYS C 349 17.42 -50.86 30.47
C LYS C 349 18.86 -50.74 30.89
N TYR C 350 19.79 -50.92 29.99
CA TYR C 350 21.19 -50.92 30.39
C TYR C 350 21.91 -50.32 29.22
N LYS C 351 21.50 -49.13 28.85
CA LYS C 351 22.12 -48.51 27.69
C LYS C 351 23.53 -48.09 28.11
N ARG C 352 24.53 -48.18 27.22
CA ARG C 352 25.92 -47.78 27.53
C ARG C 352 26.57 -47.16 26.32
N ASN C 353 27.54 -46.25 26.49
CA ASN C 353 28.31 -45.70 25.35
C ASN C 353 29.78 -46.00 25.59
N THR C 354 30.44 -46.60 24.61
CA THR C 354 31.83 -46.96 24.73
C THR C 354 32.55 -46.57 23.46
N LYS C 355 32.83 -45.29 23.28
CA LYS C 355 33.55 -44.80 22.11
C LYS C 355 34.73 -44.06 22.69
N GLY C 356 35.89 -44.11 22.04
CA GLY C 356 37.04 -43.35 22.51
C GLY C 356 37.16 -43.76 23.94
N MET C 357 36.96 -45.07 24.17
CA MET C 357 36.99 -45.63 25.50
C MET C 357 38.33 -45.36 26.14
N LEU C 358 39.41 -45.67 25.45
CA LEU C 358 40.77 -45.45 25.98
C LEU C 358 41.22 -44.04 25.60
N LYS C 359 41.25 -43.11 26.57
CA LYS C 359 41.57 -41.73 26.30
C LYS C 359 43.06 -41.60 26.07
N GLU C 360 43.50 -40.51 25.46
CA GLU C 360 44.92 -40.36 25.11
C GLU C 360 45.87 -40.34 26.30
N PRO C 361 47.09 -40.90 26.15
CA PRO C 361 48.06 -40.90 27.25
C PRO C 361 48.64 -39.54 27.60
N PHE C 362 49.10 -39.32 28.83
CA PHE C 362 49.77 -38.07 29.21
C PHE C 362 51.14 -38.41 29.74
N TYR C 363 52.21 -37.86 29.15
CA TYR C 363 53.55 -38.24 29.55
C TYR C 363 54.11 -37.23 30.49
N ASN C 364 54.39 -37.64 31.72
CA ASN C 364 54.86 -36.69 32.73
C ASN C 364 56.16 -36.13 32.27
N GLY C 365 57.10 -36.98 31.82
CA GLY C 365 58.35 -36.51 31.24
C GLY C 365 59.40 -36.20 32.26
N GLU C 366 59.02 -36.15 33.52
CA GLU C 366 59.95 -35.94 34.59
C GLU C 366 59.49 -37.20 35.22
N PHE C 367 60.41 -38.08 35.60
CA PHE C 367 60.06 -39.38 36.17
C PHE C 367 59.75 -40.38 35.07
N ASP C 368 59.71 -39.96 33.82
CA ASP C 368 59.46 -40.86 32.70
C ASP C 368 58.22 -41.72 32.89
N GLU C 369 57.09 -41.16 33.30
CA GLU C 369 55.90 -41.94 33.56
C GLU C 369 54.78 -41.50 32.65
N VAL C 370 53.98 -42.43 32.12
CA VAL C 370 52.82 -42.07 31.27
C VAL C 370 51.57 -42.52 32.00
N THR C 371 50.56 -41.66 32.12
CA THR C 371 49.31 -42.00 32.77
C THR C 371 48.28 -42.19 31.69
N HIS C 372 47.54 -43.30 31.71
CA HIS C 372 46.51 -43.58 30.71
C HIS C 372 45.17 -43.68 31.42
N TRP C 373 44.09 -43.29 30.76
CA TRP C 373 42.75 -43.30 31.38
C TRP C 373 41.74 -44.02 30.54
N ILE C 374 40.76 -44.69 31.16
CA ILE C 374 39.65 -45.33 30.43
C ILE C 374 38.38 -44.65 30.90
N HIS C 375 37.57 -44.09 30.01
CA HIS C 375 36.35 -43.37 30.37
C HIS C 375 35.17 -43.92 29.58
N TYR C 376 34.02 -44.11 30.22
CA TYR C 376 32.86 -44.67 29.54
C TYR C 376 31.58 -44.17 30.18
N TYR C 377 30.46 -44.24 29.48
CA TYR C 377 29.18 -43.71 29.98
C TYR C 377 28.27 -44.88 30.29
N SER C 378 27.66 -44.93 31.47
CA SER C 378 26.70 -46.00 31.81
C SER C 378 25.37 -45.52 32.32
N PHE C 379 24.26 -46.03 31.79
CA PHE C 379 22.92 -45.66 32.22
C PHE C 379 22.23 -46.94 32.58
N LYS C 380 21.68 -47.04 33.79
CA LYS C 380 21.00 -48.25 34.24
C LYS C 380 19.65 -47.90 34.84
N ALA C 381 18.59 -48.58 34.41
CA ALA C 381 17.25 -48.27 34.88
C ALA C 381 16.39 -49.48 34.69
N MET C 382 15.26 -49.58 35.38
CA MET C 382 14.33 -50.70 35.16
C MET C 382 12.96 -50.22 34.72
N SER C 383 12.38 -50.86 33.72
CA SER C 383 11.11 -50.42 33.16
C SER C 383 9.85 -50.98 33.81
N PRO C 384 8.84 -50.13 34.06
CA PRO C 384 7.61 -50.60 34.68
C PRO C 384 6.74 -51.48 33.78
N PHE C 385 6.87 -51.37 32.48
CA PHE C 385 5.97 -52.08 31.56
C PHE C 385 6.00 -53.62 31.50
N PHE C 386 7.16 -54.26 31.60
CA PHE C 386 7.28 -55.74 31.51
C PHE C 386 6.89 -56.49 32.79
N ASN C 387 6.57 -57.78 32.70
CA ASN C 387 6.13 -58.55 33.87
C ASN C 387 7.22 -58.81 34.89
N LYS C 388 6.96 -58.59 36.18
CA LYS C 388 7.93 -58.88 37.24
C LYS C 388 7.18 -59.41 38.43
N ILE C 389 7.68 -60.44 39.12
CA ILE C 389 7.05 -60.94 40.34
C ILE C 389 8.16 -61.17 41.33
N LEU C 390 7.93 -60.86 42.62
CA LEU C 390 8.94 -61.06 43.66
C LEU C 390 8.35 -62.02 44.64
N ILE C 391 9.07 -63.07 45.00
CA ILE C 391 8.60 -64.04 45.99
C ILE C 391 9.61 -63.92 47.10
N THR C 392 9.17 -63.62 48.32
CA THR C 392 10.09 -63.39 49.43
C THR C 392 9.51 -63.99 50.67
N GLU C 393 10.31 -64.27 51.68
CA GLU C 393 9.79 -64.95 52.85
C GLU C 393 8.73 -64.11 53.52
N ALA C 394 7.72 -64.76 54.07
CA ALA C 394 6.63 -64.04 54.69
C ALA C 394 7.15 -63.26 55.88
N PRO C 395 6.65 -62.03 56.08
CA PRO C 395 7.09 -61.33 57.29
C PRO C 395 6.78 -62.15 58.54
N ILE D 8 -49.24 -5.73 -6.69
CA ILE D 8 -48.48 -6.68 -7.50
C ILE D 8 -49.37 -7.85 -7.87
N PRO D 9 -48.97 -8.62 -8.89
CA PRO D 9 -49.77 -9.82 -9.15
C PRO D 9 -49.61 -10.82 -8.01
N THR D 10 -50.60 -11.70 -7.80
CA THR D 10 -50.54 -12.70 -6.74
C THR D 10 -49.39 -13.66 -6.95
N LEU D 11 -49.08 -13.96 -8.20
CA LEU D 11 -48.00 -14.89 -8.50
C LEU D 11 -46.69 -14.36 -7.94
N ILE D 12 -46.48 -13.04 -7.97
CA ILE D 12 -45.19 -12.50 -7.55
C ILE D 12 -44.92 -12.90 -6.11
N ALA D 13 -45.93 -12.86 -5.24
CA ALA D 13 -45.74 -13.14 -3.81
C ALA D 13 -46.06 -14.54 -3.34
N ASP D 14 -46.36 -15.45 -4.25
CA ASP D 14 -46.82 -16.78 -3.82
C ASP D 14 -45.66 -17.73 -3.54
N SER D 15 -45.50 -18.13 -2.28
CA SER D 15 -44.44 -19.06 -1.89
C SER D 15 -44.61 -20.43 -2.49
N THR D 16 -45.84 -20.91 -2.61
CA THR D 16 -46.09 -22.28 -3.08
C THR D 16 -45.55 -22.51 -4.46
N LYS D 17 -45.59 -21.50 -5.31
CA LYS D 17 -45.11 -21.61 -6.67
C LYS D 17 -43.59 -21.68 -6.73
N ALA D 18 -42.91 -21.37 -5.63
CA ALA D 18 -41.45 -21.32 -5.61
C ALA D 18 -40.72 -22.61 -5.81
N SER D 19 -39.52 -22.54 -6.37
CA SER D 19 -38.68 -23.72 -6.51
C SER D 19 -38.28 -24.25 -5.15
N LEU D 20 -38.14 -23.37 -4.16
CA LEU D 20 -37.70 -23.81 -2.85
C LEU D 20 -38.65 -24.82 -2.28
N GLN D 21 -39.95 -24.64 -2.47
CA GLN D 21 -40.92 -25.54 -1.87
C GLN D 21 -40.73 -26.94 -2.40
N ASP D 22 -40.39 -27.06 -3.66
CA ASP D 22 -40.21 -28.38 -4.26
C ASP D 22 -39.08 -29.09 -3.53
N PHE D 23 -37.98 -28.39 -3.28
CA PHE D 23 -36.86 -28.99 -2.53
C PHE D 23 -37.11 -29.23 -1.05
N ASN D 24 -37.71 -28.28 -0.35
CA ASN D 24 -37.96 -28.42 1.08
C ASN D 24 -38.94 -29.48 1.56
N HIS D 25 -40.07 -29.64 0.89
CA HIS D 25 -41.05 -30.61 1.32
C HIS D 25 -40.73 -32.01 0.76
N ASP D 26 -41.05 -33.10 1.48
CA ASP D 26 -40.68 -34.46 1.04
C ASP D 26 -41.45 -34.92 -0.20
N TYR D 27 -42.67 -34.44 -0.44
CA TYR D 27 -43.41 -34.76 -1.67
C TYR D 27 -43.81 -33.44 -2.33
N GLY D 28 -43.94 -33.40 -3.67
CA GLY D 28 -44.23 -32.18 -4.39
C GLY D 28 -44.88 -32.53 -5.70
N LYS D 29 -45.45 -31.56 -6.39
CA LYS D 29 -46.19 -31.89 -7.60
C LYS D 29 -45.24 -32.15 -8.72
N GLN D 30 -45.25 -33.38 -9.23
CA GLN D 30 -44.37 -33.76 -10.32
C GLN D 30 -44.72 -33.01 -11.60
N TRP D 31 -46.01 -32.81 -11.88
CA TRP D 31 -46.46 -32.16 -13.11
C TRP D 31 -47.04 -30.80 -12.82
N THR D 32 -46.65 -29.79 -13.60
CA THR D 32 -47.24 -28.47 -13.45
C THR D 32 -47.59 -27.90 -14.78
N PHE D 33 -48.62 -27.06 -14.82
CA PHE D 33 -49.01 -26.38 -16.04
C PHE D 33 -48.60 -25.00 -15.62
N GLY D 34 -47.84 -24.30 -16.44
CA GLY D 34 -47.27 -23.05 -16.00
C GLY D 34 -48.13 -21.91 -15.55
N GLU D 35 -47.64 -21.15 -14.58
CA GLU D 35 -48.37 -20.02 -14.03
C GLU D 35 -48.35 -18.86 -15.01
N ASN D 36 -49.24 -17.88 -14.83
CA ASN D 36 -49.34 -16.74 -15.75
C ASN D 36 -48.57 -15.53 -15.25
N TRP D 37 -47.70 -14.93 -16.07
CA TRP D 37 -46.85 -13.82 -15.62
C TRP D 37 -47.31 -12.45 -16.10
N SER D 38 -47.39 -11.45 -15.22
CA SER D 38 -47.71 -10.09 -15.62
C SER D 38 -46.80 -9.09 -14.92
N ASN D 39 -46.41 -8.03 -15.61
CA ASN D 39 -45.52 -7.01 -15.05
C ASN D 39 -46.30 -5.83 -14.54
N VAL D 40 -47.61 -5.92 -14.47
CA VAL D 40 -48.41 -4.75 -14.08
C VAL D 40 -48.18 -4.41 -12.62
N ASN D 41 -48.02 -3.14 -12.30
CA ASN D 41 -47.83 -2.68 -10.93
C ASN D 41 -46.70 -3.40 -10.23
N THR D 42 -45.60 -3.61 -10.94
CA THR D 42 -44.41 -4.22 -10.34
C THR D 42 -43.21 -3.54 -10.96
N MET D 43 -42.02 -3.73 -10.40
CA MET D 43 -40.83 -3.03 -10.86
C MET D 43 -40.45 -3.31 -12.29
N PHE D 44 -40.88 -4.44 -12.83
CA PHE D 44 -40.46 -4.85 -14.16
C PHE D 44 -41.38 -4.32 -15.22
N GLU D 45 -42.32 -3.45 -14.89
CA GLU D 45 -43.33 -3.08 -15.88
C GLU D 45 -42.73 -2.56 -17.16
N THR D 46 -43.25 -3.05 -18.29
CA THR D 46 -42.76 -2.66 -19.60
C THR D 46 -43.96 -2.02 -20.24
N TYR D 47 -43.79 -0.88 -20.88
CA TYR D 47 -44.94 -0.20 -21.43
C TYR D 47 -45.62 -0.98 -22.53
N VAL D 48 -44.84 -1.51 -23.46
CA VAL D 48 -45.41 -2.22 -24.61
C VAL D 48 -46.02 -3.58 -24.38
N ASN D 49 -45.39 -4.47 -23.62
CA ASN D 49 -45.87 -5.85 -23.49
C ASN D 49 -46.74 -6.20 -22.29
N LYS D 50 -46.19 -6.06 -21.08
CA LYS D 50 -46.94 -6.31 -19.84
C LYS D 50 -47.22 -7.77 -19.54
N TYR D 51 -46.74 -8.71 -20.37
CA TYR D 51 -46.88 -10.14 -20.09
C TYR D 51 -45.66 -10.98 -20.48
N LEU D 52 -44.46 -10.43 -20.43
CA LEU D 52 -43.23 -11.18 -20.73
C LEU D 52 -42.25 -11.14 -19.57
N PHE D 53 -41.58 -12.25 -19.28
CA PHE D 53 -40.70 -12.35 -18.11
C PHE D 53 -39.45 -11.43 -18.19
N PRO D 54 -38.96 -10.89 -17.05
CA PRO D 54 -37.81 -9.98 -17.14
C PRO D 54 -36.56 -10.65 -17.67
N LYS D 55 -35.76 -9.98 -18.49
CA LYS D 55 -34.61 -10.61 -19.14
C LYS D 55 -33.26 -10.02 -18.71
N ILE D 56 -32.29 -10.84 -18.23
CA ILE D 56 -31.00 -10.34 -17.72
C ILE D 56 -29.86 -10.59 -18.70
N ASN D 57 -29.21 -9.52 -19.15
CA ASN D 57 -28.08 -9.62 -20.08
C ASN D 57 -26.79 -10.27 -19.62
N GLU D 58 -26.31 -9.94 -18.42
CA GLU D 58 -24.99 -10.41 -17.99
C GLU D 58 -24.82 -10.68 -16.52
N THR D 59 -23.87 -11.53 -16.14
CA THR D 59 -23.53 -11.78 -14.73
C THR D 59 -22.00 -11.65 -14.63
N LEU D 60 -21.45 -10.92 -13.64
CA LEU D 60 -19.98 -10.68 -13.54
C LEU D 60 -19.32 -11.04 -12.20
N LEU D 61 -18.24 -11.80 -12.19
CA LEU D 61 -17.54 -12.18 -10.95
C LEU D 61 -16.80 -11.10 -10.17
N ILE D 62 -16.16 -10.15 -10.84
CA ILE D 62 -15.45 -9.06 -10.15
C ILE D 62 -14.49 -9.65 -9.14
N ASP D 63 -13.76 -10.70 -9.54
CA ASP D 63 -12.76 -11.30 -8.66
C ASP D 63 -11.53 -10.42 -8.61
N ILE D 64 -10.96 -10.21 -7.41
CA ILE D 64 -9.76 -9.42 -7.25
C ILE D 64 -8.75 -10.33 -6.57
N ALA D 65 -7.47 -10.21 -6.93
CA ALA D 65 -6.42 -11.03 -6.36
C ALA D 65 -5.68 -10.18 -5.36
N LEU D 66 -5.43 -10.70 -4.15
CA LEU D 66 -4.76 -9.95 -3.09
C LEU D 66 -3.50 -10.72 -2.70
N GLY D 67 -2.44 -10.04 -2.24
CA GLY D 67 -1.19 -10.70 -1.91
C GLY D 67 -0.80 -10.47 -0.48
N ASN D 68 0.25 -11.13 0.00
CA ASN D 68 0.72 -10.97 1.37
C ASN D 68 2.11 -10.38 1.28
N ARG D 69 2.29 -9.13 1.71
CA ARG D 69 3.59 -8.48 1.65
C ARG D 69 4.74 -9.34 2.12
N PHE D 70 4.58 -10.10 3.22
CA PHE D 70 5.71 -10.82 3.76
C PHE D 70 5.99 -12.24 3.26
N ASN D 71 5.53 -12.58 2.06
CA ASN D 71 5.71 -13.94 1.55
C ASN D 71 7.17 -14.31 1.40
N TRP D 72 8.00 -13.36 1.02
CA TRP D 72 9.40 -13.69 0.77
C TRP D 72 9.99 -14.25 2.03
N LEU D 73 9.63 -13.70 3.18
CA LEU D 73 10.14 -14.15 4.46
C LEU D 73 9.76 -15.57 4.80
N ALA D 74 8.58 -16.04 4.41
CA ALA D 74 8.12 -17.37 4.82
C ALA D 74 9.02 -18.49 4.41
N LYS D 75 9.31 -19.41 5.32
CA LYS D 75 10.18 -20.53 5.05
C LYS D 75 9.40 -21.79 5.31
N GLU D 76 9.38 -22.71 4.36
CA GLU D 76 8.65 -23.94 4.53
C GLU D 76 9.40 -24.77 5.56
N GLN D 77 8.68 -25.49 6.41
CA GLN D 77 9.30 -26.36 7.40
C GLN D 77 8.45 -27.59 7.60
N ASP D 78 9.01 -28.67 8.14
CA ASP D 78 8.22 -29.85 8.48
C ASP D 78 7.42 -29.47 9.72
N PHE D 79 6.32 -30.17 9.99
CA PHE D 79 5.43 -29.82 11.11
C PHE D 79 5.67 -30.75 12.30
N ILE D 80 6.80 -31.46 12.32
CA ILE D 80 7.05 -32.48 13.38
C ILE D 80 7.16 -32.19 14.89
N GLY D 81 7.84 -31.15 15.36
CA GLY D 81 8.08 -30.94 16.79
C GLY D 81 7.68 -29.58 17.31
N GLN D 82 7.22 -29.49 18.56
CA GLN D 82 6.69 -28.21 19.07
C GLN D 82 7.61 -27.04 19.29
N TYR D 83 8.78 -27.21 19.91
CA TYR D 83 9.63 -26.06 20.29
C TYR D 83 10.83 -25.75 19.42
N SER D 84 11.41 -24.57 19.58
CA SER D 84 12.60 -24.18 18.82
C SER D 84 13.44 -23.34 19.73
N GLU D 85 14.75 -23.29 19.53
CA GLU D 85 15.58 -22.42 20.33
C GLU D 85 16.69 -21.77 19.55
N GLU D 86 17.17 -20.60 20.00
CA GLU D 86 18.22 -19.88 19.31
C GLU D 86 19.16 -19.39 20.37
N TYR D 87 20.47 -19.32 20.09
CA TYR D 87 21.42 -18.93 21.09
C TYR D 87 22.61 -18.25 20.49
N VAL D 88 23.33 -17.45 21.27
CA VAL D 88 24.43 -16.70 20.75
C VAL D 88 25.55 -16.94 21.73
N ILE D 89 26.78 -17.13 21.24
CA ILE D 89 27.92 -17.29 22.14
C ILE D 89 28.35 -15.92 22.65
N MET D 90 28.48 -15.76 23.95
CA MET D 90 28.80 -14.44 24.55
C MET D 90 30.24 -13.98 24.37
N ASP D 91 30.50 -12.69 24.47
CA ASP D 91 31.83 -12.12 24.24
C ASP D 91 32.93 -12.44 25.25
N THR D 92 34.20 -12.55 24.79
CA THR D 92 35.35 -12.78 25.69
C THR D 92 36.39 -11.74 25.41
N ILE D 93 36.81 -10.99 26.41
CA ILE D 93 37.74 -9.88 26.21
C ILE D 93 39.19 -10.38 26.32
N PRO D 94 40.06 -10.02 25.35
CA PRO D 94 41.42 -10.56 25.44
C PRO D 94 42.13 -10.13 26.71
N ILE D 95 42.93 -11.01 27.35
CA ILE D 95 43.59 -10.70 28.64
C ILE D 95 45.11 -10.75 28.55
N GLU D 96 45.83 -10.04 29.42
CA GLU D 96 47.28 -9.94 29.33
C GLU D 96 48.02 -11.16 29.86
N MET D 97 49.23 -11.42 29.32
CA MET D 97 50.05 -12.55 29.77
C MET D 97 50.73 -12.17 31.06
N ASN D 98 50.40 -12.82 32.17
CA ASN D 98 51.10 -12.57 33.43
C ASN D 98 51.90 -13.83 33.58
N LEU D 99 53.21 -13.72 33.48
CA LEU D 99 54.07 -14.88 33.57
C LEU D 99 54.33 -15.13 35.05
N SER D 100 53.96 -14.19 35.92
CA SER D 100 54.07 -14.40 37.36
C SER D 100 53.16 -15.49 37.84
N LYS D 101 52.05 -15.69 37.16
CA LYS D 101 51.04 -16.65 37.63
C LYS D 101 51.60 -18.05 37.66
N SER D 102 51.06 -18.87 38.55
CA SER D 102 51.54 -20.23 38.71
C SER D 102 51.33 -21.00 37.43
N GLU D 103 52.19 -21.98 37.16
CA GLU D 103 52.10 -22.76 35.93
C GLU D 103 50.81 -23.58 35.87
N GLU D 104 50.17 -23.80 37.01
CA GLU D 104 48.93 -24.59 37.07
C GLU D 104 47.77 -23.89 36.37
N LEU D 105 47.92 -22.63 36.03
CA LEU D 105 46.88 -21.92 35.31
C LEU D 105 46.57 -22.61 33.98
N MET D 106 47.51 -23.35 33.43
CA MET D 106 47.26 -24.07 32.20
C MET D 106 46.08 -24.96 32.42
N LEU D 107 46.05 -25.62 33.55
CA LEU D 107 44.95 -26.52 33.89
C LEU D 107 43.64 -25.78 34.15
N LYS D 108 43.70 -24.51 34.56
CA LYS D 108 42.49 -23.74 34.88
C LYS D 108 41.63 -23.71 33.64
N ARG D 109 40.33 -23.87 33.78
CA ARG D 109 39.43 -24.00 32.62
C ARG D 109 38.43 -22.88 32.39
N ASN D 110 38.34 -22.38 31.15
CA ASN D 110 37.41 -21.32 30.78
C ASN D 110 36.41 -21.98 29.86
N TYR D 111 35.12 -21.76 30.07
CA TYR D 111 34.09 -22.42 29.29
C TYR D 111 33.36 -21.42 28.41
N PRO D 112 32.99 -21.80 27.17
CA PRO D 112 32.18 -20.88 26.37
C PRO D 112 30.84 -20.64 27.01
N GLN D 113 30.27 -19.44 26.91
CA GLN D 113 29.01 -19.10 27.57
C GLN D 113 28.01 -18.69 26.53
N MET D 114 26.71 -18.78 26.84
CA MET D 114 25.69 -18.50 25.86
C MET D 114 24.42 -17.91 26.43
N ALA D 115 23.60 -17.29 25.60
CA ALA D 115 22.32 -16.74 26.02
C ALA D 115 21.34 -17.37 25.11
N THR D 116 20.18 -17.81 25.60
CA THR D 116 19.23 -18.56 24.78
C THR D 116 17.78 -18.14 24.92
N ARG D 117 16.95 -18.45 23.91
CA ARG D 117 15.51 -18.16 23.97
C ARG D 117 14.75 -19.36 23.47
N LEU D 118 13.56 -19.61 24.02
CA LEU D 118 12.72 -20.71 23.58
C LEU D 118 11.44 -20.12 23.07
N TYR D 119 11.05 -20.44 21.84
CA TYR D 119 9.82 -19.94 21.27
C TYR D 119 9.20 -21.25 20.89
N GLY D 120 7.90 -21.42 21.12
CA GLY D 120 7.25 -22.71 20.93
C GLY D 120 6.22 -23.07 19.88
N SER D 121 4.96 -23.31 20.26
CA SER D 121 3.97 -23.84 19.33
C SER D 121 3.47 -23.00 18.18
N GLY D 122 2.83 -23.63 17.20
CA GLY D 122 2.20 -22.92 16.10
C GLY D 122 0.69 -22.84 16.17
N ILE D 123 0.04 -22.38 15.11
CA ILE D 123 -1.40 -22.22 15.02
C ILE D 123 -1.86 -22.89 13.73
N VAL D 124 -2.91 -23.73 13.76
CA VAL D 124 -3.44 -24.38 12.53
C VAL D 124 -4.77 -23.74 12.21
N LYS D 125 -4.94 -23.23 10.98
CA LYS D 125 -6.15 -22.50 10.63
C LYS D 125 -6.86 -23.17 9.47
N LYS D 126 -8.19 -23.05 9.41
CA LYS D 126 -8.98 -23.75 8.40
C LYS D 126 -10.06 -22.89 7.75
N GLN D 127 -10.47 -23.23 6.53
CA GLN D 127 -11.54 -22.52 5.85
C GLN D 127 -12.30 -23.59 5.15
N LYS D 128 -13.59 -23.38 4.88
CA LYS D 128 -14.38 -24.36 4.13
C LYS D 128 -15.49 -23.80 3.24
N PHE D 129 -15.82 -24.50 2.15
CA PHE D 129 -16.92 -24.09 1.27
C PHE D 129 -17.59 -25.32 0.71
N THR D 130 -18.91 -25.30 0.55
CA THR D 130 -19.67 -26.45 0.01
C THR D 130 -20.35 -26.10 -1.30
N LEU D 131 -20.32 -26.98 -2.30
CA LEU D 131 -20.87 -26.65 -3.62
C LEU D 131 -22.10 -27.51 -3.89
N ASN D 132 -23.28 -26.91 -4.09
CA ASN D 132 -24.54 -27.69 -4.19
C ASN D 132 -24.78 -28.63 -5.34
N ASN D 133 -24.41 -28.24 -6.54
CA ASN D 133 -24.67 -29.04 -7.74
C ASN D 133 -26.15 -29.05 -8.19
N ASN D 134 -27.07 -29.53 -7.36
CA ASN D 134 -28.49 -29.58 -7.73
C ASN D 134 -29.30 -28.27 -7.86
N ASP D 135 -29.17 -27.32 -6.93
CA ASP D 135 -29.97 -26.09 -6.93
C ASP D 135 -29.20 -24.83 -7.32
N VAL D 136 -27.89 -24.83 -7.25
CA VAL D 136 -27.09 -23.68 -7.63
C VAL D 136 -27.20 -23.49 -9.12
N ARG D 137 -27.45 -24.56 -9.84
CA ARG D 137 -27.53 -24.48 -11.28
C ARG D 137 -28.69 -23.60 -11.74
N PHE D 138 -29.73 -23.48 -10.94
CA PHE D 138 -30.86 -22.63 -11.27
C PHE D 138 -30.42 -21.19 -11.39
N ASN D 139 -29.50 -20.75 -10.56
CA ASN D 139 -29.03 -19.36 -10.56
C ASN D 139 -28.35 -18.87 -11.83
N PHE D 140 -27.51 -19.68 -12.47
CA PHE D 140 -26.74 -19.25 -13.64
C PHE D 140 -27.33 -19.73 -14.96
N GLN D 141 -27.38 -18.87 -15.97
CA GLN D 141 -27.90 -19.23 -17.29
C GLN D 141 -27.08 -20.24 -18.04
N THR D 142 -25.75 -20.16 -17.93
CA THR D 142 -24.85 -21.05 -18.65
C THR D 142 -23.97 -21.82 -17.67
N LEU D 143 -23.53 -23.02 -18.05
CA LEU D 143 -22.66 -23.84 -17.19
C LEU D 143 -21.36 -23.13 -16.97
N GLY D 144 -20.90 -22.38 -17.96
CA GLY D 144 -19.65 -21.64 -17.85
C GLY D 144 -19.65 -20.63 -16.74
N ASP D 145 -20.76 -19.93 -16.54
CA ASP D 145 -20.85 -18.99 -15.42
C ASP D 145 -20.76 -19.71 -14.10
N ALA D 146 -21.40 -20.86 -13.98
CA ALA D 146 -21.32 -21.65 -12.77
C ALA D 146 -19.94 -22.17 -12.46
N THR D 147 -19.19 -22.59 -13.47
CA THR D 147 -17.81 -23.03 -13.25
C THR D 147 -16.96 -21.87 -12.76
N ASN D 148 -17.16 -20.66 -13.30
CA ASN D 148 -16.43 -19.49 -12.83
C ASN D 148 -16.78 -19.24 -11.38
N TYR D 149 -18.02 -19.52 -10.99
CA TYR D 149 -18.46 -19.36 -9.60
C TYR D 149 -17.67 -20.22 -8.65
N ALA D 150 -17.33 -21.45 -9.05
CA ALA D 150 -16.61 -22.36 -8.17
C ALA D 150 -15.14 -22.00 -8.08
N LEU D 151 -14.53 -21.55 -9.18
CA LEU D 151 -13.13 -21.10 -9.12
C LEU D 151 -13.07 -19.86 -8.28
N GLY D 152 -14.08 -19.01 -8.39
CA GLY D 152 -14.12 -17.79 -7.62
C GLY D 152 -14.12 -18.01 -6.12
N VAL D 153 -14.89 -18.97 -5.61
CA VAL D 153 -14.85 -19.24 -4.17
C VAL D 153 -13.48 -19.76 -3.72
N LEU D 154 -12.84 -20.64 -4.50
CA LEU D 154 -11.49 -21.12 -4.14
C LEU D 154 -10.48 -20.01 -4.14
N ARG D 155 -10.52 -19.15 -5.15
CA ARG D 155 -9.57 -18.05 -5.24
C ARG D 155 -9.75 -17.10 -4.08
N LYS D 156 -10.99 -16.79 -3.72
CA LYS D 156 -11.24 -15.89 -2.61
C LYS D 156 -10.74 -16.53 -1.36
N LYS D 157 -10.93 -17.83 -1.22
CA LYS D 157 -10.54 -18.49 0.01
C LYS D 157 -9.05 -18.31 0.18
N ILE D 158 -8.28 -18.52 -0.87
CA ILE D 158 -6.83 -18.39 -0.79
C ILE D 158 -6.39 -16.95 -0.52
N SER D 159 -7.04 -15.97 -1.14
CA SER D 159 -6.69 -14.57 -0.94
C SER D 159 -6.87 -14.19 0.49
N ASP D 160 -7.89 -14.72 1.13
CA ASP D 160 -8.17 -14.41 2.53
C ASP D 160 -7.08 -14.89 3.44
N ILE D 161 -6.51 -16.03 3.14
CA ILE D 161 -5.43 -16.56 3.95
C ILE D 161 -4.28 -15.60 3.86
N ASN D 162 -3.97 -15.11 2.67
CA ASN D 162 -2.90 -14.13 2.52
C ASN D 162 -3.15 -12.81 3.26
N VAL D 163 -4.34 -12.23 3.17
CA VAL D 163 -4.57 -10.99 3.86
C VAL D 163 -4.41 -11.22 5.36
N GLN D 164 -4.92 -12.31 5.91
CA GLN D 164 -4.85 -12.51 7.37
C GLN D 164 -3.41 -12.69 7.84
N GLU D 165 -2.61 -13.41 7.09
CA GLU D 165 -1.21 -13.62 7.47
C GLU D 165 -0.49 -12.28 7.47
N GLU D 166 -0.77 -11.43 6.50
CA GLU D 166 -0.16 -10.11 6.46
C GLU D 166 -0.56 -9.35 7.69
N LYS D 167 -1.83 -9.42 8.05
CA LYS D 167 -2.31 -8.67 9.19
C LYS D 167 -1.63 -9.15 10.46
N GLU D 168 -1.45 -10.45 10.59
CA GLU D 168 -0.80 -10.98 11.77
C GLU D 168 0.68 -10.59 11.89
N ILE D 169 1.43 -10.62 10.79
CA ILE D 169 2.84 -10.20 10.82
C ILE D 169 2.94 -8.73 11.14
N ARG D 170 2.09 -7.90 10.57
CA ARG D 170 2.07 -6.46 10.84
C ARG D 170 1.71 -6.21 12.29
N ALA D 171 0.71 -6.92 12.79
CA ALA D 171 0.33 -6.80 14.18
C ALA D 171 1.44 -7.27 15.09
N MET D 172 2.17 -8.31 14.72
CA MET D 172 3.19 -8.84 15.60
C MET D 172 4.20 -7.77 15.86
N MET D 173 4.63 -7.10 14.81
CA MET D 173 5.64 -6.09 14.97
C MET D 173 5.14 -4.92 15.77
N VAL D 174 3.93 -4.46 15.51
CA VAL D 174 3.35 -3.32 16.24
C VAL D 174 3.19 -3.68 17.72
N ASP D 175 2.74 -4.89 18.03
CA ASP D 175 2.60 -5.34 19.42
C ASP D 175 3.93 -5.48 20.12
N TYR D 176 4.92 -6.01 19.42
CA TYR D 176 6.24 -6.18 20.00
C TYR D 176 6.81 -4.83 20.32
N ALA D 177 6.68 -3.89 19.39
CA ALA D 177 7.28 -2.59 19.59
C ALA D 177 6.68 -1.86 20.77
N ILE D 178 5.36 -1.85 20.84
CA ILE D 178 4.69 -1.10 21.91
C ILE D 178 4.95 -1.71 23.29
N ASN D 179 4.96 -3.03 23.39
CA ASN D 179 5.12 -3.70 24.70
C ASN D 179 6.44 -4.40 25.00
N GLN D 180 6.84 -5.34 24.15
CA GLN D 180 8.07 -6.13 24.38
C GLN D 180 9.40 -5.43 24.27
N LEU D 181 9.52 -4.45 23.38
CA LEU D 181 10.83 -3.88 23.11
C LEU D 181 11.52 -3.32 24.33
N GLN D 182 12.83 -3.52 24.42
CA GLN D 182 13.62 -3.08 25.57
C GLN D 182 13.57 -1.59 25.67
N ASP D 183 13.51 -1.06 26.89
CA ASP D 183 13.35 0.38 27.06
C ASP D 183 14.48 1.19 26.47
N SER D 184 15.69 0.67 26.54
CA SER D 184 16.84 1.38 26.01
C SER D 184 16.70 1.63 24.52
N ASN D 185 16.15 0.67 23.79
CA ASN D 185 15.99 0.79 22.33
C ASN D 185 15.09 1.95 21.92
N ARG D 186 14.07 2.25 22.73
CA ARG D 186 13.11 3.31 22.38
C ARG D 186 13.81 4.64 22.22
N ARG D 187 13.44 5.42 21.22
CA ARG D 187 14.00 6.76 21.01
C ARG D 187 12.79 7.62 20.73
N THR D 188 12.87 8.92 20.98
CA THR D 188 11.71 9.80 20.83
C THR D 188 11.94 11.00 19.92
N ALA D 189 11.01 11.26 19.00
CA ALA D 189 11.11 12.40 18.08
C ALA D 189 9.97 13.37 18.35
N SER D 190 10.28 14.65 18.53
CA SER D 190 9.26 15.63 18.86
C SER D 190 8.36 15.92 17.68
N SER D 191 8.92 15.94 16.48
CA SER D 191 8.15 16.25 15.27
C SER D 191 8.54 15.27 14.20
N LYS D 192 7.78 15.20 13.13
CA LYS D 192 8.12 14.33 12.03
C LYS D 192 9.46 14.70 11.41
N GLU D 193 9.79 15.98 11.36
CA GLU D 193 11.10 16.38 10.83
C GLU D 193 12.21 15.79 11.67
N ASP D 194 12.03 15.80 12.99
CA ASP D 194 13.02 15.18 13.85
C ASP D 194 13.08 13.70 13.56
N LEU D 195 11.94 13.07 13.27
CA LEU D 195 11.93 11.64 13.05
C LEU D 195 12.81 11.30 11.87
N THR D 196 12.77 12.09 10.82
CA THR D 196 13.56 11.72 9.65
C THR D 196 15.03 11.71 10.04
N GLU D 197 15.45 12.69 10.84
CA GLU D 197 16.84 12.73 11.34
C GLU D 197 17.14 11.56 12.25
N ARG D 198 16.17 11.18 13.08
CA ARG D 198 16.35 10.06 13.99
C ARG D 198 16.58 8.80 13.21
N VAL D 199 15.86 8.61 12.12
CA VAL D 199 16.03 7.42 11.30
C VAL D 199 17.45 7.43 10.77
N PHE D 200 17.95 8.57 10.31
CA PHE D 200 19.30 8.60 9.72
C PHE D 200 20.32 8.20 10.75
N GLU D 201 20.19 8.72 11.95
CA GLU D 201 21.14 8.41 13.01
C GLU D 201 21.11 6.93 13.34
N ALA D 202 19.93 6.34 13.44
CA ALA D 202 19.83 4.94 13.79
C ALA D 202 20.45 4.04 12.75
N ILE D 203 20.25 4.34 11.47
CA ILE D 203 20.79 3.50 10.39
C ILE D 203 22.30 3.50 10.47
N LEU D 204 22.90 4.67 10.68
CA LEU D 204 24.37 4.75 10.85
C LEU D 204 24.83 4.10 12.15
N ASN D 205 24.12 4.35 13.23
CA ASN D 205 24.53 3.85 14.54
C ASN D 205 24.55 2.35 14.63
N MET D 206 23.53 1.70 14.08
CA MET D 206 23.42 0.24 14.25
C MET D 206 24.37 -0.54 13.36
N GLN D 207 24.99 0.11 12.38
CA GLN D 207 26.02 -0.55 11.56
C GLN D 207 27.37 -0.66 12.30
N ASN D 208 27.53 0.05 13.43
CA ASN D 208 28.74 -0.05 14.26
C ASN D 208 28.63 -1.23 15.19
N ASN D 209 29.77 -1.68 15.73
CA ASN D 209 29.78 -2.82 16.64
C ASN D 209 29.39 -2.37 18.06
N SER D 210 28.13 -2.56 18.47
CA SER D 210 27.69 -2.13 19.78
C SER D 210 26.63 -3.01 20.37
N ALA D 211 26.61 -3.10 21.70
CA ALA D 211 25.67 -3.97 22.38
C ALA D 211 24.34 -3.34 22.76
N LYS D 212 24.19 -2.03 22.58
CA LYS D 212 22.97 -1.35 23.01
C LYS D 212 21.71 -1.73 22.27
N TYR D 213 21.80 -1.88 20.97
CA TYR D 213 20.62 -2.17 20.15
C TYR D 213 20.05 -3.56 20.33
N ASN D 214 20.91 -4.56 20.48
CA ASN D 214 20.45 -5.94 20.70
C ASN D 214 19.78 -6.14 22.02
N GLU D 215 18.82 -7.05 22.06
CA GLU D 215 18.06 -7.32 23.27
C GLU D 215 18.50 -8.62 23.93
N VAL D 216 19.80 -8.91 23.90
CA VAL D 216 20.33 -10.10 24.56
C VAL D 216 20.09 -10.03 26.05
N HIS D 217 19.92 -8.84 26.60
CA HIS D 217 19.59 -8.74 28.02
C HIS D 217 18.27 -9.42 28.33
N LYS D 218 17.29 -9.30 27.45
CA LYS D 218 16.02 -10.00 27.64
C LYS D 218 16.20 -11.52 27.61
N ALA D 219 17.09 -12.00 26.75
CA ALA D 219 17.35 -13.44 26.63
C ALA D 219 17.93 -13.91 27.93
N SER D 220 17.89 -15.21 28.22
CA SER D 220 18.29 -15.70 29.54
C SER D 220 19.70 -15.45 30.06
N GLY D 221 20.72 -15.56 29.22
CA GLY D 221 22.10 -15.42 29.69
C GLY D 221 22.67 -14.03 29.72
N GLY D 222 21.92 -13.03 29.29
CA GLY D 222 22.42 -11.67 29.20
C GLY D 222 22.64 -10.89 30.46
N SER D 223 22.15 -11.36 31.59
CA SER D 223 22.24 -10.58 32.83
C SER D 223 23.66 -10.26 33.20
N VAL D 224 24.58 -11.20 33.02
CA VAL D 224 25.99 -10.95 33.28
C VAL D 224 26.74 -11.11 31.97
N GLY D 225 27.54 -10.12 31.58
CA GLY D 225 28.32 -10.19 30.35
C GLY D 225 27.84 -9.31 29.22
N GLN D 226 28.46 -9.44 28.04
CA GLN D 226 28.10 -8.61 26.89
C GLN D 226 28.08 -9.36 25.58
N TYR D 227 27.25 -8.93 24.63
CA TYR D 227 27.25 -9.52 23.31
C TYR D 227 27.24 -8.33 22.39
N THR D 228 28.14 -8.28 21.41
CA THR D 228 28.22 -7.17 20.48
C THR D 228 27.91 -7.71 19.11
N THR D 229 26.87 -7.19 18.44
CA THR D 229 26.48 -7.66 17.12
C THR D 229 26.47 -6.45 16.18
N VAL D 230 26.61 -6.67 14.88
CA VAL D 230 26.66 -5.60 13.91
C VAL D 230 25.58 -5.89 12.91
N SER D 231 24.79 -4.90 12.51
CA SER D 231 23.75 -5.08 11.49
C SER D 231 23.98 -4.30 10.21
N LYS D 232 24.20 -4.98 9.09
CA LYS D 232 24.47 -4.31 7.82
C LYS D 232 23.26 -3.61 7.22
N LEU D 233 23.46 -2.62 6.33
CA LEU D 233 22.33 -1.85 5.79
C LEU D 233 21.49 -2.73 4.90
N SER D 234 22.10 -3.69 4.22
CA SER D 234 21.37 -4.54 3.32
C SER D 234 20.18 -5.17 4.02
N ASP D 235 20.29 -5.45 5.33
CA ASP D 235 19.21 -6.08 6.07
C ASP D 235 18.26 -5.10 6.74
N ILE D 236 18.70 -3.94 7.18
CA ILE D 236 17.78 -3.06 7.93
C ILE D 236 16.50 -2.77 7.17
N ALA D 237 15.36 -2.81 7.85
CA ALA D 237 14.06 -2.53 7.24
C ALA D 237 13.28 -1.73 8.24
N ILE D 238 12.32 -0.92 7.79
CA ILE D 238 11.56 -0.03 8.68
C ILE D 238 10.06 -0.25 8.51
N LEU D 239 9.29 -0.34 9.60
CA LEU D 239 7.83 -0.44 9.50
C LEU D 239 7.24 0.90 9.93
N THR D 240 6.46 1.55 9.07
CA THR D 240 5.85 2.85 9.36
C THR D 240 4.44 2.94 8.82
N THR D 241 3.65 3.89 9.31
CA THR D 241 2.31 4.12 8.77
C THR D 241 2.46 4.83 7.45
N ASP D 242 1.44 4.76 6.58
CA ASP D 242 1.52 5.36 5.24
C ASP D 242 1.64 6.86 5.28
N SER D 243 1.00 7.51 6.24
CA SER D 243 1.05 8.96 6.33
C SER D 243 2.47 9.41 6.54
N LEU D 244 3.24 8.70 7.36
CA LEU D 244 4.65 9.04 7.55
C LEU D 244 5.48 8.88 6.29
N LYS D 245 5.28 7.82 5.52
CA LYS D 245 5.99 7.67 4.25
C LYS D 245 5.59 8.78 3.30
N SER D 246 4.32 9.14 3.30
CA SER D 246 3.85 10.20 2.44
C SER D 246 4.53 11.50 2.82
N TYR D 247 4.76 11.73 4.10
CA TYR D 247 5.46 12.93 4.52
C TYR D 247 6.84 12.96 3.94
N LEU D 248 7.55 11.84 3.98
CA LEU D 248 8.92 11.87 3.48
C LEU D 248 8.89 12.18 2.02
N LEU D 249 8.05 11.50 1.26
CA LEU D 249 8.05 11.70 -0.17
C LEU D 249 7.54 13.06 -0.56
N ASP D 250 6.44 13.50 0.03
CA ASP D 250 5.84 14.79 -0.32
C ASP D 250 6.62 16.00 0.08
N THR D 251 7.19 15.97 1.30
CA THR D 251 7.91 17.13 1.82
C THR D 251 9.38 16.92 2.06
N LYS D 252 9.82 15.93 2.83
CA LYS D 252 11.26 15.85 3.12
C LYS D 252 12.13 15.59 1.91
N ILE D 253 11.79 14.60 1.10
CA ILE D 253 12.55 14.29 -0.10
C ILE D 253 12.35 15.41 -1.12
N ALA D 254 11.12 15.90 -1.24
CA ALA D 254 10.86 16.91 -2.24
C ALA D 254 11.62 18.18 -1.95
N ASN D 255 11.63 18.61 -0.70
CA ASN D 255 12.35 19.82 -0.29
C ASN D 255 13.89 19.76 -0.29
N THR D 256 14.51 18.63 0.07
CA THR D 256 15.98 18.60 0.17
C THR D 256 16.62 18.86 -1.17
N PHE D 257 17.67 19.70 -1.18
CA PHE D 257 18.34 20.03 -2.44
C PHE D 257 18.98 18.83 -3.04
N GLN D 258 19.70 18.06 -2.22
CA GLN D 258 20.45 16.92 -2.71
C GLN D 258 20.07 15.67 -1.95
N MET D 259 19.42 14.73 -2.62
CA MET D 259 19.02 13.47 -2.01
C MET D 259 19.68 12.45 -2.87
N ALA D 260 20.88 12.74 -3.38
CA ALA D 260 21.50 11.83 -4.33
C ALA D 260 21.71 10.53 -3.66
N GLY D 261 22.19 10.54 -2.43
CA GLY D 261 22.35 9.32 -1.66
C GLY D 261 21.32 9.58 -0.60
N ILE D 262 21.48 9.06 0.59
CA ILE D 262 20.60 9.42 1.70
C ILE D 262 19.09 9.30 1.50
N ASP D 263 18.63 8.26 0.82
CA ASP D 263 17.19 8.04 0.69
C ASP D 263 16.95 6.64 1.21
N PHE D 264 16.22 6.52 2.32
CA PHE D 264 15.97 5.21 2.94
C PHE D 264 14.58 4.66 2.62
N THR D 265 13.86 5.24 1.66
CA THR D 265 12.50 4.81 1.36
C THR D 265 12.42 3.45 0.70
N ASP D 266 13.54 2.94 0.16
CA ASP D 266 13.51 1.60 -0.39
C ASP D 266 13.18 0.65 0.73
N HIS D 267 13.80 0.84 1.88
CA HIS D 267 13.58 -0.01 3.02
C HIS D 267 12.20 0.01 3.63
N ILE D 268 11.51 1.15 3.64
CA ILE D 268 10.22 1.26 4.35
C ILE D 268 9.08 0.37 3.90
N ILE D 269 8.36 -0.25 4.84
CA ILE D 269 7.18 -1.06 4.53
C ILE D 269 6.10 -0.19 5.14
N SER D 270 5.23 0.38 4.32
CA SER D 270 4.24 1.31 4.82
C SER D 270 2.86 0.71 4.76
N PHE D 271 2.08 0.82 5.84
CA PHE D 271 0.73 0.26 5.88
C PHE D 271 -0.23 1.36 6.18
N ASP D 272 -1.44 1.28 5.64
CA ASP D 272 -2.45 2.28 5.90
C ASP D 272 -2.73 2.34 7.38
N ASP D 273 -3.44 1.36 7.93
CA ASP D 273 -3.88 1.45 9.32
C ASP D 273 -2.78 1.14 10.33
N LEU D 274 -1.95 0.15 10.03
CA LEU D 274 -0.88 -0.26 10.97
C LEU D 274 -1.46 -0.56 12.33
N GLY D 275 -2.65 -1.12 12.38
CA GLY D 275 -3.33 -1.41 13.62
C GLY D 275 -4.63 -1.99 13.12
N GLY D 276 -5.62 -2.17 13.97
CA GLY D 276 -6.87 -2.81 13.56
C GLY D 276 -6.95 -4.30 13.79
N VAL D 277 -5.96 -4.90 14.44
CA VAL D 277 -6.01 -6.31 14.81
C VAL D 277 -6.36 -6.21 16.28
N TYR D 278 -7.42 -6.86 16.74
CA TYR D 278 -7.90 -6.68 18.11
C TYR D 278 -7.67 -7.88 18.99
N LYS D 279 -7.25 -7.66 20.24
CA LYS D 279 -6.96 -8.75 21.16
C LYS D 279 -7.79 -8.65 22.42
N THR D 280 -8.47 -9.72 22.82
CA THR D 280 -9.33 -9.71 24.00
C THR D 280 -8.52 -9.64 25.29
N THR D 281 -8.96 -8.86 26.29
CA THR D 281 -8.26 -8.71 27.56
C THR D 281 -8.82 -9.52 28.72
N LYS D 282 -9.96 -10.19 28.54
CA LYS D 282 -10.59 -11.02 29.58
C LYS D 282 -11.19 -12.20 28.88
N ASP D 283 -11.44 -13.29 29.58
CA ASP D 283 -12.13 -14.42 28.96
C ASP D 283 -13.53 -13.95 28.65
N VAL D 284 -14.01 -14.19 27.43
CA VAL D 284 -15.34 -13.77 27.03
C VAL D 284 -16.01 -15.03 26.53
N THR D 285 -17.21 -15.33 26.99
CA THR D 285 -17.91 -16.54 26.59
C THR D 285 -19.04 -16.12 25.66
N LEU D 286 -19.13 -16.74 24.49
CA LEU D 286 -20.17 -16.34 23.55
C LEU D 286 -21.46 -16.65 24.24
N ALA D 287 -22.39 -15.70 24.28
CA ALA D 287 -23.65 -15.88 24.98
C ALA D 287 -24.92 -15.57 24.21
N ASN D 288 -24.85 -15.01 23.01
CA ASN D 288 -26.04 -14.55 22.30
C ASN D 288 -26.15 -15.00 20.87
N GLU D 289 -27.36 -15.12 20.37
CA GLU D 289 -27.56 -15.47 18.97
C GLU D 289 -27.04 -14.41 18.05
N ASP D 290 -27.27 -13.14 18.38
CA ASP D 290 -26.85 -12.07 17.49
C ASP D 290 -25.35 -12.07 17.35
N THR D 291 -24.64 -12.31 18.44
CA THR D 291 -23.18 -12.34 18.39
C THR D 291 -22.71 -13.47 17.50
N ILE D 292 -23.29 -14.66 17.61
CA ILE D 292 -22.81 -15.76 16.79
C ILE D 292 -23.08 -15.41 15.33
N ASN D 293 -24.19 -14.75 15.04
CA ASN D 293 -24.53 -14.37 13.65
C ASN D 293 -23.51 -13.45 13.05
N TYR D 294 -23.00 -12.48 13.82
CA TYR D 294 -21.94 -11.61 13.31
C TYR D 294 -20.68 -12.39 12.99
N LEU D 295 -20.31 -13.32 13.86
CA LEU D 295 -19.11 -14.12 13.65
C LEU D 295 -19.29 -15.00 12.42
N ARG D 296 -20.48 -15.53 12.22
CA ARG D 296 -20.76 -16.39 11.05
C ARG D 296 -20.60 -15.63 9.78
N ALA D 297 -20.98 -14.36 9.80
CA ALA D 297 -20.86 -13.52 8.62
C ALA D 297 -19.42 -13.35 8.18
N PHE D 298 -18.48 -13.46 9.12
CA PHE D 298 -17.04 -13.38 8.81
C PHE D 298 -16.45 -14.78 8.61
N GLY D 299 -17.29 -15.79 8.40
CA GLY D 299 -16.84 -17.16 8.12
C GLY D 299 -16.68 -18.17 9.24
N ASP D 300 -17.04 -17.81 10.48
CA ASP D 300 -16.85 -18.69 11.63
C ASP D 300 -17.98 -19.67 11.85
N TYR D 301 -18.02 -20.75 11.07
CA TYR D 301 -19.02 -21.80 11.24
C TYR D 301 -18.93 -22.50 12.59
N GLN D 302 -17.71 -22.67 13.10
CA GLN D 302 -17.50 -23.35 14.36
C GLN D 302 -18.17 -22.69 15.55
N ALA D 303 -18.23 -21.37 15.57
CA ALA D 303 -18.76 -20.66 16.74
C ALA D 303 -20.17 -21.03 17.11
N MET D 304 -20.42 -21.18 18.40
CA MET D 304 -21.74 -21.53 18.89
C MET D 304 -21.86 -20.96 20.29
N ILE D 305 -23.08 -20.79 20.76
CA ILE D 305 -23.27 -20.16 22.07
C ILE D 305 -22.65 -21.00 23.17
N GLY D 306 -22.02 -20.35 24.14
CA GLY D 306 -21.38 -21.04 25.27
C GLY D 306 -19.90 -21.36 25.11
N ASP D 307 -19.35 -21.18 23.91
CA ASP D 307 -17.92 -21.40 23.70
C ASP D 307 -17.16 -20.27 24.35
N VAL D 308 -15.94 -20.53 24.85
CA VAL D 308 -15.17 -19.52 25.56
C VAL D 308 -14.03 -19.05 24.70
N ILE D 309 -13.81 -17.74 24.65
CA ILE D 309 -12.70 -17.17 23.90
C ILE D 309 -11.71 -16.81 25.01
N PRO D 310 -10.50 -17.40 25.01
CA PRO D 310 -9.58 -17.11 26.13
C PRO D 310 -8.91 -15.75 26.04
N THR D 311 -8.34 -15.26 27.14
CA THR D 311 -7.66 -13.97 27.15
C THR D 311 -6.48 -14.02 26.21
N GLY D 312 -6.23 -12.94 25.48
CA GLY D 312 -5.12 -12.87 24.55
C GLY D 312 -5.44 -13.39 23.16
N SER D 313 -6.67 -13.81 22.92
CA SER D 313 -7.08 -14.28 21.60
C SER D 313 -7.12 -13.12 20.64
N VAL D 314 -6.66 -13.30 19.40
CA VAL D 314 -6.62 -12.22 18.43
C VAL D 314 -7.70 -12.38 17.37
N PHE D 315 -8.68 -11.49 17.38
CA PHE D 315 -9.77 -11.54 16.40
C PHE D 315 -9.45 -11.19 14.96
N THR D 316 -8.69 -10.13 14.70
CA THR D 316 -8.37 -9.63 13.33
C THR D 316 -9.55 -8.98 12.63
N PHE D 317 -10.62 -8.66 13.36
CA PHE D 317 -11.77 -7.95 12.80
C PHE D 317 -12.38 -7.27 14.01
N ASN D 318 -13.25 -6.30 13.81
CA ASN D 318 -13.75 -5.52 14.94
C ASN D 318 -14.91 -6.21 15.61
N VAL D 319 -14.63 -6.90 16.71
CA VAL D 319 -15.68 -7.58 17.44
C VAL D 319 -16.11 -6.78 18.65
N SER D 320 -15.56 -5.59 18.85
CA SER D 320 -15.85 -4.82 20.06
C SER D 320 -17.28 -4.44 20.26
N ASP D 321 -17.97 -4.10 19.19
CA ASP D 321 -19.35 -3.63 19.30
C ASP D 321 -20.29 -4.68 19.91
N LEU D 322 -20.02 -5.95 19.67
CA LEU D 322 -20.90 -7.01 20.14
C LEU D 322 -21.01 -6.99 21.66
N LYS D 323 -22.17 -7.34 22.19
CA LYS D 323 -22.39 -7.28 23.64
C LYS D 323 -21.33 -7.83 24.55
N GLU D 324 -20.96 -9.08 24.35
CA GLU D 324 -20.03 -9.71 25.28
C GLU D 324 -18.69 -9.02 25.25
N PHE D 325 -18.21 -8.63 24.07
CA PHE D 325 -16.87 -8.08 23.95
C PHE D 325 -16.80 -6.57 24.10
N LYS D 326 -17.80 -5.92 24.72
CA LYS D 326 -17.78 -4.45 24.73
C LYS D 326 -16.63 -3.79 25.50
N GLY D 327 -16.34 -4.22 26.71
CA GLY D 327 -15.21 -3.68 27.46
C GLY D 327 -14.03 -4.60 27.50
N ASN D 328 -14.14 -5.75 26.85
CA ASN D 328 -13.10 -6.78 26.93
C ASN D 328 -12.15 -6.82 25.75
N ILE D 329 -12.21 -5.87 24.83
CA ILE D 329 -11.35 -5.88 23.63
C ILE D 329 -10.40 -4.71 23.63
N GLU D 330 -9.14 -4.93 23.25
CA GLU D 330 -8.12 -3.87 23.18
C GLU D 330 -7.50 -3.99 21.81
N GLU D 331 -6.97 -2.90 21.25
CA GLU D 331 -6.44 -2.92 19.88
C GLU D 331 -4.94 -2.82 19.86
N ILE D 332 -4.29 -3.63 19.03
CA ILE D 332 -2.84 -3.56 18.88
C ILE D 332 -2.70 -2.45 17.88
N LYS D 333 -2.15 -1.31 18.29
CA LYS D 333 -2.04 -0.16 17.40
C LYS D 333 -0.86 0.71 17.79
N PRO D 334 -0.35 1.52 16.85
CA PRO D 334 0.73 2.40 17.25
C PRO D 334 0.15 3.49 18.13
N GLN D 335 0.95 4.09 18.98
CA GLN D 335 0.48 5.15 19.86
C GLN D 335 1.00 6.49 19.39
N GLY D 336 0.12 7.45 19.12
CA GLY D 336 0.53 8.79 18.77
C GLY D 336 0.90 9.18 17.36
N GLU D 337 0.80 8.27 16.39
CA GLU D 337 1.01 8.60 14.97
C GLU D 337 2.43 8.71 14.46
N LEU D 338 3.44 8.55 15.31
CA LEU D 338 4.83 8.50 14.83
C LEU D 338 5.26 7.11 15.23
N PHE D 339 5.50 6.24 14.25
CA PHE D 339 5.95 4.90 14.54
C PHE D 339 6.98 4.61 13.49
N ALA D 340 8.17 4.16 13.87
CA ALA D 340 9.17 3.74 12.92
C ALA D 340 10.00 2.69 13.56
N PHE D 341 9.53 1.45 13.55
CA PHE D 341 10.25 0.37 14.19
C PHE D 341 11.27 -0.02 13.15
N ILE D 342 12.55 0.17 13.43
CA ILE D 342 13.61 -0.14 12.49
C ILE D 342 14.20 -1.41 13.06
N PHE D 343 14.31 -2.47 12.28
CA PHE D 343 14.80 -3.75 12.78
C PHE D 343 15.63 -4.48 11.77
N ASP D 344 16.52 -5.36 12.21
CA ASP D 344 17.26 -6.17 11.26
C ASP D 344 16.25 -7.17 10.73
N ILE D 345 16.25 -7.46 9.44
CA ILE D 345 15.22 -8.33 8.87
C ILE D 345 15.31 -9.73 9.40
N ASN D 346 16.47 -10.17 9.82
CA ASN D 346 16.63 -11.54 10.26
C ASN D 346 15.76 -11.83 11.46
N ALA D 347 15.40 -10.82 12.24
CA ALA D 347 14.59 -11.01 13.43
C ALA D 347 13.20 -11.60 13.24
N LEU D 348 12.59 -11.49 12.07
CA LEU D 348 11.18 -11.91 11.87
C LEU D 348 10.72 -13.36 12.08
N LYS D 349 11.51 -14.39 11.82
CA LYS D 349 11.07 -15.77 12.15
C LYS D 349 9.68 -16.24 11.68
N TYR D 350 9.40 -16.15 10.39
CA TYR D 350 8.12 -16.58 9.86
C TYR D 350 8.33 -17.93 9.24
N LYS D 351 7.59 -18.95 9.69
CA LYS D 351 7.74 -20.29 9.18
C LYS D 351 6.34 -20.80 8.89
N ARG D 352 6.18 -21.65 7.89
CA ARG D 352 4.88 -22.15 7.53
C ARG D 352 5.01 -23.55 7.08
N ASN D 353 3.91 -24.29 7.00
CA ASN D 353 3.91 -25.63 6.43
C ASN D 353 2.63 -25.67 5.67
N THR D 354 2.72 -25.87 4.36
CA THR D 354 1.55 -25.90 3.51
C THR D 354 1.59 -27.20 2.77
N LYS D 355 2.06 -28.28 3.40
CA LYS D 355 2.16 -29.55 2.69
C LYS D 355 0.78 -30.20 2.69
N GLY D 356 0.26 -30.55 1.53
CA GLY D 356 -1.09 -31.08 1.45
C GLY D 356 -2.11 -30.07 1.89
N MET D 357 -1.88 -28.79 1.60
CA MET D 357 -2.78 -27.71 2.05
C MET D 357 -4.23 -27.92 1.66
N LEU D 358 -4.53 -28.34 0.44
CA LEU D 358 -5.92 -28.46 0.01
C LEU D 358 -6.44 -29.85 0.40
N LYS D 359 -7.14 -29.97 1.55
CA LYS D 359 -7.56 -31.28 2.02
C LYS D 359 -8.53 -31.91 1.04
N GLU D 360 -8.60 -33.23 1.00
CA GLU D 360 -9.44 -33.89 -0.01
C GLU D 360 -10.92 -33.59 0.17
N PRO D 361 -11.67 -33.53 -0.94
CA PRO D 361 -13.09 -33.19 -0.84
C PRO D 361 -13.95 -34.27 -0.23
N PHE D 362 -15.10 -33.94 0.38
CA PHE D 362 -16.03 -34.95 0.93
C PHE D 362 -17.35 -34.84 0.21
N TYR D 363 -17.82 -35.91 -0.43
CA TYR D 363 -19.03 -35.82 -1.24
C TYR D 363 -20.21 -36.46 -0.57
N ASN D 364 -21.27 -35.68 -0.34
CA ASN D 364 -22.49 -36.19 0.26
C ASN D 364 -23.35 -36.54 -0.93
N GLY D 365 -23.56 -37.82 -1.18
CA GLY D 365 -24.31 -38.23 -2.33
C GLY D 365 -25.70 -37.73 -2.22
N GLU D 366 -26.29 -37.86 -1.04
CA GLU D 366 -27.59 -37.28 -0.86
C GLU D 366 -27.29 -35.83 -0.92
N PHE D 367 -28.08 -35.05 -1.66
CA PHE D 367 -27.91 -33.61 -1.80
C PHE D 367 -26.87 -33.19 -2.82
N ASP D 368 -26.17 -34.13 -3.44
CA ASP D 368 -25.21 -33.84 -4.51
C ASP D 368 -24.18 -32.79 -4.14
N GLU D 369 -23.65 -32.77 -2.92
CA GLU D 369 -22.75 -31.70 -2.50
C GLU D 369 -21.38 -32.16 -2.18
N VAL D 370 -20.35 -31.43 -2.58
CA VAL D 370 -18.98 -31.76 -2.19
C VAL D 370 -18.48 -30.59 -1.36
N THR D 371 -17.96 -30.84 -0.16
CA THR D 371 -17.48 -29.77 0.73
C THR D 371 -15.97 -29.85 0.76
N HIS D 372 -15.26 -28.74 0.53
CA HIS D 372 -13.80 -28.74 0.43
C HIS D 372 -13.17 -27.94 1.56
N TRP D 373 -11.94 -28.23 1.94
CA TRP D 373 -11.28 -27.55 3.07
C TRP D 373 -9.86 -27.20 2.76
N ILE D 374 -9.32 -26.13 3.38
CA ILE D 374 -7.92 -25.75 3.23
C ILE D 374 -7.35 -25.64 4.64
N HIS D 375 -6.26 -26.35 4.98
CA HIS D 375 -5.64 -26.28 6.32
C HIS D 375 -4.14 -25.99 6.21
N TYR D 376 -3.56 -25.18 7.11
CA TYR D 376 -2.13 -24.83 7.06
C TYR D 376 -1.60 -24.46 8.43
N TYR D 377 -0.28 -24.47 8.64
CA TYR D 377 0.33 -24.16 9.93
C TYR D 377 1.12 -22.87 9.81
N SER D 378 1.02 -21.95 10.78
CA SER D 378 1.83 -20.74 10.78
C SER D 378 2.45 -20.36 12.11
N PHE D 379 3.75 -20.09 12.13
CA PHE D 379 4.45 -19.71 13.34
C PHE D 379 5.02 -18.36 13.05
N LYS D 380 4.72 -17.37 13.89
CA LYS D 380 5.28 -16.04 13.72
C LYS D 380 5.86 -15.65 15.06
N ALA D 381 7.08 -15.14 15.10
CA ALA D 381 7.74 -14.83 16.35
C ALA D 381 8.79 -13.78 16.07
N MET D 382 9.35 -13.13 17.09
CA MET D 382 10.44 -12.15 16.89
C MET D 382 11.62 -12.47 17.79
N SER D 383 12.84 -12.44 17.25
CA SER D 383 14.04 -12.81 18.02
C SER D 383 14.69 -11.68 18.79
N PRO D 384 15.01 -11.88 20.06
CA PRO D 384 15.72 -10.84 20.79
C PRO D 384 17.11 -10.50 20.33
N PHE D 385 17.86 -11.47 19.81
CA PHE D 385 19.28 -11.25 19.54
C PHE D 385 19.73 -10.16 18.55
N PHE D 386 19.00 -9.95 17.45
CA PHE D 386 19.39 -8.94 16.44
C PHE D 386 19.10 -7.50 16.86
N ASN D 387 19.76 -6.53 16.23
CA ASN D 387 19.58 -5.09 16.56
C ASN D 387 18.22 -4.48 16.17
N LYS D 388 17.61 -3.60 16.99
CA LYS D 388 16.34 -2.94 16.61
C LYS D 388 15.98 -1.75 17.46
N ILE D 389 15.76 -0.58 16.86
CA ILE D 389 15.39 0.63 17.61
C ILE D 389 14.15 1.34 17.11
N LEU D 390 13.19 1.64 18.00
CA LEU D 390 11.92 2.26 17.62
C LEU D 390 11.96 3.75 17.83
N ILE D 391 11.46 4.55 16.90
CA ILE D 391 11.40 6.00 17.03
C ILE D 391 9.94 6.29 17.13
N THR D 392 9.51 7.00 18.16
CA THR D 392 8.10 7.26 18.39
C THR D 392 7.90 8.65 18.91
N GLU D 393 6.68 9.17 18.86
CA GLU D 393 6.45 10.56 19.26
C GLU D 393 6.78 10.72 20.73
N ALA D 394 7.30 11.88 21.09
CA ALA D 394 7.65 12.13 22.48
C ALA D 394 6.39 12.03 23.32
N PRO D 395 6.45 11.32 24.47
CA PRO D 395 5.28 11.26 25.35
C PRO D 395 5.14 12.51 26.21
N ILE E 8 -41.08 59.56 -35.72
CA ILE E 8 -40.72 58.29 -36.36
C ILE E 8 -41.73 58.08 -37.47
N PRO E 9 -41.29 57.58 -38.64
CA PRO E 9 -42.29 57.45 -39.69
C PRO E 9 -43.33 56.39 -39.38
N THR E 10 -44.54 56.53 -39.89
CA THR E 10 -45.60 55.57 -39.66
C THR E 10 -45.26 54.23 -40.24
N LEU E 11 -44.58 54.20 -41.38
CA LEU E 11 -44.34 52.93 -42.04
C LEU E 11 -43.56 51.96 -41.18
N ILE E 12 -42.53 52.41 -40.48
CA ILE E 12 -41.71 51.45 -39.72
C ILE E 12 -42.57 50.81 -38.66
N ALA E 13 -43.41 51.59 -37.99
CA ALA E 13 -44.34 51.07 -36.97
C ALA E 13 -45.43 50.20 -37.51
N ASP E 14 -45.95 50.53 -38.67
CA ASP E 14 -47.11 49.81 -39.21
C ASP E 14 -46.85 48.34 -39.42
N SER E 15 -47.76 47.49 -38.95
CA SER E 15 -47.62 46.03 -39.10
C SER E 15 -48.48 45.43 -40.20
N THR E 16 -49.34 46.24 -40.82
CA THR E 16 -50.22 45.72 -41.85
C THR E 16 -49.40 45.26 -43.02
N LYS E 17 -48.27 45.92 -43.28
CA LYS E 17 -47.41 45.57 -44.41
C LYS E 17 -46.39 44.46 -44.13
N ALA E 18 -46.38 43.91 -42.94
CA ALA E 18 -45.42 42.88 -42.58
C ALA E 18 -45.58 41.58 -43.33
N SER E 19 -44.50 40.82 -43.52
CA SER E 19 -44.60 39.50 -44.11
C SER E 19 -45.39 38.60 -43.18
N LEU E 20 -45.27 38.80 -41.88
CA LEU E 20 -45.96 37.97 -40.93
C LEU E 20 -47.42 38.09 -41.22
N GLN E 21 -47.88 39.29 -41.53
CA GLN E 21 -49.29 39.51 -41.82
C GLN E 21 -49.73 38.72 -43.04
N ASP E 22 -48.91 38.70 -44.08
CA ASP E 22 -49.31 37.99 -45.30
C ASP E 22 -49.42 36.49 -45.09
N PHE E 23 -48.44 35.89 -44.43
CA PHE E 23 -48.45 34.45 -44.16
C PHE E 23 -49.48 34.06 -43.12
N ASN E 24 -49.62 34.84 -42.08
CA ASN E 24 -50.54 34.52 -41.00
C ASN E 24 -52.00 34.49 -41.41
N HIS E 25 -52.47 35.47 -42.19
CA HIS E 25 -53.90 35.56 -42.57
C HIS E 25 -54.33 34.73 -43.78
N ASP E 26 -55.61 34.34 -43.84
CA ASP E 26 -56.13 33.50 -44.94
C ASP E 26 -56.12 34.11 -46.35
N TYR E 27 -56.46 35.40 -46.50
CA TYR E 27 -56.44 36.09 -47.80
C TYR E 27 -55.64 37.37 -47.61
N GLY E 28 -54.93 37.84 -48.64
CA GLY E 28 -54.05 39.00 -48.51
C GLY E 28 -53.90 39.71 -49.84
N LYS E 29 -53.26 40.89 -49.86
CA LYS E 29 -53.17 41.68 -51.09
C LYS E 29 -52.17 41.05 -52.02
N GLN E 30 -52.65 40.55 -53.15
CA GLN E 30 -51.77 39.90 -54.11
C GLN E 30 -50.81 40.89 -54.78
N TRP E 31 -51.29 42.10 -55.09
CA TRP E 31 -50.48 43.11 -55.78
C TRP E 31 -50.15 44.27 -54.90
N THR E 32 -48.93 44.79 -54.95
CA THR E 32 -48.58 45.98 -54.18
C THR E 32 -47.68 46.93 -54.93
N PHE E 33 -47.79 48.23 -54.64
CA PHE E 33 -46.93 49.23 -55.23
C PHE E 33 -46.15 49.61 -54.00
N GLY E 34 -44.84 49.68 -54.08
CA GLY E 34 -44.05 49.85 -52.88
C GLY E 34 -44.23 51.04 -51.98
N GLU E 35 -44.05 50.84 -50.67
CA GLU E 35 -44.22 51.91 -49.70
C GLU E 35 -42.99 52.78 -49.78
N ASN E 36 -43.06 53.99 -49.25
CA ASN E 36 -41.95 54.94 -49.34
C ASN E 36 -41.23 54.96 -48.00
N TRP E 37 -39.90 54.74 -48.00
CA TRP E 37 -39.14 54.62 -46.76
C TRP E 37 -38.40 55.88 -46.39
N SER E 38 -38.32 56.26 -45.11
CA SER E 38 -37.47 57.38 -44.71
C SER E 38 -36.73 57.01 -43.45
N ASN E 39 -35.49 57.45 -43.33
CA ASN E 39 -34.67 57.14 -42.18
C ASN E 39 -34.80 58.21 -41.14
N VAL E 40 -35.58 59.25 -41.39
CA VAL E 40 -35.63 60.39 -40.48
C VAL E 40 -36.15 60.04 -39.08
N ASN E 41 -35.52 60.58 -38.03
CA ASN E 41 -35.91 60.31 -36.65
C ASN E 41 -35.98 58.83 -36.36
N THR E 42 -35.03 58.06 -36.89
CA THR E 42 -34.97 56.62 -36.68
C THR E 42 -33.52 56.28 -36.44
N MET E 43 -33.24 55.08 -35.96
CA MET E 43 -31.87 54.68 -35.65
C MET E 43 -31.01 54.68 -36.87
N PHE E 44 -31.60 54.54 -38.04
CA PHE E 44 -30.83 54.39 -39.26
C PHE E 44 -30.51 55.68 -39.96
N GLU E 45 -30.80 56.82 -39.36
CA GLU E 45 -30.63 58.08 -40.12
C GLU E 45 -29.22 58.25 -40.65
N THR E 46 -29.10 58.69 -41.90
CA THR E 46 -27.80 58.90 -42.55
C THR E 46 -27.85 60.34 -42.96
N TYR E 47 -26.78 61.09 -42.72
CA TYR E 47 -26.83 62.52 -42.99
C TYR E 47 -27.04 62.89 -44.44
N VAL E 48 -26.29 62.28 -45.35
CA VAL E 48 -26.36 62.68 -46.76
C VAL E 48 -27.64 62.30 -47.46
N ASN E 49 -28.07 61.05 -47.31
CA ASN E 49 -29.25 60.56 -48.03
C ASN E 49 -30.25 59.94 -47.11
N LYS E 50 -31.44 60.51 -47.04
CA LYS E 50 -32.50 59.91 -46.27
C LYS E 50 -33.09 59.09 -47.38
N TYR E 51 -34.13 58.34 -47.12
CA TYR E 51 -34.82 57.62 -48.18
C TYR E 51 -34.09 56.46 -48.84
N LEU E 52 -33.11 55.84 -48.18
CA LEU E 52 -32.46 54.64 -48.71
C LEU E 52 -32.48 53.57 -47.64
N PHE E 53 -32.87 52.35 -47.97
CA PHE E 53 -33.03 51.29 -46.98
C PHE E 53 -31.70 50.88 -46.34
N PRO E 54 -31.69 50.48 -45.05
CA PRO E 54 -30.41 50.16 -44.42
C PRO E 54 -29.71 48.98 -45.08
N LYS E 55 -28.40 49.00 -45.27
CA LYS E 55 -27.70 47.91 -45.99
C LYS E 55 -26.75 47.13 -45.06
N ILE E 56 -26.89 45.78 -44.98
CA ILE E 56 -26.09 44.94 -44.05
C ILE E 56 -25.02 44.06 -44.70
N ASN E 57 -23.77 44.22 -44.28
CA ASN E 57 -22.65 43.42 -44.79
C ASN E 57 -22.42 41.93 -44.48
N GLU E 58 -22.63 41.46 -43.25
CA GLU E 58 -22.21 40.07 -42.94
C GLU E 58 -23.05 38.84 -42.55
N THR E 59 -23.89 38.87 -41.53
CA THR E 59 -24.62 37.66 -41.04
C THR E 59 -23.77 36.40 -40.66
N LEU E 60 -22.76 36.53 -39.78
CA LEU E 60 -21.89 35.40 -39.37
C LEU E 60 -22.48 34.30 -38.45
N LEU E 61 -22.16 33.03 -38.67
CA LEU E 61 -22.63 31.90 -37.81
C LEU E 61 -22.06 31.71 -36.39
N ILE E 62 -20.79 31.96 -36.16
CA ILE E 62 -20.19 31.87 -34.81
C ILE E 62 -20.44 30.52 -34.14
N ASP E 63 -20.37 29.43 -34.88
CA ASP E 63 -20.58 28.09 -34.31
C ASP E 63 -19.35 27.50 -33.60
N ILE E 64 -19.54 26.90 -32.42
CA ILE E 64 -18.45 26.32 -31.63
C ILE E 64 -18.72 24.83 -31.44
N ALA E 65 -17.68 24.01 -31.39
CA ALA E 65 -17.82 22.57 -31.20
C ALA E 65 -17.46 22.27 -29.77
N LEU E 66 -18.30 21.51 -29.07
CA LEU E 66 -18.06 21.12 -27.69
C LEU E 66 -17.88 19.62 -27.69
N GLY E 67 -17.20 19.05 -26.70
CA GLY E 67 -16.94 17.62 -26.61
C GLY E 67 -17.25 17.05 -25.26
N ASN E 68 -17.25 15.73 -25.10
CA ASN E 68 -17.49 15.06 -23.82
C ASN E 68 -16.18 14.49 -23.32
N ARG E 69 -15.74 14.83 -22.10
CA ARG E 69 -14.49 14.34 -21.52
C ARG E 69 -14.54 12.86 -21.35
N PHE E 70 -15.70 12.32 -20.97
CA PHE E 70 -15.83 10.91 -20.64
C PHE E 70 -16.25 10.02 -21.79
N ASN E 71 -16.09 10.48 -23.02
CA ASN E 71 -16.53 9.71 -24.18
C ASN E 71 -15.81 8.38 -24.23
N TRP E 72 -14.55 8.35 -23.82
CA TRP E 72 -13.77 7.11 -23.94
C TRP E 72 -14.41 5.97 -23.18
N LEU E 73 -14.99 6.25 -22.02
CA LEU E 73 -15.62 5.23 -21.20
C LEU E 73 -16.78 4.57 -21.94
N ALA E 74 -17.54 5.34 -22.71
CA ALA E 74 -18.74 4.78 -23.35
C ALA E 74 -18.43 3.60 -24.19
N LYS E 75 -19.25 2.56 -24.10
CA LYS E 75 -19.02 1.33 -24.84
C LYS E 75 -20.31 1.01 -25.57
N GLU E 76 -20.22 0.78 -26.88
CA GLU E 76 -21.41 0.53 -27.66
C GLU E 76 -21.97 -0.80 -27.24
N GLN E 77 -23.29 -0.92 -27.15
CA GLN E 77 -23.92 -2.17 -26.78
C GLN E 77 -25.24 -2.31 -27.53
N ASP E 78 -25.73 -3.52 -27.70
CA ASP E 78 -27.05 -3.73 -28.31
C ASP E 78 -28.11 -3.31 -27.29
N PHE E 79 -29.34 -3.03 -27.72
CA PHE E 79 -30.38 -2.52 -26.84
C PHE E 79 -31.34 -3.64 -26.44
N ILE E 80 -30.95 -4.90 -26.62
CA ILE E 80 -31.87 -6.03 -26.39
C ILE E 80 -32.53 -6.39 -25.04
N GLY E 81 -31.84 -6.37 -23.92
CA GLY E 81 -32.42 -6.81 -22.63
C GLY E 81 -32.24 -5.78 -21.57
N GLN E 82 -33.04 -5.80 -20.50
CA GLN E 82 -32.96 -4.70 -19.53
C GLN E 82 -32.04 -4.85 -18.33
N TYR E 83 -32.16 -5.93 -17.56
CA TYR E 83 -31.41 -6.03 -16.31
C TYR E 83 -29.98 -6.51 -16.50
N SER E 84 -29.13 -6.28 -15.51
CA SER E 84 -27.75 -6.74 -15.56
C SER E 84 -27.38 -6.92 -14.11
N GLU E 85 -26.36 -7.74 -13.83
CA GLU E 85 -25.94 -7.96 -12.45
C GLU E 85 -24.47 -8.21 -12.26
N GLU E 86 -23.94 -7.92 -11.06
CA GLU E 86 -22.54 -8.21 -10.74
C GLU E 86 -22.43 -8.62 -9.31
N TYR E 87 -21.46 -9.47 -8.98
CA TYR E 87 -21.36 -10.00 -7.64
C TYR E 87 -19.94 -10.22 -7.26
N VAL E 88 -19.67 -10.37 -5.97
CA VAL E 88 -18.34 -10.58 -5.48
C VAL E 88 -18.51 -11.66 -4.43
N ILE E 89 -17.49 -12.48 -4.20
CA ILE E 89 -17.56 -13.52 -3.19
C ILE E 89 -16.95 -12.88 -1.95
N MET E 90 -17.68 -12.82 -0.83
CA MET E 90 -17.19 -12.12 0.35
C MET E 90 -16.09 -12.80 1.15
N ASP E 91 -15.30 -12.02 1.88
CA ASP E 91 -14.14 -12.55 2.63
C ASP E 91 -14.45 -13.48 3.78
N THR E 92 -13.66 -14.55 3.96
CA THR E 92 -13.79 -15.45 5.11
C THR E 92 -12.47 -15.57 5.84
N ILE E 93 -12.43 -15.22 7.12
CA ILE E 93 -11.19 -15.24 7.89
C ILE E 93 -10.80 -16.67 8.22
N PRO E 94 -9.51 -17.03 8.10
CA PRO E 94 -9.11 -18.37 8.53
C PRO E 94 -9.38 -18.58 10.02
N ILE E 95 -9.94 -19.72 10.45
CA ILE E 95 -10.33 -19.93 11.86
C ILE E 95 -9.54 -21.07 12.53
N GLU E 96 -9.21 -20.95 13.81
CA GLU E 96 -8.36 -21.97 14.44
C GLU E 96 -9.03 -23.32 14.51
N MET E 97 -8.24 -24.40 14.54
CA MET E 97 -8.79 -25.74 14.55
C MET E 97 -9.10 -26.08 15.98
N ASN E 98 -10.36 -25.95 16.37
CA ASN E 98 -10.70 -26.15 17.77
C ASN E 98 -10.43 -27.57 18.23
N LEU E 99 -10.91 -28.56 17.50
CA LEU E 99 -10.61 -29.95 17.83
C LEU E 99 -11.39 -30.48 19.02
N SER E 100 -12.19 -29.66 19.68
CA SER E 100 -13.06 -30.15 20.73
C SER E 100 -14.45 -30.25 20.17
N LYS E 101 -14.62 -29.84 18.91
CA LYS E 101 -15.93 -29.83 18.30
C LYS E 101 -16.36 -31.21 17.94
N SER E 102 -17.66 -31.40 17.82
CA SER E 102 -18.18 -32.71 17.51
C SER E 102 -17.74 -33.12 16.12
N GLU E 103 -17.62 -34.42 15.90
CA GLU E 103 -17.22 -34.93 14.59
C GLU E 103 -18.27 -34.63 13.52
N GLU E 104 -19.49 -34.30 13.94
CA GLU E 104 -20.58 -33.97 13.02
C GLU E 104 -20.34 -32.72 12.17
N LEU E 105 -19.38 -31.89 12.55
CA LEU E 105 -19.13 -30.66 11.83
C LEU E 105 -18.79 -30.96 10.38
N MET E 106 -18.15 -32.09 10.11
CA MET E 106 -17.75 -32.41 8.76
C MET E 106 -18.97 -32.42 7.91
N LEU E 107 -20.04 -33.03 8.40
CA LEU E 107 -21.30 -33.11 7.66
C LEU E 107 -21.98 -31.76 7.48
N LYS E 108 -21.93 -30.90 8.50
CA LYS E 108 -22.66 -29.61 8.43
C LYS E 108 -22.12 -28.84 7.26
N ARG E 109 -23.00 -28.18 6.48
CA ARG E 109 -22.59 -27.50 5.25
C ARG E 109 -22.70 -25.98 5.31
N ASN E 110 -21.64 -25.26 4.91
CA ASN E 110 -21.71 -23.79 4.81
C ASN E 110 -21.31 -23.42 3.40
N TYR E 111 -22.12 -22.61 2.73
CA TYR E 111 -21.89 -22.32 1.33
C TYR E 111 -21.13 -21.04 1.12
N PRO E 112 -20.56 -20.87 -0.08
CA PRO E 112 -19.91 -19.57 -0.35
C PRO E 112 -20.90 -18.44 -0.23
N GLN E 113 -20.50 -17.30 0.32
CA GLN E 113 -21.39 -16.17 0.55
C GLN E 113 -21.03 -15.10 -0.43
N MET E 114 -22.00 -14.38 -0.96
CA MET E 114 -21.74 -13.39 -1.99
C MET E 114 -22.58 -12.16 -1.80
N ALA E 115 -22.21 -11.05 -2.44
CA ALA E 115 -22.97 -9.83 -2.36
C ALA E 115 -23.23 -9.49 -3.80
N THR E 116 -24.41 -8.99 -4.15
CA THR E 116 -24.74 -8.74 -5.57
C THR E 116 -25.62 -7.51 -5.81
N ARG E 117 -25.60 -6.95 -7.03
CA ARG E 117 -26.38 -5.76 -7.38
C ARG E 117 -27.11 -5.96 -8.68
N LEU E 118 -28.30 -5.36 -8.87
CA LEU E 118 -29.03 -5.42 -10.12
C LEU E 118 -29.15 -3.99 -10.54
N TYR E 119 -28.80 -3.65 -11.78
CA TYR E 119 -28.78 -2.24 -12.20
C TYR E 119 -29.98 -1.70 -12.95
N GLY E 120 -30.56 -2.47 -13.87
CA GLY E 120 -31.76 -2.03 -14.57
C GLY E 120 -31.60 -1.48 -15.97
N SER E 121 -32.68 -0.97 -16.55
CA SER E 121 -32.62 -0.53 -17.94
C SER E 121 -32.18 0.91 -18.09
N GLY E 122 -31.99 1.37 -19.34
CA GLY E 122 -31.54 2.73 -19.60
C GLY E 122 -32.60 3.76 -19.89
N ILE E 123 -32.19 4.97 -20.27
CA ILE E 123 -33.11 6.08 -20.54
C ILE E 123 -32.92 6.57 -21.97
N VAL E 124 -34.00 6.77 -22.76
CA VAL E 124 -33.90 7.18 -24.17
C VAL E 124 -34.08 8.69 -24.24
N LYS E 125 -33.36 9.42 -25.11
CA LYS E 125 -33.43 10.86 -25.13
C LYS E 125 -33.65 11.33 -26.56
N LYS E 126 -34.37 12.43 -26.77
CA LYS E 126 -34.72 12.90 -28.12
C LYS E 126 -34.60 14.42 -28.32
N GLN E 127 -34.29 14.88 -29.54
CA GLN E 127 -34.20 16.31 -29.84
C GLN E 127 -34.86 16.54 -31.18
N LYS E 128 -35.56 17.65 -31.38
CA LYS E 128 -36.30 17.92 -32.63
C LYS E 128 -36.09 19.30 -33.24
N PHE E 129 -35.89 19.40 -34.55
CA PHE E 129 -35.79 20.70 -35.23
C PHE E 129 -36.53 20.66 -36.56
N THR E 130 -37.25 21.73 -36.92
CA THR E 130 -38.01 21.81 -38.19
C THR E 130 -37.49 22.97 -39.03
N LEU E 131 -37.36 22.79 -40.33
CA LEU E 131 -36.81 23.86 -41.15
C LEU E 131 -37.91 24.33 -42.11
N ASN E 132 -38.28 25.61 -42.10
CA ASN E 132 -39.46 26.10 -42.86
C ASN E 132 -39.53 26.07 -44.37
N ASN E 133 -38.46 26.44 -45.04
CA ASN E 133 -38.42 26.41 -46.51
C ASN E 133 -39.20 27.56 -47.17
N ASN E 134 -39.78 28.49 -46.39
CA ASN E 134 -40.46 29.68 -46.95
C ASN E 134 -40.01 30.95 -46.22
N ASP E 135 -40.49 31.19 -45.00
CA ASP E 135 -40.15 32.40 -44.25
C ASP E 135 -38.69 32.45 -43.88
N VAL E 136 -38.09 31.30 -43.63
CA VAL E 136 -36.70 31.27 -43.25
C VAL E 136 -35.91 31.87 -44.39
N ARG E 137 -36.37 31.65 -45.61
CA ARG E 137 -35.66 32.18 -46.77
C ARG E 137 -35.61 33.70 -46.75
N PHE E 138 -36.65 34.36 -46.27
CA PHE E 138 -36.63 35.81 -46.19
C PHE E 138 -35.50 36.30 -45.30
N ASN E 139 -35.22 35.61 -44.22
CA ASN E 139 -34.20 36.07 -43.28
C ASN E 139 -32.81 36.16 -43.90
N PHE E 140 -32.42 35.20 -44.75
CA PHE E 140 -31.05 35.16 -45.31
C PHE E 140 -30.88 35.67 -46.74
N GLN E 141 -29.87 36.50 -46.98
CA GLN E 141 -29.62 37.08 -48.31
C GLN E 141 -29.23 36.12 -49.42
N THR E 142 -28.46 35.09 -49.11
CA THR E 142 -27.99 34.14 -50.12
C THR E 142 -28.40 32.73 -49.73
N LEU E 143 -28.55 31.84 -50.72
CA LEU E 143 -28.95 30.45 -50.47
C LEU E 143 -27.91 29.76 -49.62
N GLY E 144 -26.64 30.09 -49.83
CA GLY E 144 -25.57 29.50 -49.05
C GLY E 144 -25.66 29.80 -47.56
N ASP E 145 -26.08 30.99 -47.18
CA ASP E 145 -26.27 31.32 -45.76
C ASP E 145 -27.33 30.46 -45.12
N ALA E 146 -28.42 30.20 -45.83
CA ALA E 146 -29.44 29.30 -45.31
C ALA E 146 -28.95 27.88 -45.13
N THR E 147 -28.16 27.35 -46.06
CA THR E 147 -27.61 26.01 -45.87
C THR E 147 -26.68 25.97 -44.68
N ASN E 148 -25.89 27.01 -44.44
CA ASN E 148 -25.03 27.07 -43.26
C ASN E 148 -25.89 27.03 -42.02
N TYR E 149 -27.00 27.73 -42.06
CA TYR E 149 -27.90 27.76 -40.92
C TYR E 149 -28.44 26.37 -40.59
N ALA E 150 -28.83 25.60 -41.60
CA ALA E 150 -29.37 24.27 -41.36
C ALA E 150 -28.36 23.32 -40.75
N LEU E 151 -27.14 23.34 -41.27
CA LEU E 151 -26.07 22.49 -40.72
C LEU E 151 -25.71 22.94 -39.34
N GLY E 152 -25.79 24.23 -39.09
CA GLY E 152 -25.50 24.75 -37.78
C GLY E 152 -26.44 24.19 -36.74
N VAL E 153 -27.73 24.03 -37.05
CA VAL E 153 -28.67 23.41 -36.11
C VAL E 153 -28.34 21.96 -35.81
N LEU E 154 -28.01 21.16 -36.83
CA LEU E 154 -27.62 19.77 -36.60
C LEU E 154 -26.34 19.67 -35.83
N ARG E 155 -25.36 20.50 -36.17
CA ARG E 155 -24.07 20.45 -35.52
C ARG E 155 -24.27 20.82 -34.07
N LYS E 156 -25.08 21.83 -33.79
CA LYS E 156 -25.33 22.25 -32.42
C LYS E 156 -26.04 21.18 -31.66
N LYS E 157 -26.95 20.49 -32.32
CA LYS E 157 -27.74 19.50 -31.62
C LYS E 157 -26.88 18.40 -31.04
N ILE E 158 -25.93 17.92 -31.83
CA ILE E 158 -25.04 16.87 -31.35
C ILE E 158 -24.20 17.40 -30.21
N SER E 159 -23.73 18.63 -30.30
CA SER E 159 -22.88 19.19 -29.25
C SER E 159 -23.60 19.27 -27.94
N ASP E 160 -24.88 19.57 -27.97
CA ASP E 160 -25.67 19.66 -26.77
C ASP E 160 -25.76 18.34 -26.07
N ILE E 161 -25.85 17.28 -26.84
CA ILE E 161 -25.92 15.96 -26.25
C ILE E 161 -24.61 15.65 -25.55
N ASN E 162 -23.47 15.90 -26.20
CA ASN E 162 -22.16 15.67 -25.56
C ASN E 162 -22.08 16.41 -24.25
N VAL E 163 -22.45 17.68 -24.24
CA VAL E 163 -22.33 18.48 -23.04
C VAL E 163 -23.20 17.89 -21.94
N GLN E 164 -24.43 17.46 -22.25
CA GLN E 164 -25.33 16.89 -21.25
C GLN E 164 -24.79 15.60 -20.65
N GLU E 165 -24.23 14.73 -21.48
CA GLU E 165 -23.70 13.46 -20.98
C GLU E 165 -22.55 13.72 -20.03
N GLU E 166 -21.70 14.68 -20.35
CA GLU E 166 -20.59 15.01 -19.47
C GLU E 166 -21.13 15.47 -18.15
N LYS E 167 -22.17 16.30 -18.18
CA LYS E 167 -22.73 16.83 -16.95
C LYS E 167 -23.30 15.71 -16.13
N GLU E 168 -23.96 14.78 -16.78
CA GLU E 168 -24.58 13.68 -16.04
C GLU E 168 -23.55 12.79 -15.36
N ILE E 169 -22.45 12.45 -16.03
CA ILE E 169 -21.39 11.63 -15.45
C ILE E 169 -20.73 12.39 -14.29
N ARG E 170 -20.46 13.67 -14.47
CA ARG E 170 -19.84 14.51 -13.43
C ARG E 170 -20.75 14.61 -12.23
N ALA E 171 -22.04 14.80 -12.47
CA ALA E 171 -23.02 14.87 -11.39
C ALA E 171 -23.21 13.54 -10.69
N MET E 172 -23.13 12.44 -11.44
CA MET E 172 -23.32 11.11 -10.86
C MET E 172 -22.26 10.87 -9.83
N MET E 173 -21.04 11.20 -10.17
CA MET E 173 -19.93 10.97 -9.26
C MET E 173 -20.02 11.83 -8.03
N VAL E 174 -20.37 13.09 -8.20
CA VAL E 174 -20.51 13.99 -7.05
C VAL E 174 -21.64 13.52 -6.14
N ASP E 175 -22.76 13.10 -6.70
CA ASP E 175 -23.88 12.58 -5.88
C ASP E 175 -23.53 11.31 -5.14
N TYR E 176 -22.81 10.39 -5.78
CA TYR E 176 -22.47 9.13 -5.14
C TYR E 176 -21.62 9.39 -3.95
N ALA E 177 -20.64 10.26 -4.09
CA ALA E 177 -19.73 10.55 -3.00
C ALA E 177 -20.45 11.21 -1.87
N ILE E 178 -21.30 12.16 -2.19
CA ILE E 178 -22.02 12.91 -1.17
C ILE E 178 -22.94 12.01 -0.36
N ASN E 179 -23.62 11.07 -1.01
CA ASN E 179 -24.60 10.23 -0.30
C ASN E 179 -24.17 8.82 0.07
N GLN E 180 -23.70 8.03 -0.88
CA GLN E 180 -23.37 6.62 -0.61
C GLN E 180 -22.18 6.32 0.28
N LEU E 181 -21.10 7.09 0.19
CA LEU E 181 -19.87 6.73 0.92
C LEU E 181 -19.95 6.63 2.42
N GLN E 182 -19.19 5.69 2.98
CA GLN E 182 -19.21 5.45 4.43
C GLN E 182 -18.21 6.35 5.14
N ASP E 183 -18.22 6.33 6.46
CA ASP E 183 -17.27 7.13 7.23
C ASP E 183 -15.82 6.76 6.98
N SER E 184 -15.51 5.48 6.85
CA SER E 184 -14.14 5.06 6.65
C SER E 184 -13.59 5.64 5.36
N ASN E 185 -14.39 5.67 4.31
CA ASN E 185 -13.97 6.28 3.04
C ASN E 185 -13.77 7.78 3.19
N ARG E 186 -14.68 8.46 3.88
CA ARG E 186 -14.61 9.93 3.98
C ARG E 186 -13.50 10.51 4.83
N ARG E 187 -12.95 11.65 4.44
CA ARG E 187 -11.87 12.31 5.17
C ARG E 187 -12.12 13.80 5.06
N THR E 188 -11.56 14.60 5.98
CA THR E 188 -11.76 16.04 5.99
C THR E 188 -10.46 16.81 5.79
N ALA E 189 -10.46 17.80 4.89
CA ALA E 189 -9.28 18.63 4.66
C ALA E 189 -9.52 20.03 5.13
N SER E 190 -8.72 20.51 6.08
CA SER E 190 -8.86 21.86 6.61
C SER E 190 -8.56 22.98 5.64
N SER E 191 -7.52 22.80 4.82
CA SER E 191 -7.07 23.85 3.90
C SER E 191 -6.51 23.22 2.66
N LYS E 192 -6.25 24.01 1.61
CA LYS E 192 -5.77 23.46 0.36
C LYS E 192 -4.45 22.71 0.50
N GLU E 193 -3.51 23.22 1.29
CA GLU E 193 -2.23 22.54 1.47
C GLU E 193 -2.48 21.19 2.09
N ASP E 194 -3.37 21.14 3.08
CA ASP E 194 -3.68 19.88 3.73
C ASP E 194 -4.33 18.96 2.72
N LEU E 195 -5.19 19.50 1.87
CA LEU E 195 -5.86 18.67 0.90
C LEU E 195 -4.89 18.01 -0.04
N THR E 196 -3.91 18.74 -0.55
CA THR E 196 -3.01 18.14 -1.54
C THR E 196 -2.24 17.03 -0.89
N GLU E 197 -1.84 17.21 0.36
CA GLU E 197 -1.17 16.13 1.11
C GLU E 197 -2.10 14.94 1.33
N ARG E 198 -3.37 15.21 1.61
CA ARG E 198 -4.34 14.16 1.85
C ARG E 198 -4.48 13.31 0.59
N VAL E 199 -4.49 13.95 -0.57
CA VAL E 199 -4.60 13.23 -1.84
C VAL E 199 -3.39 12.32 -2.05
N PHE E 200 -2.19 12.76 -1.66
CA PHE E 200 -1.02 11.89 -1.77
C PHE E 200 -1.21 10.67 -0.91
N GLU E 201 -1.70 10.87 0.30
CA GLU E 201 -1.89 9.76 1.23
C GLU E 201 -2.92 8.79 0.68
N ALA E 202 -3.97 9.30 0.07
CA ALA E 202 -4.99 8.46 -0.50
C ALA E 202 -4.50 7.55 -1.61
N ILE E 203 -3.64 8.06 -2.49
CA ILE E 203 -3.17 7.25 -3.61
C ILE E 203 -2.43 6.06 -3.05
N LEU E 204 -1.56 6.30 -2.07
CA LEU E 204 -0.82 5.22 -1.43
C LEU E 204 -1.72 4.29 -0.64
N ASN E 205 -2.66 4.83 0.11
CA ASN E 205 -3.55 4.03 0.94
C ASN E 205 -4.42 3.11 0.14
N MET E 206 -4.89 3.54 -1.01
CA MET E 206 -5.85 2.73 -1.77
C MET E 206 -5.11 1.73 -2.64
N GLN E 207 -3.78 1.70 -2.55
CA GLN E 207 -3.02 0.68 -3.26
C GLN E 207 -2.66 -0.52 -2.36
N ASN E 208 -3.15 -0.54 -1.12
CA ASN E 208 -2.90 -1.68 -0.23
C ASN E 208 -4.21 -2.34 0.16
N ASN E 209 -4.19 -3.61 0.56
CA ASN E 209 -5.44 -4.33 0.80
C ASN E 209 -6.23 -3.67 1.92
N SER E 210 -7.49 -3.29 1.67
CA SER E 210 -8.36 -2.70 2.71
C SER E 210 -9.84 -2.87 2.40
N ALA E 211 -10.65 -3.20 3.40
CA ALA E 211 -12.10 -3.33 3.21
C ALA E 211 -12.80 -2.03 3.54
N LYS E 212 -12.04 -1.05 4.00
CA LYS E 212 -12.61 0.22 4.39
C LYS E 212 -13.24 0.98 3.27
N TYR E 213 -12.65 0.97 2.09
CA TYR E 213 -13.14 1.78 0.97
C TYR E 213 -14.19 1.13 0.06
N ASN E 214 -14.46 -0.15 0.28
CA ASN E 214 -15.45 -0.86 -0.52
C ASN E 214 -16.79 -0.41 -0.05
N GLU E 215 -17.82 -0.50 -0.90
CA GLU E 215 -19.19 -0.18 -0.50
C GLU E 215 -19.98 -1.49 -0.53
N VAL E 216 -19.33 -2.59 -0.19
CA VAL E 216 -19.97 -3.91 -0.24
C VAL E 216 -21.13 -3.89 0.70
N HIS E 217 -21.08 -3.08 1.74
CA HIS E 217 -22.14 -3.08 2.73
C HIS E 217 -23.48 -2.74 2.13
N LYS E 218 -23.50 -1.79 1.21
CA LYS E 218 -24.73 -1.42 0.52
C LYS E 218 -25.26 -2.56 -0.32
N ALA E 219 -24.38 -3.41 -0.85
CA ALA E 219 -24.79 -4.50 -1.75
C ALA E 219 -25.62 -5.46 -0.96
N SER E 220 -26.36 -6.34 -1.62
CA SER E 220 -27.33 -7.19 -0.91
C SER E 220 -26.84 -8.07 0.21
N GLY E 221 -25.69 -8.72 0.05
CA GLY E 221 -25.18 -9.63 1.05
C GLY E 221 -24.21 -9.04 2.04
N GLY E 222 -23.95 -7.75 1.97
CA GLY E 222 -22.93 -7.14 2.81
C GLY E 222 -23.34 -6.48 4.11
N SER E 223 -24.57 -6.65 4.56
CA SER E 223 -24.97 -5.91 5.74
C SER E 223 -24.04 -6.19 6.90
N VAL E 224 -23.67 -7.44 7.11
CA VAL E 224 -22.70 -7.77 8.14
C VAL E 224 -21.60 -8.52 7.41
N GLY E 225 -20.38 -8.06 7.50
CA GLY E 225 -19.29 -8.72 6.80
C GLY E 225 -18.28 -7.78 6.21
N GLN E 226 -17.28 -8.32 5.52
CA GLN E 226 -16.22 -7.50 4.91
C GLN E 226 -15.73 -8.04 3.60
N TYR E 227 -15.32 -7.17 2.68
CA TYR E 227 -14.74 -7.60 1.42
C TYR E 227 -13.51 -6.77 1.26
N THR E 228 -12.36 -7.38 1.04
CA THR E 228 -11.10 -6.66 0.92
C THR E 228 -10.71 -6.61 -0.53
N THR E 229 -10.46 -5.42 -1.08
CA THR E 229 -10.09 -5.24 -2.47
C THR E 229 -8.87 -4.34 -2.53
N VAL E 230 -8.06 -4.44 -3.58
CA VAL E 230 -6.88 -3.63 -3.73
C VAL E 230 -6.99 -2.96 -5.06
N SER E 231 -6.67 -1.67 -5.13
CA SER E 231 -6.79 -0.94 -6.38
C SER E 231 -5.44 -0.53 -6.93
N LYS E 232 -5.13 -0.94 -8.15
CA LYS E 232 -3.87 -0.60 -8.77
C LYS E 232 -3.80 0.86 -9.15
N LEU E 233 -2.59 1.41 -9.26
CA LEU E 233 -2.43 2.83 -9.53
C LEU E 233 -2.96 3.31 -10.84
N SER E 234 -2.81 2.53 -11.90
CA SER E 234 -3.23 3.00 -13.21
C SER E 234 -4.68 3.33 -13.16
N ASP E 235 -5.45 2.51 -12.49
CA ASP E 235 -6.86 2.76 -12.38
C ASP E 235 -7.24 4.01 -11.63
N ILE E 236 -6.53 4.36 -10.57
CA ILE E 236 -6.99 5.49 -9.73
C ILE E 236 -7.08 6.73 -10.58
N ALA E 237 -8.17 7.49 -10.44
CA ALA E 237 -8.32 8.74 -11.15
C ALA E 237 -9.01 9.62 -10.15
N ILE E 238 -8.79 10.93 -10.18
CA ILE E 238 -9.35 11.82 -9.17
C ILE E 238 -10.19 12.97 -9.77
N LEU E 239 -11.40 13.18 -9.28
CA LEU E 239 -12.27 14.27 -9.77
C LEU E 239 -12.16 15.40 -8.77
N THR E 240 -11.66 16.56 -9.17
CA THR E 240 -11.43 17.69 -8.25
C THR E 240 -11.86 19.00 -8.89
N THR E 241 -12.00 20.06 -8.09
CA THR E 241 -12.38 21.36 -8.62
C THR E 241 -11.13 21.95 -9.22
N ASP E 242 -11.27 22.81 -10.20
CA ASP E 242 -10.10 23.42 -10.87
C ASP E 242 -9.26 24.23 -9.93
N SER E 243 -9.88 24.96 -9.02
CA SER E 243 -9.16 25.72 -8.02
C SER E 243 -8.01 24.92 -7.41
N LEU E 244 -8.22 23.64 -7.10
CA LEU E 244 -7.19 22.76 -6.54
C LEU E 244 -6.06 22.42 -7.52
N LYS E 245 -6.39 22.11 -8.76
CA LYS E 245 -5.35 21.80 -9.75
C LYS E 245 -4.49 23.02 -9.97
N SER E 246 -5.12 24.18 -10.02
CA SER E 246 -4.39 25.41 -10.24
C SER E 246 -3.42 25.61 -9.08
N TYR E 247 -3.87 25.34 -7.87
CA TYR E 247 -2.98 25.45 -6.72
C TYR E 247 -1.85 24.46 -6.74
N LEU E 248 -2.11 23.22 -7.08
CA LEU E 248 -1.05 22.23 -7.02
C LEU E 248 0.03 22.60 -8.03
N LEU E 249 -0.35 22.94 -9.25
CA LEU E 249 0.61 23.32 -10.28
C LEU E 249 1.27 24.63 -10.00
N ASP E 250 0.49 25.62 -9.59
CA ASP E 250 1.01 26.95 -9.32
C ASP E 250 1.92 27.04 -8.09
N THR E 251 1.55 26.37 -7.00
CA THR E 251 2.32 26.42 -5.74
C THR E 251 3.02 25.14 -5.35
N LYS E 252 2.32 24.02 -5.20
CA LYS E 252 3.00 22.81 -4.71
C LYS E 252 4.07 22.29 -5.64
N ILE E 253 3.75 22.13 -6.92
CA ILE E 253 4.70 21.61 -7.89
C ILE E 253 5.81 22.62 -8.16
N ALA E 254 5.45 23.89 -8.29
CA ALA E 254 6.45 24.87 -8.62
C ALA E 254 7.47 25.02 -7.52
N ASN E 255 7.02 25.09 -6.27
CA ASN E 255 7.92 25.23 -5.14
C ASN E 255 8.83 24.01 -4.84
N THR E 256 8.35 22.79 -5.01
CA THR E 256 9.15 21.62 -4.65
C THR E 256 10.40 21.45 -5.48
N PHE E 257 11.51 21.14 -4.81
CA PHE E 257 12.78 20.93 -5.50
C PHE E 257 12.83 19.74 -6.42
N GLN E 258 12.35 18.59 -5.96
CA GLN E 258 12.44 17.37 -6.74
C GLN E 258 11.05 16.79 -6.89
N MET E 259 10.55 16.71 -8.12
CA MET E 259 9.21 16.16 -8.39
C MET E 259 9.42 15.11 -9.44
N ALA E 260 10.53 14.40 -9.37
CA ALA E 260 10.82 13.45 -10.44
C ALA E 260 9.74 12.43 -10.46
N GLY E 261 9.29 12.00 -9.29
CA GLY E 261 8.23 11.04 -9.18
C GLY E 261 7.19 11.88 -8.51
N ILE E 262 6.26 11.31 -7.78
CA ILE E 262 5.34 12.09 -6.98
C ILE E 262 4.54 13.18 -7.67
N ASP E 263 4.09 12.96 -8.89
CA ASP E 263 3.21 13.92 -9.55
C ASP E 263 2.01 13.13 -9.95
N PHE E 264 0.83 13.54 -9.49
CA PHE E 264 -0.41 12.83 -9.80
C PHE E 264 -1.32 13.61 -10.76
N THR E 265 -0.81 14.63 -11.45
CA THR E 265 -1.67 15.47 -12.28
C THR E 265 -2.21 14.78 -13.51
N ASP E 266 -1.57 13.71 -13.96
CA ASP E 266 -2.07 12.93 -15.10
C ASP E 266 -3.42 12.36 -14.77
N HIS E 267 -3.61 11.96 -13.53
CA HIS E 267 -4.87 11.37 -13.10
C HIS E 267 -6.01 12.35 -12.87
N ILE E 268 -5.74 13.63 -12.58
CA ILE E 268 -6.84 14.59 -12.28
C ILE E 268 -7.87 14.83 -13.40
N ILE E 269 -9.15 14.97 -13.05
CA ILE E 269 -10.24 15.21 -14.01
C ILE E 269 -10.89 16.45 -13.43
N SER E 270 -10.21 17.58 -13.55
CA SER E 270 -10.69 18.80 -12.93
C SER E 270 -11.80 19.50 -13.68
N PHE E 271 -12.85 19.91 -12.97
CA PHE E 271 -13.97 20.63 -13.58
C PHE E 271 -14.20 21.87 -12.78
N ASP E 272 -14.63 22.93 -13.42
CA ASP E 272 -14.78 24.20 -12.71
C ASP E 272 -15.85 24.17 -11.65
N ASP E 273 -16.99 23.52 -11.93
CA ASP E 273 -18.12 23.55 -10.99
C ASP E 273 -18.41 22.28 -10.21
N LEU E 274 -18.62 21.15 -10.90
CA LEU E 274 -19.08 19.91 -10.27
C LEU E 274 -20.57 20.09 -9.95
N GLY E 275 -20.97 21.13 -9.22
CA GLY E 275 -22.37 21.43 -8.99
C GLY E 275 -23.07 22.08 -10.17
N GLY E 276 -24.40 22.11 -10.16
CA GLY E 276 -25.18 22.70 -11.25
C GLY E 276 -26.23 21.79 -11.87
N VAL E 277 -26.30 20.53 -11.46
CA VAL E 277 -27.26 19.57 -11.99
C VAL E 277 -28.19 19.40 -10.81
N TYR E 278 -29.48 19.61 -11.00
CA TYR E 278 -30.44 19.61 -9.89
C TYR E 278 -31.33 18.40 -9.91
N LYS E 279 -31.76 17.93 -8.76
CA LYS E 279 -32.59 16.73 -8.69
C LYS E 279 -33.83 17.04 -7.88
N THR E 280 -35.02 16.70 -8.38
CA THR E 280 -36.24 17.04 -7.68
C THR E 280 -36.46 16.20 -6.51
N THR E 281 -37.37 16.61 -5.63
CA THR E 281 -37.76 15.82 -4.50
C THR E 281 -39.25 16.10 -4.44
N LYS E 282 -40.07 15.26 -3.84
CA LYS E 282 -41.50 15.55 -3.63
C LYS E 282 -42.48 15.53 -4.81
N ASP E 283 -42.12 14.91 -5.93
CA ASP E 283 -43.11 14.72 -7.02
C ASP E 283 -43.89 15.95 -7.52
N VAL E 284 -43.20 17.00 -7.94
CA VAL E 284 -43.87 18.21 -8.45
C VAL E 284 -44.69 17.98 -9.72
N THR E 285 -45.78 18.72 -9.90
CA THR E 285 -46.62 18.61 -11.09
C THR E 285 -46.68 19.96 -11.77
N LEU E 286 -46.45 20.03 -13.07
CA LEU E 286 -46.39 21.32 -13.74
C LEU E 286 -47.78 21.93 -13.70
N ALA E 287 -47.89 23.19 -13.31
CA ALA E 287 -49.18 23.86 -13.19
C ALA E 287 -49.35 25.23 -13.82
N ASN E 288 -48.30 25.85 -14.33
CA ASN E 288 -48.37 27.23 -14.83
C ASN E 288 -47.79 27.42 -16.20
N GLU E 289 -48.35 28.36 -16.95
CA GLU E 289 -47.84 28.65 -18.26
C GLU E 289 -46.44 29.17 -18.17
N ASP E 290 -46.16 30.00 -17.17
CA ASP E 290 -44.84 30.60 -17.08
C ASP E 290 -43.81 29.49 -16.91
N THR E 291 -44.14 28.46 -16.13
CA THR E 291 -43.22 27.35 -15.96
C THR E 291 -42.98 26.66 -17.27
N ILE E 292 -44.01 26.38 -18.05
CA ILE E 292 -43.79 25.63 -19.26
C ILE E 292 -42.95 26.46 -20.20
N ASN E 293 -43.16 27.77 -20.21
CA ASN E 293 -42.39 28.65 -21.09
C ASN E 293 -40.90 28.62 -20.80
N TYR E 294 -40.51 28.60 -19.53
CA TYR E 294 -39.09 28.49 -19.20
C TYR E 294 -38.53 27.15 -19.70
N LEU E 295 -39.27 26.07 -19.49
CA LEU E 295 -38.77 24.76 -19.89
C LEU E 295 -38.64 24.74 -21.40
N ARG E 296 -39.59 25.37 -22.10
CA ARG E 296 -39.58 25.42 -23.56
C ARG E 296 -38.37 26.15 -24.08
N ALA E 297 -37.96 27.20 -23.39
CA ALA E 297 -36.79 27.95 -23.79
C ALA E 297 -35.57 27.06 -23.73
N PHE E 298 -35.54 26.13 -22.79
CA PHE E 298 -34.40 25.20 -22.64
C PHE E 298 -34.58 23.97 -23.50
N GLY E 299 -35.60 23.92 -24.35
CA GLY E 299 -35.83 22.81 -25.28
C GLY E 299 -36.92 21.79 -25.10
N ASP E 300 -37.71 21.87 -24.03
CA ASP E 300 -38.73 20.86 -23.74
C ASP E 300 -40.04 21.10 -24.44
N TYR E 301 -40.12 20.77 -25.72
CA TYR E 301 -41.36 20.89 -26.46
C TYR E 301 -42.41 19.97 -25.89
N GLN E 302 -42.01 18.80 -25.44
CA GLN E 302 -42.97 17.83 -24.94
C GLN E 302 -43.79 18.33 -23.78
N ALA E 303 -43.20 19.09 -22.88
CA ALA E 303 -43.90 19.50 -21.66
C ALA E 303 -45.16 20.29 -21.86
N MET E 304 -46.21 19.95 -21.12
CA MET E 304 -47.49 20.66 -21.17
C MET E 304 -48.01 20.71 -19.74
N ILE E 305 -48.92 21.64 -19.46
CA ILE E 305 -49.43 21.80 -18.10
C ILE E 305 -50.17 20.54 -17.68
N GLY E 306 -50.03 20.12 -16.44
CA GLY E 306 -50.68 18.92 -15.92
C GLY E 306 -49.82 17.68 -15.96
N ASP E 307 -48.67 17.72 -16.62
CA ASP E 307 -47.75 16.58 -16.61
C ASP E 307 -47.13 16.51 -15.24
N VAL E 308 -46.74 15.31 -14.80
CA VAL E 308 -46.17 15.13 -13.47
C VAL E 308 -44.71 14.84 -13.62
N ILE E 309 -43.88 15.48 -12.81
CA ILE E 309 -42.44 15.26 -12.84
C ILE E 309 -42.18 14.38 -11.60
N PRO E 310 -41.65 13.15 -11.77
CA PRO E 310 -41.46 12.28 -10.61
C PRO E 310 -40.35 12.66 -9.65
N THR E 311 -40.35 12.15 -8.41
CA THR E 311 -39.27 12.40 -7.47
C THR E 311 -37.99 11.81 -8.04
N GLY E 312 -36.87 12.49 -7.87
CA GLY E 312 -35.60 12.02 -8.40
C GLY E 312 -35.30 12.43 -9.83
N SER E 313 -36.18 13.21 -10.45
CA SER E 313 -35.93 13.70 -11.80
C SER E 313 -34.76 14.63 -11.83
N VAL E 314 -33.85 14.47 -12.80
CA VAL E 314 -32.64 15.29 -12.87
C VAL E 314 -32.74 16.28 -13.98
N PHE E 315 -32.93 17.56 -13.64
CA PHE E 315 -33.07 18.61 -14.63
C PHE E 315 -31.86 19.04 -15.45
N THR E 316 -30.68 19.19 -14.85
CA THR E 316 -29.45 19.68 -15.54
C THR E 316 -29.50 21.14 -15.92
N PHE E 317 -30.43 21.91 -15.36
CA PHE E 317 -30.47 23.36 -15.57
C PHE E 317 -31.22 23.85 -14.37
N ASN E 318 -31.17 25.13 -14.08
CA ASN E 318 -31.77 25.62 -12.84
C ASN E 318 -33.24 25.87 -12.99
N VAL E 319 -34.06 25.03 -12.37
CA VAL E 319 -35.50 25.20 -12.43
C VAL E 319 -36.03 25.64 -11.08
N SER E 320 -35.17 25.97 -10.14
CA SER E 320 -35.62 26.28 -8.78
C SER E 320 -36.54 27.46 -8.59
N ASP E 321 -36.28 28.56 -9.28
CA ASP E 321 -37.07 29.78 -9.12
C ASP E 321 -38.53 29.61 -9.55
N LEU E 322 -38.79 28.77 -10.54
CA LEU E 322 -40.15 28.60 -11.06
C LEU E 322 -41.01 28.11 -9.90
N LYS E 323 -42.29 28.52 -9.86
CA LYS E 323 -43.17 28.22 -8.72
C LYS E 323 -43.25 26.83 -8.14
N GLU E 324 -43.62 25.81 -8.93
CA GLU E 324 -43.80 24.46 -8.35
C GLU E 324 -42.52 23.92 -7.76
N PHE E 325 -41.38 24.21 -8.38
CA PHE E 325 -40.12 23.66 -7.91
C PHE E 325 -39.48 24.51 -6.85
N LYS E 326 -40.19 25.50 -6.30
CA LYS E 326 -39.48 26.40 -5.39
C LYS E 326 -38.84 25.77 -4.17
N GLY E 327 -39.55 24.90 -3.47
CA GLY E 327 -38.96 24.19 -2.33
C GLY E 327 -38.70 22.73 -2.58
N ASN E 328 -38.91 22.27 -3.81
CA ASN E 328 -38.81 20.86 -4.11
C ASN E 328 -37.59 20.46 -4.94
N ILE E 329 -36.64 21.38 -5.19
CA ILE E 329 -35.46 21.06 -5.99
C ILE E 329 -34.21 21.14 -5.12
N GLU E 330 -33.29 20.18 -5.26
CA GLU E 330 -32.05 20.12 -4.48
C GLU E 330 -30.89 20.02 -5.46
N GLU E 331 -29.79 20.73 -5.20
CA GLU E 331 -28.67 20.74 -6.14
C GLU E 331 -27.66 19.67 -5.76
N ILE E 332 -27.19 18.89 -6.74
CA ILE E 332 -26.17 17.88 -6.48
C ILE E 332 -24.86 18.58 -6.66
N LYS E 333 -24.11 18.79 -5.58
CA LYS E 333 -22.87 19.55 -5.66
C LYS E 333 -21.91 19.24 -4.54
N PRO E 334 -20.63 19.58 -4.71
CA PRO E 334 -19.73 19.41 -3.57
C PRO E 334 -20.14 20.37 -2.49
N GLN E 335 -20.10 19.99 -1.22
CA GLN E 335 -20.37 20.93 -0.15
C GLN E 335 -19.05 21.56 0.22
N GLY E 336 -18.88 22.85 -0.03
CA GLY E 336 -17.63 23.54 0.25
C GLY E 336 -16.68 23.56 -0.95
N GLU E 337 -15.73 24.48 -0.93
CA GLU E 337 -14.79 24.61 -2.05
C GLU E 337 -13.89 23.39 -2.24
N LEU E 338 -13.44 22.76 -1.16
CA LEU E 338 -12.50 21.65 -1.26
C LEU E 338 -13.23 20.35 -1.58
N PHE E 339 -12.94 19.73 -2.72
CA PHE E 339 -13.54 18.47 -3.07
C PHE E 339 -12.57 17.62 -3.83
N ALA E 340 -12.35 16.38 -3.41
CA ALA E 340 -11.54 15.45 -4.16
C ALA E 340 -12.23 14.12 -4.00
N PHE E 341 -12.70 13.49 -5.06
CA PHE E 341 -13.29 12.17 -5.00
C PHE E 341 -12.24 11.38 -5.72
N ILE E 342 -11.56 10.45 -5.05
CA ILE E 342 -10.46 9.69 -5.66
C ILE E 342 -11.06 8.31 -5.78
N PHE E 343 -11.18 7.74 -6.98
CA PHE E 343 -11.88 6.48 -7.20
C PHE E 343 -11.21 5.59 -8.21
N ASP E 344 -11.44 4.29 -8.14
CA ASP E 344 -10.91 3.38 -9.15
C ASP E 344 -11.73 3.60 -10.41
N ILE E 345 -11.09 3.65 -11.57
CA ILE E 345 -11.80 3.95 -12.82
C ILE E 345 -12.79 2.88 -13.15
N ASN E 346 -12.56 1.66 -12.72
CA ASN E 346 -13.44 0.56 -13.11
C ASN E 346 -14.87 0.77 -12.66
N ALA E 347 -15.10 1.54 -11.60
CA ALA E 347 -16.44 1.72 -11.07
C ALA E 347 -17.49 2.39 -11.95
N LEU E 348 -17.13 3.16 -12.97
CA LEU E 348 -18.11 3.96 -13.75
C LEU E 348 -19.28 3.32 -14.50
N LYS E 349 -19.11 2.19 -15.18
CA LYS E 349 -20.24 1.54 -15.86
C LYS E 349 -21.07 2.36 -16.84
N TYR E 350 -20.45 3.03 -17.78
CA TYR E 350 -21.16 3.87 -18.74
C TYR E 350 -21.29 3.12 -20.03
N LYS E 351 -22.50 2.98 -20.57
CA LYS E 351 -22.71 2.31 -21.85
C LYS E 351 -23.72 3.09 -22.66
N ARG E 352 -23.59 3.09 -23.99
CA ARG E 352 -24.45 3.91 -24.85
C ARG E 352 -24.76 3.15 -26.12
N ASN E 353 -25.91 3.38 -26.76
CA ASN E 353 -26.22 2.75 -28.05
C ASN E 353 -26.59 3.85 -29.00
N THR E 354 -25.88 3.94 -30.11
CA THR E 354 -26.11 5.00 -31.08
C THR E 354 -26.56 4.45 -32.41
N LYS E 355 -26.91 3.18 -32.51
CA LYS E 355 -27.26 2.65 -33.81
C LYS E 355 -28.52 3.35 -34.26
N GLY E 356 -28.54 3.80 -35.52
CA GLY E 356 -29.69 4.53 -36.04
C GLY E 356 -30.05 5.76 -35.25
N MET E 357 -29.05 6.53 -34.83
CA MET E 357 -29.30 7.72 -34.01
C MET E 357 -30.11 8.78 -34.72
N LEU E 358 -29.80 9.04 -35.99
CA LEU E 358 -30.49 10.11 -36.72
C LEU E 358 -31.71 9.53 -37.40
N LYS E 359 -32.88 9.78 -36.83
CA LYS E 359 -34.13 9.23 -37.37
C LYS E 359 -34.54 9.92 -38.67
N GLU E 360 -35.40 9.28 -39.45
CA GLU E 360 -35.82 9.83 -40.75
C GLU E 360 -36.57 11.16 -40.69
N PRO E 361 -36.42 12.03 -41.70
CA PRO E 361 -37.19 13.28 -41.73
C PRO E 361 -38.67 13.10 -42.01
N PHE E 362 -39.55 14.00 -41.54
CA PHE E 362 -40.99 13.94 -41.84
C PHE E 362 -41.40 15.25 -42.47
N TYR E 363 -41.99 15.24 -43.66
CA TYR E 363 -42.31 16.47 -44.36
C TYR E 363 -43.78 16.81 -44.41
N ASN E 364 -44.16 17.97 -43.90
CA ASN E 364 -45.54 18.42 -43.96
C ASN E 364 -45.60 19.22 -45.24
N GLY E 365 -46.32 18.73 -46.24
CA GLY E 365 -46.39 19.41 -47.52
C GLY E 365 -47.06 20.71 -47.30
N GLU E 366 -48.10 20.73 -46.49
CA GLU E 366 -48.70 21.99 -46.16
C GLU E 366 -47.63 22.65 -45.34
N PHE E 367 -47.32 23.92 -45.59
CA PHE E 367 -46.33 24.68 -44.81
C PHE E 367 -44.90 24.40 -45.23
N ASP E 368 -44.66 23.44 -46.10
CA ASP E 368 -43.32 23.14 -46.61
C ASP E 368 -42.26 22.90 -45.54
N GLU E 369 -42.56 22.25 -44.42
CA GLU E 369 -41.60 22.12 -43.33
C GLU E 369 -41.21 20.70 -43.11
N VAL E 370 -39.94 20.42 -42.82
CA VAL E 370 -39.47 19.05 -42.59
C VAL E 370 -38.96 18.96 -41.18
N THR E 371 -39.45 18.00 -40.39
CA THR E 371 -39.08 17.87 -38.97
C THR E 371 -38.08 16.75 -38.83
N HIS E 372 -36.94 17.00 -38.18
CA HIS E 372 -35.88 16.00 -38.05
C HIS E 372 -35.71 15.62 -36.60
N TRP E 373 -35.39 14.37 -36.29
CA TRP E 373 -35.25 13.90 -34.92
C TRP E 373 -33.97 13.14 -34.69
N ILE E 374 -33.41 13.20 -33.49
CA ILE E 374 -32.19 12.48 -33.12
C ILE E 374 -32.53 11.70 -31.86
N HIS E 375 -32.42 10.37 -31.85
CA HIS E 375 -32.80 9.54 -30.70
C HIS E 375 -31.63 8.65 -30.30
N TYR E 376 -31.25 8.59 -29.02
CA TYR E 376 -30.11 7.78 -28.57
C TYR E 376 -30.39 7.19 -27.21
N TYR E 377 -29.68 6.14 -26.81
CA TYR E 377 -29.91 5.44 -25.53
C TYR E 377 -28.70 5.55 -24.62
N SER E 378 -28.89 5.92 -23.35
CA SER E 378 -27.79 6.03 -22.41
C SER E 378 -28.03 5.40 -21.05
N PHE E 379 -27.09 4.61 -20.55
CA PHE E 379 -27.19 4.01 -19.22
C PHE E 379 -25.92 4.37 -18.49
N LYS E 380 -26.02 5.03 -17.35
CA LYS E 380 -24.87 5.42 -16.56
C LYS E 380 -25.09 4.93 -15.14
N ALA E 381 -24.07 4.34 -14.51
CA ALA E 381 -24.23 3.76 -13.17
C ALA E 381 -22.90 3.72 -12.44
N MET E 382 -22.90 3.48 -11.12
CA MET E 382 -21.67 3.39 -10.33
C MET E 382 -21.66 2.10 -9.52
N SER E 383 -20.58 1.33 -9.61
CA SER E 383 -20.51 0.03 -8.91
C SER E 383 -20.10 0.12 -7.46
N PRO E 384 -20.85 -0.52 -6.55
CA PRO E 384 -20.38 -0.43 -5.17
C PRO E 384 -19.07 -1.07 -4.82
N PHE E 385 -18.74 -2.20 -5.41
CA PHE E 385 -17.58 -2.98 -4.97
C PHE E 385 -16.17 -2.37 -5.00
N PHE E 386 -15.82 -1.57 -6.00
CA PHE E 386 -14.46 -1.01 -6.12
C PHE E 386 -14.17 0.14 -5.14
N ASN E 387 -12.89 0.41 -4.85
CA ASN E 387 -12.47 1.45 -3.86
C ASN E 387 -12.70 2.92 -4.23
N LYS E 388 -13.20 3.75 -3.30
CA LYS E 388 -13.39 5.19 -3.54
C LYS E 388 -13.11 5.91 -2.24
N ILE E 389 -12.61 7.14 -2.23
CA ILE E 389 -12.27 7.87 -1.02
C ILE E 389 -12.57 9.32 -1.27
N LEU E 390 -13.24 10.02 -0.35
CA LEU E 390 -13.62 11.43 -0.52
C LEU E 390 -12.86 12.31 0.43
N ILE E 391 -12.13 13.30 -0.05
CA ILE E 391 -11.46 14.22 0.84
C ILE E 391 -12.24 15.45 0.54
N THR E 392 -12.87 16.06 1.54
CA THR E 392 -13.74 17.20 1.31
C THR E 392 -13.60 18.14 2.46
N GLU E 393 -14.08 19.36 2.32
CA GLU E 393 -13.85 20.34 3.35
C GLU E 393 -14.46 19.93 4.66
N ALA E 394 -13.74 20.18 5.75
CA ALA E 394 -14.22 19.83 7.07
C ALA E 394 -15.46 20.64 7.35
N PRO E 395 -16.48 20.03 8.00
CA PRO E 395 -17.63 20.85 8.36
C PRO E 395 -17.36 21.64 9.64
N ILE F 8 19.11 95.00 -23.54
CA ILE F 8 18.67 95.50 -22.24
C ILE F 8 17.23 95.06 -21.96
N PRO F 9 16.82 95.03 -20.66
CA PRO F 9 15.48 94.55 -20.33
C PRO F 9 14.33 95.37 -20.89
N THR F 10 14.45 96.70 -20.87
CA THR F 10 13.36 97.54 -21.34
C THR F 10 13.05 97.33 -22.82
N LEU F 11 14.07 97.21 -23.65
CA LEU F 11 13.88 96.95 -25.07
C LEU F 11 13.21 95.62 -25.26
N ILE F 12 13.66 94.62 -24.52
CA ILE F 12 13.13 93.29 -24.69
C ILE F 12 11.67 93.34 -24.32
N ALA F 13 11.34 94.06 -23.26
CA ALA F 13 9.96 94.14 -22.79
C ALA F 13 9.01 94.77 -23.78
N ASP F 14 9.46 95.78 -24.50
CA ASP F 14 8.54 96.50 -25.39
C ASP F 14 8.01 95.59 -26.46
N SER F 15 6.68 95.56 -26.63
CA SER F 15 6.05 94.74 -27.66
C SER F 15 5.67 95.52 -28.90
N THR F 16 5.87 96.84 -28.89
CA THR F 16 5.58 97.65 -30.06
C THR F 16 6.49 97.23 -31.18
N LYS F 17 7.72 96.86 -30.84
CA LYS F 17 8.72 96.47 -31.82
C LYS F 17 8.50 95.05 -32.32
N ALA F 18 7.56 94.32 -31.73
CA ALA F 18 7.37 92.91 -32.08
C ALA F 18 6.98 92.62 -33.50
N SER F 19 7.46 91.50 -34.03
CA SER F 19 7.06 91.09 -35.36
C SER F 19 5.59 90.79 -35.34
N LEU F 20 5.08 90.32 -34.22
CA LEU F 20 3.68 89.93 -34.15
C LEU F 20 2.86 91.13 -34.51
N GLN F 21 3.22 92.31 -34.04
CA GLN F 21 2.39 93.47 -34.29
C GLN F 21 2.26 93.77 -35.77
N ASP F 22 3.33 93.62 -36.53
CA ASP F 22 3.25 93.82 -37.97
C ASP F 22 2.31 92.84 -38.65
N PHE F 23 2.43 91.56 -38.29
CA PHE F 23 1.57 90.52 -38.85
C PHE F 23 0.11 90.60 -38.43
N ASN F 24 -0.18 90.96 -37.19
CA ASN F 24 -1.56 90.96 -36.69
C ASN F 24 -2.41 92.22 -36.93
N HIS F 25 -1.85 93.26 -37.54
CA HIS F 25 -2.57 94.55 -37.76
C HIS F 25 -2.69 94.91 -39.24
N ASP F 26 -3.74 95.65 -39.60
CA ASP F 26 -3.98 96.03 -41.01
C ASP F 26 -2.89 96.91 -41.60
N TYR F 27 -2.37 97.86 -40.83
CA TYR F 27 -1.30 98.73 -41.29
C TYR F 27 -0.24 98.79 -40.19
N GLY F 28 1.02 99.00 -40.57
CA GLY F 28 2.11 99.00 -39.61
C GLY F 28 3.23 99.85 -40.16
N LYS F 29 4.28 100.10 -39.38
CA LYS F 29 5.36 101.01 -39.82
C LYS F 29 6.42 100.25 -40.58
N GLN F 30 6.50 100.46 -41.89
CA GLN F 30 7.44 99.72 -42.72
C GLN F 30 8.92 99.99 -42.48
N TRP F 31 9.31 101.25 -42.32
CA TRP F 31 10.72 101.60 -42.06
C TRP F 31 11.14 101.17 -40.68
N THR F 32 12.36 100.65 -40.53
CA THR F 32 12.89 100.27 -39.22
C THR F 32 14.17 101.00 -39.00
N PHE F 33 14.32 101.65 -37.85
CA PHE F 33 15.59 102.27 -37.51
C PHE F 33 16.06 101.29 -36.46
N GLY F 34 17.28 100.80 -36.55
CA GLY F 34 17.72 99.75 -35.66
C GLY F 34 17.80 100.07 -34.20
N GLU F 35 17.66 99.04 -33.35
CA GLU F 35 17.74 99.20 -31.91
C GLU F 35 19.11 98.73 -31.49
N ASN F 36 19.85 99.55 -30.75
CA ASN F 36 21.20 99.19 -30.31
C ASN F 36 21.10 98.09 -29.28
N TRP F 37 21.96 97.08 -29.37
CA TRP F 37 21.91 95.95 -28.42
C TRP F 37 23.18 95.82 -27.64
N SER F 38 23.09 95.73 -26.31
CA SER F 38 24.27 95.62 -25.46
C SER F 38 24.16 94.39 -24.60
N ASN F 39 25.20 93.57 -24.60
CA ASN F 39 25.17 92.31 -23.89
C ASN F 39 25.66 92.49 -22.46
N VAL F 40 26.11 93.68 -22.09
CA VAL F 40 26.68 93.90 -20.75
C VAL F 40 25.69 93.70 -19.62
N ASN F 41 26.10 93.04 -18.54
CA ASN F 41 25.22 92.74 -17.41
C ASN F 41 23.99 91.99 -17.86
N THR F 42 24.16 91.08 -18.82
CA THR F 42 23.05 90.24 -19.27
C THR F 42 23.61 88.84 -19.31
N MET F 43 22.75 87.84 -19.39
CA MET F 43 23.21 86.46 -19.32
C MET F 43 24.13 86.05 -20.44
N PHE F 44 24.06 86.70 -21.61
CA PHE F 44 24.83 86.23 -22.75
C PHE F 44 26.17 86.93 -22.94
N GLU F 45 26.61 87.74 -21.99
CA GLU F 45 27.85 88.53 -22.19
C GLU F 45 29.08 87.70 -22.48
N THR F 46 29.96 88.18 -23.37
CA THR F 46 31.18 87.47 -23.72
C THR F 46 32.32 88.42 -23.49
N TYR F 47 33.47 87.92 -23.08
CA TYR F 47 34.57 88.81 -22.73
C TYR F 47 35.12 89.69 -23.84
N VAL F 48 35.42 89.12 -25.00
CA VAL F 48 36.05 89.90 -26.08
C VAL F 48 35.18 90.94 -26.78
N ASN F 49 33.92 90.59 -27.11
CA ASN F 49 33.01 91.50 -27.80
C ASN F 49 31.76 91.61 -26.98
N LYS F 50 31.42 92.79 -26.51
CA LYS F 50 30.28 92.93 -25.61
C LYS F 50 29.01 93.47 -26.23
N TYR F 51 28.98 93.65 -27.55
CA TYR F 51 27.80 94.17 -28.24
C TYR F 51 27.23 93.30 -29.35
N LEU F 52 27.64 92.03 -29.46
CA LEU F 52 27.20 91.17 -30.55
C LEU F 52 26.03 90.30 -30.10
N PHE F 53 24.98 90.22 -30.91
CA PHE F 53 23.77 89.47 -30.53
C PHE F 53 24.06 87.97 -30.39
N PRO F 54 23.43 87.26 -29.42
CA PRO F 54 23.79 85.85 -29.24
C PRO F 54 23.50 84.97 -30.44
N LYS F 55 24.34 83.98 -30.72
CA LYS F 55 24.19 83.14 -31.90
C LYS F 55 23.92 81.68 -31.54
N ILE F 56 22.94 81.02 -32.19
CA ILE F 56 22.52 79.65 -31.83
C ILE F 56 23.09 78.59 -32.76
N ASN F 57 23.80 77.60 -32.21
CA ASN F 57 24.39 76.51 -32.99
C ASN F 57 23.55 75.44 -33.68
N GLU F 58 22.50 74.90 -33.05
CA GLU F 58 21.81 73.72 -33.63
C GLU F 58 20.32 73.53 -33.95
N THR F 59 19.37 73.94 -33.12
CA THR F 59 17.92 73.66 -33.37
C THR F 59 17.50 72.18 -33.69
N LEU F 60 17.81 71.21 -32.81
CA LEU F 60 17.47 69.78 -33.03
C LEU F 60 16.01 69.34 -32.77
N LEU F 61 15.47 68.37 -33.52
CA LEU F 61 14.04 67.97 -33.39
C LEU F 61 13.60 67.01 -32.28
N ILE F 62 14.40 66.01 -31.93
CA ILE F 62 14.06 65.07 -30.86
C ILE F 62 12.74 64.39 -31.15
N ASP F 63 12.46 64.10 -32.41
CA ASP F 63 11.24 63.38 -32.75
C ASP F 63 11.30 61.91 -32.32
N ILE F 64 10.17 61.33 -31.94
CA ILE F 64 10.10 59.93 -31.50
C ILE F 64 8.98 59.24 -32.25
N ALA F 65 9.06 57.91 -32.38
CA ALA F 65 8.04 57.12 -33.08
C ALA F 65 7.29 56.31 -32.05
N LEU F 66 5.97 56.30 -32.11
CA LEU F 66 5.16 55.57 -31.16
C LEU F 66 4.30 54.65 -32.01
N GLY F 67 4.03 53.42 -31.56
CA GLY F 67 3.28 52.44 -32.34
C GLY F 67 2.13 51.85 -31.57
N ASN F 68 1.16 51.27 -32.28
CA ASN F 68 -0.04 50.71 -31.63
C ASN F 68 0.19 49.25 -31.31
N ARG F 69 -0.08 48.83 -30.08
CA ARG F 69 0.08 47.43 -29.68
C ARG F 69 -0.86 46.55 -30.45
N PHE F 70 -2.07 47.02 -30.72
CA PHE F 70 -3.11 46.20 -31.33
C PHE F 70 -3.24 46.16 -32.86
N ASN F 71 -2.26 46.65 -33.61
CA ASN F 71 -2.40 46.72 -35.07
C ASN F 71 -2.67 45.38 -35.71
N TRP F 72 -2.14 44.29 -35.17
CA TRP F 72 -2.31 42.99 -35.81
C TRP F 72 -3.79 42.67 -35.92
N LEU F 73 -4.57 42.99 -34.91
CA LEU F 73 -6.00 42.67 -34.90
C LEU F 73 -6.73 43.35 -36.03
N ALA F 74 -6.35 44.57 -36.39
CA ALA F 74 -7.09 45.34 -37.39
C ALA F 74 -7.20 44.69 -38.74
N LYS F 75 -8.39 44.69 -39.32
CA LYS F 75 -8.63 44.05 -40.60
C LYS F 75 -9.12 45.11 -41.56
N GLU F 76 -8.48 45.23 -42.70
CA GLU F 76 -8.86 46.23 -43.68
C GLU F 76 -10.15 45.79 -44.32
N GLN F 77 -11.06 46.73 -44.59
CA GLN F 77 -12.32 46.42 -45.26
C GLN F 77 -12.70 47.56 -46.17
N ASP F 78 -13.47 47.28 -47.20
CA ASP F 78 -14.00 48.36 -48.04
C ASP F 78 -15.02 49.05 -47.16
N PHE F 79 -15.12 50.37 -47.23
CA PHE F 79 -16.11 51.10 -46.46
C PHE F 79 -17.29 51.14 -47.41
N ILE F 80 -18.24 50.21 -47.27
CA ILE F 80 -19.41 50.13 -48.16
C ILE F 80 -20.82 50.03 -47.57
N GLY F 81 -21.02 49.41 -46.41
CA GLY F 81 -22.37 49.20 -45.86
C GLY F 81 -22.43 49.45 -44.37
N GLN F 82 -23.54 49.98 -43.87
CA GLN F 82 -23.61 50.37 -42.46
C GLN F 82 -23.57 49.31 -41.40
N TYR F 83 -24.30 48.21 -41.55
CA TYR F 83 -24.46 47.23 -40.46
C TYR F 83 -23.80 45.90 -40.62
N SER F 84 -23.62 45.17 -39.53
CA SER F 84 -23.09 43.81 -39.60
C SER F 84 -23.85 43.07 -38.53
N GLU F 85 -24.04 41.77 -38.66
CA GLU F 85 -24.68 41.00 -37.61
C GLU F 85 -24.03 39.65 -37.41
N GLU F 86 -24.14 39.08 -36.22
CA GLU F 86 -23.61 37.73 -35.97
C GLU F 86 -24.52 37.01 -35.00
N TYR F 87 -24.56 35.69 -35.03
CA TYR F 87 -25.51 34.96 -34.22
C TYR F 87 -25.04 33.59 -33.84
N VAL F 88 -25.65 33.00 -32.82
CA VAL F 88 -25.28 31.68 -32.35
C VAL F 88 -26.58 30.94 -32.13
N ILE F 89 -26.57 29.62 -32.26
CA ILE F 89 -27.78 28.82 -32.09
C ILE F 89 -27.82 28.38 -30.63
N MET F 90 -28.93 28.57 -29.93
CA MET F 90 -29.02 28.28 -28.49
C MET F 90 -29.08 26.79 -28.16
N ASP F 91 -28.61 26.42 -26.97
CA ASP F 91 -28.54 25.00 -26.55
C ASP F 91 -29.89 24.33 -26.33
N THR F 92 -30.04 23.05 -26.71
CA THR F 92 -31.27 22.28 -26.44
C THR F 92 -30.89 21.06 -25.65
N ILE F 93 -31.47 20.87 -24.46
CA ILE F 93 -31.11 19.74 -23.61
C ILE F 93 -31.91 18.54 -24.09
N PRO F 94 -31.29 17.35 -24.17
CA PRO F 94 -32.11 16.23 -24.62
C PRO F 94 -33.29 15.91 -23.70
N ILE F 95 -34.47 15.54 -24.24
CA ILE F 95 -35.69 15.31 -23.45
C ILE F 95 -36.04 13.83 -23.44
N GLU F 96 -36.43 13.27 -22.30
CA GLU F 96 -36.69 11.83 -22.22
C GLU F 96 -37.93 11.44 -23.01
N MET F 97 -37.94 10.22 -23.58
CA MET F 97 -39.06 9.78 -24.39
C MET F 97 -40.26 9.43 -23.53
N ASN F 98 -41.30 10.28 -23.50
CA ASN F 98 -42.42 10.00 -22.63
C ASN F 98 -43.16 8.77 -23.07
N LEU F 99 -43.49 8.64 -24.35
CA LEU F 99 -44.17 7.46 -24.91
C LEU F 99 -45.63 7.35 -24.50
N SER F 100 -46.13 8.28 -23.69
CA SER F 100 -47.54 8.33 -23.37
C SER F 100 -48.12 9.61 -23.94
N LYS F 101 -47.31 10.35 -24.70
CA LYS F 101 -47.75 11.61 -25.29
C LYS F 101 -48.65 11.24 -26.43
N SER F 102 -49.54 12.15 -26.79
CA SER F 102 -50.44 11.88 -27.88
C SER F 102 -49.63 11.70 -29.13
N GLU F 103 -50.07 10.82 -30.02
CA GLU F 103 -49.32 10.52 -31.23
C GLU F 103 -49.25 11.70 -32.18
N GLU F 104 -50.10 12.70 -31.97
CA GLU F 104 -50.12 13.92 -32.79
C GLU F 104 -48.89 14.81 -32.58
N LEU F 105 -48.05 14.50 -31.60
CA LEU F 105 -46.89 15.32 -31.30
C LEU F 105 -45.96 15.40 -32.53
N MET F 106 -45.95 14.40 -33.37
CA MET F 106 -45.06 14.38 -34.52
C MET F 106 -45.37 15.59 -35.35
N LEU F 107 -46.64 15.89 -35.52
CA LEU F 107 -47.08 17.03 -36.34
C LEU F 107 -46.64 18.36 -35.76
N LYS F 108 -46.52 18.45 -34.44
CA LYS F 108 -46.13 19.70 -33.79
C LYS F 108 -44.79 20.15 -34.34
N ARG F 109 -44.61 21.46 -34.50
CA ARG F 109 -43.39 22.00 -35.10
C ARG F 109 -42.53 22.71 -34.09
N ASN F 110 -41.28 22.28 -33.91
CA ASN F 110 -40.35 22.91 -32.98
C ASN F 110 -39.31 23.55 -33.86
N TYR F 111 -39.12 24.87 -33.74
CA TYR F 111 -38.21 25.57 -34.63
C TYR F 111 -36.89 25.84 -33.94
N PRO F 112 -35.78 25.87 -34.70
CA PRO F 112 -34.49 26.21 -34.08
C PRO F 112 -34.46 27.62 -33.55
N GLN F 113 -33.71 27.88 -32.48
CA GLN F 113 -33.70 29.18 -31.81
C GLN F 113 -32.30 29.72 -31.78
N MET F 114 -32.15 31.04 -31.73
CA MET F 114 -30.85 31.65 -31.83
C MET F 114 -30.81 32.99 -31.16
N ALA F 115 -29.62 33.56 -30.95
CA ALA F 115 -29.46 34.87 -30.36
C ALA F 115 -28.65 35.66 -31.35
N THR F 116 -28.98 36.93 -31.56
CA THR F 116 -28.30 37.74 -32.58
C THR F 116 -27.93 39.11 -32.07
N ARG F 117 -26.94 39.76 -32.70
CA ARG F 117 -26.51 41.11 -32.33
C ARG F 117 -26.30 41.92 -33.60
N LEU F 118 -26.62 43.21 -33.58
CA LEU F 118 -26.40 44.09 -34.73
C LEU F 118 -25.40 45.10 -34.23
N TYR F 119 -24.28 45.27 -34.93
CA TYR F 119 -23.20 46.14 -34.46
C TYR F 119 -22.86 47.35 -35.30
N GLY F 120 -23.65 47.73 -36.31
CA GLY F 120 -23.21 48.78 -37.23
C GLY F 120 -22.80 50.16 -36.79
N SER F 121 -21.59 50.59 -37.18
CA SER F 121 -21.05 51.89 -36.75
C SER F 121 -19.81 52.33 -37.52
N GLY F 122 -19.42 53.60 -37.41
CA GLY F 122 -18.17 54.08 -37.97
C GLY F 122 -17.92 55.37 -37.23
N ILE F 123 -16.68 55.87 -37.14
CA ILE F 123 -16.47 57.21 -36.57
C ILE F 123 -15.74 58.25 -37.47
N VAL F 124 -15.08 57.84 -38.54
CA VAL F 124 -14.46 58.77 -39.51
C VAL F 124 -13.59 59.86 -38.89
N LYS F 125 -12.62 59.47 -38.06
CA LYS F 125 -11.76 60.44 -37.37
C LYS F 125 -10.79 61.18 -38.27
N LYS F 126 -10.49 62.45 -37.97
CA LYS F 126 -9.61 63.28 -38.80
C LYS F 126 -8.68 64.16 -37.99
N GLN F 127 -7.68 64.78 -38.62
CA GLN F 127 -6.78 65.72 -37.94
C GLN F 127 -6.11 66.52 -39.03
N LYS F 128 -5.74 67.76 -38.75
CA LYS F 128 -5.13 68.64 -39.76
C LYS F 128 -3.97 69.46 -39.24
N PHE F 129 -3.04 69.84 -40.13
CA PHE F 129 -1.88 70.65 -39.76
C PHE F 129 -1.62 71.65 -40.84
N THR F 130 -1.23 72.88 -40.50
CA THR F 130 -1.04 73.95 -41.48
C THR F 130 0.39 74.49 -41.43
N LEU F 131 1.06 74.62 -42.59
CA LEU F 131 2.44 75.12 -42.63
C LEU F 131 2.42 76.51 -43.25
N ASN F 132 2.85 77.56 -42.53
CA ASN F 132 2.70 78.95 -43.02
C ASN F 132 3.45 79.51 -44.21
N ASN F 133 4.74 79.27 -44.33
CA ASN F 133 5.59 79.82 -45.43
C ASN F 133 5.97 81.27 -45.19
N ASN F 134 5.36 81.95 -44.22
CA ASN F 134 5.69 83.33 -43.86
C ASN F 134 5.66 83.22 -42.37
N ASP F 135 6.67 83.67 -41.65
CA ASP F 135 6.63 83.71 -40.18
C ASP F 135 7.03 82.43 -39.50
N VAL F 136 7.04 81.31 -40.21
CA VAL F 136 7.59 80.08 -39.64
C VAL F 136 9.04 80.15 -40.06
N ARG F 137 9.33 80.91 -41.12
CA ARG F 137 10.70 81.11 -41.56
C ARG F 137 11.47 81.90 -40.55
N PHE F 138 10.80 82.81 -39.85
CA PHE F 138 11.48 83.68 -38.93
C PHE F 138 12.14 82.81 -37.88
N ASN F 139 11.46 81.76 -37.47
CA ASN F 139 11.98 80.86 -36.44
C ASN F 139 13.26 80.08 -36.74
N PHE F 140 13.44 79.54 -37.95
CA PHE F 140 14.62 78.68 -38.27
C PHE F 140 15.65 79.33 -39.18
N GLN F 141 16.91 79.41 -38.74
CA GLN F 141 17.98 80.07 -39.54
C GLN F 141 18.43 79.40 -40.83
N THR F 142 18.65 78.09 -40.85
CA THR F 142 18.97 77.40 -42.09
C THR F 142 17.68 76.85 -42.66
N LEU F 143 17.50 76.89 -43.97
CA LEU F 143 16.24 76.45 -44.59
C LEU F 143 16.12 74.94 -44.49
N GLY F 144 17.21 74.21 -44.31
CA GLY F 144 17.15 72.77 -44.10
C GLY F 144 16.42 72.33 -42.84
N ASP F 145 16.58 73.04 -41.71
CA ASP F 145 15.82 72.73 -40.52
C ASP F 145 14.35 73.00 -40.68
N ALA F 146 14.00 74.06 -41.39
CA ALA F 146 12.61 74.39 -41.60
C ALA F 146 11.92 73.27 -42.35
N THR F 147 12.57 72.69 -43.35
CA THR F 147 12.00 71.54 -44.05
C THR F 147 11.82 70.35 -43.12
N ASN F 148 12.77 70.14 -42.21
CA ASN F 148 12.67 69.04 -41.24
C ASN F 148 11.45 69.27 -40.37
N TYR F 149 11.18 70.51 -40.04
CA TYR F 149 10.04 70.82 -39.17
C TYR F 149 8.76 70.35 -39.84
N ALA F 150 8.64 70.55 -41.13
CA ALA F 150 7.44 70.12 -41.84
C ALA F 150 7.26 68.61 -41.84
N LEU F 151 8.32 67.85 -42.09
CA LEU F 151 8.22 66.39 -42.04
C LEU F 151 7.91 65.96 -40.64
N GLY F 152 8.48 66.65 -39.66
CA GLY F 152 8.25 66.33 -38.28
C GLY F 152 6.79 66.43 -37.88
N VAL F 153 6.04 67.44 -38.34
CA VAL F 153 4.63 67.48 -38.00
C VAL F 153 3.86 66.29 -38.57
N LEU F 154 4.14 65.89 -39.80
CA LEU F 154 3.38 64.81 -40.42
C LEU F 154 3.57 63.55 -39.64
N ARG F 155 4.81 63.26 -39.27
CA ARG F 155 5.11 62.04 -38.55
C ARG F 155 4.46 62.05 -37.19
N LYS F 156 4.47 63.18 -36.49
CA LYS F 156 3.81 63.28 -35.19
C LYS F 156 2.31 63.08 -35.32
N LYS F 157 1.72 63.61 -36.38
CA LYS F 157 0.29 63.40 -36.58
C LYS F 157 0.00 61.91 -36.71
N ILE F 158 0.82 61.20 -37.46
CA ILE F 158 0.62 59.76 -37.61
C ILE F 158 0.78 59.04 -36.28
N SER F 159 1.74 59.44 -35.45
CA SER F 159 1.96 58.78 -34.17
C SER F 159 0.76 58.94 -33.29
N ASP F 160 0.10 60.08 -33.36
CA ASP F 160 -1.12 60.30 -32.59
C ASP F 160 -2.24 59.35 -32.97
N ILE F 161 -2.36 59.04 -34.25
CA ILE F 161 -3.39 58.11 -34.67
C ILE F 161 -3.14 56.80 -33.99
N ASN F 162 -1.89 56.35 -34.01
CA ASN F 162 -1.55 55.08 -33.41
C ASN F 162 -1.72 55.03 -31.89
N VAL F 163 -1.27 56.05 -31.18
CA VAL F 163 -1.40 56.09 -29.74
C VAL F 163 -2.88 56.12 -29.37
N GLN F 164 -3.67 56.94 -30.05
CA GLN F 164 -5.09 57.09 -29.70
C GLN F 164 -5.91 55.83 -29.93
N GLU F 165 -5.66 55.12 -31.02
CA GLU F 165 -6.38 53.88 -31.28
C GLU F 165 -6.08 52.87 -30.19
N GLU F 166 -4.83 52.81 -29.74
CA GLU F 166 -4.46 51.91 -28.66
C GLU F 166 -5.22 52.25 -27.40
N LYS F 167 -5.37 53.53 -27.11
CA LYS F 167 -6.08 53.93 -25.91
C LYS F 167 -7.49 53.47 -26.00
N GLU F 168 -8.11 53.62 -27.15
CA GLU F 168 -9.50 53.23 -27.31
C GLU F 168 -9.72 51.71 -27.21
N ILE F 169 -8.84 50.91 -27.80
CA ILE F 169 -8.97 49.46 -27.68
C ILE F 169 -8.77 49.07 -26.23
N ARG F 170 -7.78 49.64 -25.57
CA ARG F 170 -7.51 49.35 -24.15
C ARG F 170 -8.67 49.78 -23.29
N ALA F 171 -9.21 50.96 -23.55
CA ALA F 171 -10.36 51.46 -22.81
C ALA F 171 -11.62 50.65 -23.08
N MET F 172 -11.81 50.17 -24.30
CA MET F 172 -13.01 49.40 -24.64
C MET F 172 -13.04 48.19 -23.77
N MET F 173 -11.91 47.54 -23.64
CA MET F 173 -11.85 46.33 -22.85
C MET F 173 -12.08 46.56 -21.36
N VAL F 174 -11.48 47.60 -20.82
CA VAL F 174 -11.68 47.91 -19.40
C VAL F 174 -13.13 48.25 -19.18
N ASP F 175 -13.74 49.04 -20.07
CA ASP F 175 -15.15 49.41 -19.96
C ASP F 175 -16.10 48.23 -20.05
N TYR F 176 -15.84 47.31 -20.97
CA TYR F 176 -16.70 46.14 -21.12
C TYR F 176 -16.65 45.33 -19.86
N ALA F 177 -15.46 45.10 -19.34
CA ALA F 177 -15.33 44.27 -18.18
C ALA F 177 -15.95 44.90 -16.99
N ILE F 178 -15.71 46.19 -16.81
CA ILE F 178 -16.18 46.85 -15.61
C ILE F 178 -17.70 46.90 -15.58
N ASN F 179 -18.34 47.12 -16.72
CA ASN F 179 -19.81 47.23 -16.76
C ASN F 179 -20.61 46.04 -17.29
N GLN F 180 -20.28 45.52 -18.46
CA GLN F 180 -21.05 44.42 -19.08
C GLN F 180 -21.03 43.07 -18.38
N LEU F 181 -19.91 42.66 -17.82
CA LEU F 181 -19.76 41.29 -17.27
C LEU F 181 -20.71 40.90 -16.15
N GLN F 182 -21.10 39.63 -16.13
CA GLN F 182 -22.05 39.12 -15.15
C GLN F 182 -21.35 38.74 -13.86
N ASP F 183 -22.13 38.37 -12.84
CA ASP F 183 -21.57 37.97 -11.56
C ASP F 183 -20.70 36.74 -11.64
N SER F 184 -21.08 35.76 -12.45
CA SER F 184 -20.31 34.52 -12.57
C SER F 184 -18.92 34.77 -13.11
N ASN F 185 -18.78 35.67 -14.09
CA ASN F 185 -17.49 36.03 -14.65
C ASN F 185 -16.61 36.72 -13.65
N ARG F 186 -17.19 37.61 -12.82
CA ARG F 186 -16.38 38.41 -11.91
C ARG F 186 -15.77 37.63 -10.76
N ARG F 187 -14.54 37.99 -10.36
CA ARG F 187 -13.84 37.33 -9.26
C ARG F 187 -13.14 38.43 -8.50
N THR F 188 -12.88 38.22 -7.22
CA THR F 188 -12.24 39.23 -6.39
C THR F 188 -10.94 38.71 -5.83
N ALA F 189 -9.85 39.47 -5.94
CA ALA F 189 -8.55 39.08 -5.42
C ALA F 189 -8.06 40.07 -4.41
N SER F 190 -7.75 39.62 -3.21
CA SER F 190 -7.24 40.49 -2.15
C SER F 190 -5.84 41.06 -2.35
N SER F 191 -4.90 40.26 -2.85
CA SER F 191 -3.51 40.69 -2.97
C SER F 191 -2.88 40.11 -4.21
N LYS F 192 -1.71 40.59 -4.59
CA LYS F 192 -1.10 40.16 -5.83
C LYS F 192 -0.82 38.67 -5.90
N GLU F 193 -0.37 38.03 -4.82
CA GLU F 193 -0.19 36.57 -4.87
C GLU F 193 -1.51 35.87 -5.10
N ASP F 194 -2.56 36.35 -4.46
CA ASP F 194 -3.88 35.77 -4.65
C ASP F 194 -4.31 35.97 -6.09
N LEU F 195 -4.02 37.14 -6.64
CA LEU F 195 -4.38 37.41 -8.03
C LEU F 195 -3.67 36.48 -8.98
N THR F 196 -2.39 36.21 -8.78
CA THR F 196 -1.67 35.39 -9.75
C THR F 196 -2.26 34.00 -9.76
N GLU F 197 -2.64 33.48 -8.59
CA GLU F 197 -3.31 32.17 -8.54
C GLU F 197 -4.65 32.21 -9.24
N ARG F 198 -5.39 33.30 -9.08
CA ARG F 198 -6.68 33.44 -9.72
C ARG F 198 -6.53 33.43 -11.24
N VAL F 199 -5.51 34.09 -11.76
CA VAL F 199 -5.28 34.15 -13.20
C VAL F 199 -4.97 32.74 -13.68
N PHE F 200 -4.21 32.01 -12.88
CA PHE F 200 -3.83 30.63 -13.23
C PHE F 200 -5.10 29.81 -13.29
N GLU F 201 -5.99 30.00 -12.32
CA GLU F 201 -7.25 29.25 -12.27
C GLU F 201 -8.17 29.58 -13.42
N ALA F 202 -8.28 30.85 -13.77
CA ALA F 202 -9.18 31.28 -14.84
C ALA F 202 -8.80 30.70 -16.18
N ILE F 203 -7.50 30.53 -16.44
CA ILE F 203 -7.03 29.96 -17.72
C ILE F 203 -7.59 28.56 -17.83
N LEU F 204 -7.53 27.78 -16.75
CA LEU F 204 -8.07 26.42 -16.74
C LEU F 204 -9.60 26.41 -16.80
N ASN F 205 -10.27 27.34 -16.11
CA ASN F 205 -11.71 27.39 -16.10
C ASN F 205 -12.26 27.62 -17.49
N MET F 206 -11.61 28.49 -18.26
CA MET F 206 -12.11 28.84 -19.59
C MET F 206 -12.07 27.70 -20.57
N GLN F 207 -11.07 26.84 -20.47
CA GLN F 207 -11.00 25.65 -21.33
C GLN F 207 -12.14 24.61 -21.13
N ASN F 208 -12.82 24.62 -19.99
CA ASN F 208 -13.99 23.73 -19.77
C ASN F 208 -15.20 24.20 -20.53
N ASN F 209 -16.21 23.35 -20.71
CA ASN F 209 -17.46 23.75 -21.37
C ASN F 209 -18.35 24.40 -20.34
N SER F 210 -18.54 25.73 -20.39
CA SER F 210 -19.47 26.38 -19.47
C SER F 210 -20.12 27.65 -20.00
N ALA F 211 -21.37 27.90 -19.62
CA ALA F 211 -22.13 29.07 -20.09
C ALA F 211 -21.97 30.24 -19.18
N LYS F 212 -21.25 30.05 -18.09
CA LYS F 212 -21.09 31.08 -17.09
C LYS F 212 -20.38 32.29 -17.63
N TYR F 213 -19.36 32.10 -18.46
CA TYR F 213 -18.54 33.22 -18.97
C TYR F 213 -19.04 33.88 -20.25
N ASN F 214 -20.07 33.31 -20.88
CA ASN F 214 -20.66 33.85 -22.10
C ASN F 214 -21.51 35.02 -21.71
N GLU F 215 -21.76 35.95 -22.63
CA GLU F 215 -22.64 37.10 -22.37
C GLU F 215 -23.85 37.00 -23.28
N VAL F 216 -24.27 35.78 -23.60
CA VAL F 216 -25.41 35.55 -24.50
C VAL F 216 -26.70 36.09 -23.91
N HIS F 217 -26.77 36.21 -22.60
CA HIS F 217 -27.97 36.75 -21.97
C HIS F 217 -28.28 38.15 -22.46
N LYS F 218 -27.25 38.96 -22.65
CA LYS F 218 -27.43 40.32 -23.16
C LYS F 218 -27.98 40.27 -24.58
N ALA F 219 -27.59 39.27 -25.38
CA ALA F 219 -27.99 39.20 -26.79
C ALA F 219 -29.47 39.01 -26.91
N SER F 220 -30.05 39.25 -28.08
CA SER F 220 -31.51 39.25 -28.19
C SER F 220 -32.29 38.01 -27.79
N GLY F 221 -31.85 36.83 -28.17
CA GLY F 221 -32.61 35.62 -27.89
C GLY F 221 -32.21 34.88 -26.64
N GLY F 222 -31.25 35.40 -25.89
CA GLY F 222 -30.73 34.70 -24.73
C GLY F 222 -31.33 35.06 -23.40
N SER F 223 -32.43 35.78 -23.40
CA SER F 223 -32.99 36.25 -22.14
C SER F 223 -33.36 35.16 -21.15
N VAL F 224 -33.92 34.05 -21.63
CA VAL F 224 -34.26 32.91 -20.75
C VAL F 224 -33.34 31.69 -20.85
N GLY F 225 -32.88 31.33 -22.04
CA GLY F 225 -32.10 30.12 -22.23
C GLY F 225 -30.60 30.15 -21.94
N GLN F 226 -29.88 29.09 -22.30
CA GLN F 226 -28.42 29.01 -22.08
C GLN F 226 -27.60 28.59 -23.29
N TYR F 227 -26.37 29.09 -23.41
CA TYR F 227 -25.47 28.70 -24.50
C TYR F 227 -24.14 28.35 -23.88
N THR F 228 -23.60 27.19 -24.20
CA THR F 228 -22.33 26.74 -23.63
C THR F 228 -21.27 26.83 -24.72
N THR F 229 -20.16 27.49 -24.43
CA THR F 229 -19.08 27.67 -25.39
C THR F 229 -17.79 27.28 -24.69
N VAL F 230 -16.78 26.90 -25.45
CA VAL F 230 -15.51 26.48 -24.89
C VAL F 230 -14.47 27.37 -25.49
N SER F 231 -13.59 27.93 -24.67
CA SER F 231 -12.53 28.79 -25.16
C SER F 231 -11.22 28.09 -25.13
N LYS F 232 -10.67 27.82 -26.30
CA LYS F 232 -9.41 27.10 -26.38
C LYS F 232 -8.26 27.94 -25.93
N LEU F 233 -7.25 27.33 -25.35
CA LEU F 233 -6.05 28.07 -24.98
C LEU F 233 -5.38 28.35 -26.28
N SER F 234 -4.49 29.33 -26.34
CA SER F 234 -3.84 29.77 -27.58
C SER F 234 -4.69 30.86 -28.16
N ASP F 235 -5.87 31.09 -27.61
CA ASP F 235 -6.72 32.18 -28.01
C ASP F 235 -7.17 32.92 -26.75
N ILE F 236 -6.40 32.87 -25.65
CA ILE F 236 -6.76 33.56 -24.43
C ILE F 236 -5.68 34.57 -24.26
N ALA F 237 -6.01 35.83 -24.09
CA ALA F 237 -5.04 36.88 -23.94
C ALA F 237 -5.52 37.52 -22.70
N ILE F 238 -4.61 37.96 -21.83
CA ILE F 238 -5.00 38.53 -20.55
C ILE F 238 -4.49 39.96 -20.50
N LEU F 239 -5.30 40.93 -20.09
CA LEU F 239 -4.91 42.35 -20.06
C LEU F 239 -4.71 42.78 -18.60
N THR F 240 -3.50 43.16 -18.20
CA THR F 240 -3.21 43.52 -16.82
C THR F 240 -2.37 44.79 -16.74
N THR F 241 -2.03 45.27 -15.54
CA THR F 241 -1.13 46.40 -15.36
C THR F 241 0.32 45.91 -15.33
N ASP F 242 1.31 46.78 -15.60
CA ASP F 242 2.74 46.40 -15.55
C ASP F 242 3.20 46.05 -14.16
N SER F 243 2.59 46.62 -13.14
CA SER F 243 3.01 46.33 -11.79
C SER F 243 2.85 44.84 -11.54
N LEU F 244 1.75 44.23 -12.00
CA LEU F 244 1.57 42.78 -11.87
C LEU F 244 2.57 41.97 -12.69
N LYS F 245 2.86 42.38 -13.92
CA LYS F 245 3.81 41.64 -14.73
C LYS F 245 5.15 41.70 -14.05
N SER F 246 5.50 42.85 -13.51
CA SER F 246 6.77 43.00 -12.83
C SER F 246 6.81 42.10 -11.62
N TYR F 247 5.70 42.00 -10.91
CA TYR F 247 5.63 41.12 -9.75
C TYR F 247 5.82 39.69 -10.15
N LEU F 248 5.21 39.26 -11.23
CA LEU F 248 5.32 37.87 -11.63
C LEU F 248 6.77 37.57 -11.95
N LEU F 249 7.42 38.42 -12.73
CA LEU F 249 8.79 38.13 -13.13
C LEU F 249 9.74 38.21 -11.98
N ASP F 250 9.64 39.27 -11.19
CA ASP F 250 10.56 39.47 -10.07
C ASP F 250 10.44 38.55 -8.87
N THR F 251 9.22 38.28 -8.42
CA THR F 251 9.02 37.47 -7.22
C THR F 251 8.45 36.09 -7.45
N LYS F 252 7.83 35.82 -8.59
CA LYS F 252 7.20 34.51 -8.79
C LYS F 252 8.02 33.66 -9.73
N ILE F 253 8.27 34.12 -10.93
CA ILE F 253 9.03 33.35 -11.90
C ILE F 253 10.44 33.17 -11.39
N ALA F 254 11.03 34.22 -10.85
CA ALA F 254 12.41 34.13 -10.43
C ALA F 254 12.62 33.15 -9.31
N ASN F 255 11.80 33.22 -8.28
CA ASN F 255 11.91 32.32 -7.14
C ASN F 255 11.53 30.84 -7.38
N THR F 256 10.50 30.57 -8.18
CA THR F 256 10.01 29.19 -8.39
C THR F 256 11.01 28.25 -9.02
N PHE F 257 11.14 27.06 -8.45
CA PHE F 257 12.07 26.07 -8.97
C PHE F 257 11.70 25.46 -10.29
N GLN F 258 10.41 25.24 -10.51
CA GLN F 258 9.96 24.55 -11.71
C GLN F 258 8.95 25.41 -12.41
N MET F 259 9.43 26.43 -13.11
CA MET F 259 8.56 27.34 -13.86
C MET F 259 8.38 26.80 -15.26
N ALA F 260 9.00 25.68 -15.58
CA ALA F 260 8.78 25.09 -16.88
C ALA F 260 7.37 24.64 -16.94
N GLY F 261 6.65 25.10 -17.96
CA GLY F 261 5.27 24.70 -18.14
C GLY F 261 4.21 25.60 -17.54
N ILE F 262 4.54 26.38 -16.53
CA ILE F 262 3.51 27.15 -15.83
C ILE F 262 3.60 28.64 -16.07
N ASP F 263 4.31 29.06 -17.10
CA ASP F 263 4.49 30.48 -17.35
C ASP F 263 3.45 30.91 -18.35
N PHE F 264 2.60 31.87 -17.98
CA PHE F 264 1.54 32.39 -18.87
C PHE F 264 1.86 33.79 -19.37
N THR F 265 3.09 34.28 -19.21
CA THR F 265 3.41 35.66 -19.57
C THR F 265 3.40 35.96 -21.06
N ASP F 266 3.40 34.95 -21.91
CA ASP F 266 3.28 35.20 -23.34
C ASP F 266 1.93 35.82 -23.66
N HIS F 267 0.88 35.38 -23.00
CA HIS F 267 -0.45 35.95 -23.17
C HIS F 267 -0.64 37.36 -22.67
N ILE F 268 0.01 37.75 -21.59
CA ILE F 268 -0.23 39.07 -20.96
C ILE F 268 -0.03 40.27 -21.87
N ILE F 269 -0.90 41.28 -21.78
CA ILE F 269 -0.81 42.52 -22.58
C ILE F 269 -0.82 43.58 -21.49
N SER F 270 0.31 43.75 -20.80
CA SER F 270 0.37 44.68 -19.70
C SER F 270 0.55 46.12 -20.11
N PHE F 271 -0.20 47.05 -19.53
CA PHE F 271 -0.04 48.47 -19.80
C PHE F 271 0.38 49.18 -18.53
N ASP F 272 1.13 50.27 -18.66
CA ASP F 272 1.62 50.99 -17.50
C ASP F 272 0.44 51.39 -16.67
N ASP F 273 -0.60 51.92 -17.32
CA ASP F 273 -1.78 52.41 -16.62
C ASP F 273 -2.98 52.13 -17.50
N LEU F 274 -3.86 51.23 -17.10
CA LEU F 274 -5.02 50.88 -17.91
C LEU F 274 -5.99 52.05 -18.04
N GLY F 275 -6.14 52.82 -16.97
CA GLY F 275 -6.98 54.00 -16.99
C GLY F 275 -6.37 55.16 -17.72
N GLY F 276 -7.15 56.22 -17.94
CA GLY F 276 -6.66 57.37 -18.68
C GLY F 276 -7.60 57.87 -19.76
N VAL F 277 -8.69 57.16 -20.02
CA VAL F 277 -9.69 57.58 -21.00
C VAL F 277 -10.96 57.92 -20.27
N TYR F 278 -11.58 59.05 -20.58
CA TYR F 278 -12.74 59.52 -19.82
C TYR F 278 -13.98 59.52 -20.68
N LYS F 279 -15.12 59.15 -20.11
CA LYS F 279 -16.38 59.09 -20.85
C LYS F 279 -17.42 59.94 -20.16
N THR F 280 -18.08 60.82 -20.89
CA THR F 280 -19.05 61.73 -20.28
C THR F 280 -20.35 61.06 -19.94
N THR F 281 -21.06 61.59 -18.93
CA THR F 281 -22.37 61.09 -18.52
C THR F 281 -23.13 62.39 -18.57
N LYS F 282 -24.38 62.40 -19.03
CA LYS F 282 -25.16 63.65 -19.20
C LYS F 282 -24.70 64.35 -20.47
N ASP F 283 -25.30 65.50 -20.83
CA ASP F 283 -24.85 66.26 -22.00
C ASP F 283 -24.26 67.56 -21.51
N VAL F 284 -23.19 68.05 -22.16
CA VAL F 284 -22.54 69.28 -21.73
C VAL F 284 -22.39 70.15 -22.95
N THR F 285 -22.82 71.40 -22.90
CA THR F 285 -22.67 72.32 -24.02
C THR F 285 -21.42 73.10 -23.68
N LEU F 286 -20.56 73.46 -24.64
CA LEU F 286 -19.32 74.13 -24.30
C LEU F 286 -19.53 75.60 -24.00
N ALA F 287 -20.09 75.90 -22.84
CA ALA F 287 -20.36 77.28 -22.48
C ALA F 287 -19.17 78.19 -22.30
N ASN F 288 -18.11 77.72 -21.67
CA ASN F 288 -16.97 78.58 -21.35
C ASN F 288 -15.92 78.70 -22.43
N GLU F 289 -15.41 79.91 -22.65
CA GLU F 289 -14.35 80.13 -23.62
C GLU F 289 -13.08 79.43 -23.18
N ASP F 290 -12.85 79.40 -21.88
CA ASP F 290 -11.63 78.78 -21.37
C ASP F 290 -11.63 77.32 -21.77
N THR F 291 -12.79 76.67 -21.72
CA THR F 291 -12.85 75.28 -22.13
C THR F 291 -12.49 75.10 -23.57
N ILE F 292 -13.00 75.95 -24.45
CA ILE F 292 -12.73 75.73 -25.88
C ILE F 292 -11.23 75.89 -26.10
N ASN F 293 -10.58 76.82 -25.41
CA ASN F 293 -9.12 77.00 -25.52
C ASN F 293 -8.34 75.77 -25.06
N TYR F 294 -8.76 75.13 -23.98
CA TYR F 294 -8.09 73.93 -23.52
C TYR F 294 -8.17 72.83 -24.55
N LEU F 295 -9.32 72.67 -25.17
CA LEU F 295 -9.52 71.62 -26.15
C LEU F 295 -8.60 71.90 -27.32
N ARG F 296 -8.43 73.17 -27.67
CA ARG F 296 -7.51 73.57 -28.75
C ARG F 296 -6.06 73.19 -28.47
N ALA F 297 -5.66 73.23 -27.21
CA ALA F 297 -4.29 72.84 -26.84
C ALA F 297 -4.10 71.42 -27.26
N PHE F 298 -5.14 70.59 -27.17
CA PHE F 298 -5.07 69.18 -27.56
C PHE F 298 -5.34 68.92 -29.06
N GLY F 299 -5.52 69.97 -29.86
CA GLY F 299 -5.74 69.83 -31.31
C GLY F 299 -7.16 69.89 -31.84
N ASP F 300 -8.15 70.15 -30.98
CA ASP F 300 -9.55 70.25 -31.40
C ASP F 300 -9.95 71.64 -31.85
N TYR F 301 -9.61 72.01 -33.07
CA TYR F 301 -10.01 73.29 -33.64
C TYR F 301 -11.51 73.39 -33.78
N GLN F 302 -12.18 72.29 -34.07
CA GLN F 302 -13.62 72.31 -34.33
C GLN F 302 -14.45 72.85 -33.19
N ALA F 303 -14.08 72.59 -31.95
CA ALA F 303 -14.90 72.98 -30.82
C ALA F 303 -15.20 74.45 -30.82
N MET F 304 -16.45 74.83 -30.59
CA MET F 304 -16.83 76.24 -30.52
C MET F 304 -17.89 76.36 -29.44
N ILE F 305 -18.05 77.54 -28.87
CA ILE F 305 -18.98 77.70 -27.76
C ILE F 305 -20.38 77.39 -28.24
N GLY F 306 -21.17 76.70 -27.43
CA GLY F 306 -22.54 76.34 -27.77
C GLY F 306 -22.73 75.00 -28.44
N ASP F 307 -21.66 74.32 -28.81
CA ASP F 307 -21.77 72.99 -29.40
C ASP F 307 -22.15 72.05 -28.27
N VAL F 308 -22.77 70.92 -28.58
CA VAL F 308 -23.19 69.96 -27.57
C VAL F 308 -22.32 68.73 -27.63
N ILE F 309 -21.87 68.24 -26.48
CA ILE F 309 -21.08 67.02 -26.41
C ILE F 309 -22.10 65.96 -25.95
N PRO F 310 -22.37 64.91 -26.74
CA PRO F 310 -23.38 63.92 -26.37
C PRO F 310 -22.97 62.99 -25.24
N THR F 311 -23.92 62.31 -24.61
CA THR F 311 -23.58 61.33 -23.58
C THR F 311 -22.78 60.21 -24.22
N GLY F 312 -21.80 59.68 -23.50
CA GLY F 312 -20.98 58.59 -24.02
C GLY F 312 -19.83 59.03 -24.89
N SER F 313 -19.60 60.34 -25.01
CA SER F 313 -18.45 60.81 -25.76
C SER F 313 -17.21 60.42 -25.01
N VAL F 314 -16.20 59.92 -25.72
CA VAL F 314 -14.98 59.47 -25.08
C VAL F 314 -13.87 60.45 -25.35
N PHE F 315 -13.45 61.21 -24.35
CA PHE F 315 -12.42 62.23 -24.52
C PHE F 315 -10.98 61.80 -24.74
N THR F 316 -10.45 60.82 -24.01
CA THR F 316 -9.04 60.35 -24.10
C THR F 316 -8.01 61.33 -23.54
N PHE F 317 -8.43 62.30 -22.74
CA PHE F 317 -7.52 63.21 -22.07
C PHE F 317 -8.34 63.69 -20.91
N ASN F 318 -7.74 64.29 -19.89
CA ASN F 318 -8.50 64.66 -18.71
C ASN F 318 -9.19 65.98 -18.86
N VAL F 319 -10.49 65.95 -19.12
CA VAL F 319 -11.26 67.17 -19.29
C VAL F 319 -12.07 67.44 -18.05
N SER F 320 -11.88 66.68 -16.98
CA SER F 320 -12.74 66.82 -15.79
C SER F 320 -12.68 68.16 -15.07
N ASP F 321 -11.51 68.76 -14.97
CA ASP F 321 -11.35 70.02 -14.23
C ASP F 321 -12.14 71.16 -14.85
N LEU F 322 -12.32 71.12 -16.16
CA LEU F 322 -13.03 72.18 -16.86
C LEU F 322 -14.43 72.26 -16.29
N LYS F 323 -14.99 73.47 -16.15
CA LYS F 323 -16.27 73.66 -15.47
C LYS F 323 -17.49 72.85 -15.92
N GLU F 324 -17.79 72.85 -17.22
CA GLU F 324 -18.98 72.13 -17.68
C GLU F 324 -18.84 70.62 -17.45
N PHE F 325 -17.62 70.10 -17.52
CA PHE F 325 -17.38 68.67 -17.33
C PHE F 325 -17.04 68.34 -15.89
N LYS F 326 -17.25 69.25 -14.95
CA LYS F 326 -16.83 68.98 -13.58
C LYS F 326 -17.53 67.79 -12.96
N GLY F 327 -18.85 67.70 -13.07
CA GLY F 327 -19.57 66.56 -12.54
C GLY F 327 -20.04 65.58 -13.59
N ASN F 328 -19.89 65.94 -14.85
CA ASN F 328 -20.43 65.14 -15.93
C ASN F 328 -19.40 64.27 -16.62
N ILE F 329 -18.37 63.80 -15.92
CA ILE F 329 -17.33 63.01 -16.53
C ILE F 329 -17.09 61.82 -15.63
N GLU F 330 -16.81 60.66 -16.22
CA GLU F 330 -16.56 59.45 -15.43
C GLU F 330 -15.44 58.70 -16.10
N GLU F 331 -14.38 58.37 -15.38
CA GLU F 331 -13.21 57.73 -15.99
C GLU F 331 -13.39 56.24 -16.21
N ILE F 332 -13.01 55.76 -17.39
CA ILE F 332 -13.07 54.32 -17.67
C ILE F 332 -11.78 53.87 -17.04
N LYS F 333 -11.85 53.09 -15.96
CA LYS F 333 -10.64 52.72 -15.24
C LYS F 333 -10.76 51.44 -14.44
N PRO F 334 -9.63 50.78 -14.17
CA PRO F 334 -9.72 49.64 -13.25
C PRO F 334 -10.00 50.20 -11.88
N GLN F 335 -10.58 49.41 -10.99
CA GLN F 335 -10.79 49.85 -9.61
C GLN F 335 -9.85 49.12 -8.70
N GLY F 336 -8.99 49.83 -7.95
CA GLY F 336 -8.15 49.18 -6.96
C GLY F 336 -6.75 48.71 -7.30
N GLU F 337 -6.26 48.94 -8.51
CA GLU F 337 -4.90 48.57 -8.92
C GLU F 337 -4.64 47.09 -9.16
N LEU F 338 -5.66 46.25 -9.08
CA LEU F 338 -5.51 44.84 -9.40
C LEU F 338 -6.55 44.61 -10.48
N PHE F 339 -6.12 44.34 -11.70
CA PHE F 339 -7.03 44.14 -12.80
C PHE F 339 -6.45 43.07 -13.65
N ALA F 340 -7.19 41.99 -13.96
CA ALA F 340 -6.70 40.97 -14.87
C ALA F 340 -7.79 40.43 -15.77
N PHE F 341 -8.29 41.26 -16.70
CA PHE F 341 -9.36 40.85 -17.61
C PHE F 341 -8.83 39.84 -18.61
N ILE F 342 -9.12 38.56 -18.41
CA ILE F 342 -8.69 37.50 -19.31
C ILE F 342 -9.83 37.29 -20.29
N PHE F 343 -9.61 37.21 -21.60
CA PHE F 343 -10.69 37.12 -22.58
C PHE F 343 -10.35 36.27 -23.79
N ASP F 344 -11.33 35.85 -24.60
CA ASP F 344 -11.01 35.10 -25.79
C ASP F 344 -10.64 36.16 -26.83
N ILE F 345 -9.59 35.97 -27.60
CA ILE F 345 -9.13 36.97 -28.54
C ILE F 345 -10.17 37.25 -29.60
N ASN F 346 -10.97 36.27 -29.94
CA ASN F 346 -11.94 36.42 -31.01
C ASN F 346 -12.95 37.52 -30.74
N ALA F 347 -13.22 37.82 -29.49
CA ALA F 347 -14.21 38.82 -29.13
C ALA F 347 -13.93 40.25 -29.59
N LEU F 348 -12.67 40.63 -29.82
CA LEU F 348 -12.32 42.04 -30.12
C LEU F 348 -12.84 42.77 -31.36
N LYS F 349 -12.97 42.15 -32.51
CA LYS F 349 -13.62 42.82 -33.68
C LYS F 349 -13.16 44.24 -34.06
N TYR F 350 -11.88 44.43 -34.36
CA TYR F 350 -11.36 45.73 -34.76
C TYR F 350 -11.28 45.73 -36.26
N LYS F 351 -11.87 46.73 -36.93
CA LYS F 351 -11.83 46.83 -38.39
C LYS F 351 -11.44 48.25 -38.74
N ARG F 352 -10.83 48.47 -39.89
CA ARG F 352 -10.37 49.81 -40.28
C ARG F 352 -10.39 49.98 -41.78
N ASN F 353 -10.47 51.22 -42.28
CA ASN F 353 -10.35 51.47 -43.72
C ASN F 353 -9.38 52.62 -43.77
N THR F 354 -8.25 52.43 -44.42
CA THR F 354 -7.23 53.45 -44.48
C THR F 354 -6.88 53.81 -45.91
N LYS F 355 -7.75 53.49 -46.85
CA LYS F 355 -7.51 53.88 -48.23
C LYS F 355 -7.66 55.38 -48.35
N GLY F 356 -6.80 56.04 -49.11
CA GLY F 356 -6.89 57.49 -49.29
C GLY F 356 -6.80 58.18 -47.97
N MET F 357 -5.88 57.78 -47.12
CA MET F 357 -5.78 58.34 -45.78
C MET F 357 -5.25 59.74 -45.85
N LEU F 358 -4.24 59.99 -46.68
CA LEU F 358 -3.62 61.31 -46.74
C LEU F 358 -4.37 62.16 -47.78
N LYS F 359 -5.34 62.97 -47.36
CA LYS F 359 -6.13 63.77 -48.29
C LYS F 359 -5.27 64.85 -48.96
N GLU F 360 -5.78 65.47 -50.04
CA GLU F 360 -5.02 66.49 -50.76
C GLU F 360 -4.77 67.75 -49.95
N PRO F 361 -3.66 68.47 -50.21
CA PRO F 361 -3.45 69.75 -49.51
C PRO F 361 -4.28 70.90 -50.07
N PHE F 362 -4.64 71.91 -49.28
CA PHE F 362 -5.36 73.10 -49.79
C PHE F 362 -4.57 74.38 -49.56
N TYR F 363 -4.12 75.03 -50.62
CA TYR F 363 -3.27 76.20 -50.45
C TYR F 363 -4.08 77.47 -50.33
N ASN F 364 -3.92 78.19 -49.21
CA ASN F 364 -4.61 79.46 -49.04
C ASN F 364 -3.67 80.47 -49.65
N GLY F 365 -4.07 81.11 -50.75
CA GLY F 365 -3.22 82.10 -51.38
C GLY F 365 -3.01 83.23 -50.44
N GLU F 366 -4.09 83.67 -49.78
CA GLU F 366 -3.95 84.70 -48.79
C GLU F 366 -3.30 83.93 -47.67
N PHE F 367 -2.27 84.46 -47.04
CA PHE F 367 -1.59 83.81 -45.91
C PHE F 367 -0.55 82.76 -46.29
N ASP F 368 -0.48 82.36 -47.55
CA ASP F 368 0.54 81.44 -48.02
C ASP F 368 0.57 80.09 -47.29
N GLU F 369 -0.56 79.54 -46.85
CA GLU F 369 -0.56 78.33 -46.02
C GLU F 369 -1.20 77.06 -46.58
N VAL F 370 -0.47 75.94 -46.62
CA VAL F 370 -0.96 74.66 -47.20
C VAL F 370 -2.10 73.82 -46.59
N THR F 371 -2.26 73.74 -45.28
CA THR F 371 -3.39 73.02 -44.62
C THR F 371 -3.70 71.54 -44.92
N HIS F 372 -2.72 70.64 -44.78
CA HIS F 372 -2.93 69.21 -45.07
C HIS F 372 -3.91 68.49 -44.11
N TRP F 373 -4.59 67.43 -44.55
CA TRP F 373 -5.53 66.67 -43.71
C TRP F 373 -5.29 65.18 -43.79
N ILE F 374 -5.55 64.42 -42.71
CA ILE F 374 -5.44 62.96 -42.71
C ILE F 374 -6.76 62.41 -42.19
N HIS F 375 -7.44 61.54 -42.92
CA HIS F 375 -8.76 61.00 -42.53
C HIS F 375 -8.74 59.47 -42.61
N TYR F 376 -9.39 58.77 -41.68
CA TYR F 376 -9.43 57.31 -41.69
C TYR F 376 -10.69 56.87 -40.99
N TYR F 377 -11.10 55.62 -41.13
CA TYR F 377 -12.36 55.14 -40.56
C TYR F 377 -12.03 54.03 -39.62
N SER F 378 -12.65 53.96 -38.44
CA SER F 378 -12.26 52.98 -37.46
C SER F 378 -13.47 52.45 -36.75
N PHE F 379 -13.60 51.13 -36.62
CA PHE F 379 -14.78 50.52 -36.00
C PHE F 379 -14.27 49.55 -34.98
N LYS F 380 -14.64 49.72 -33.73
CA LYS F 380 -14.23 48.83 -32.65
C LYS F 380 -15.46 48.38 -31.89
N ALA F 381 -15.59 47.10 -31.57
CA ALA F 381 -16.77 46.61 -30.88
C ALA F 381 -16.36 45.35 -30.19
N MET F 382 -17.08 44.92 -29.17
CA MET F 382 -16.78 43.65 -28.51
C MET F 382 -17.94 42.69 -28.57
N SER F 383 -17.70 41.44 -28.97
CA SER F 383 -18.76 40.47 -29.13
C SER F 383 -19.22 39.81 -27.83
N PRO F 384 -20.53 39.74 -27.57
CA PRO F 384 -20.96 39.04 -26.37
C PRO F 384 -20.70 37.55 -26.31
N PHE F 385 -20.73 36.85 -27.43
CA PHE F 385 -20.66 35.38 -27.42
C PHE F 385 -19.46 34.63 -26.83
N PHE F 386 -18.23 35.12 -26.99
CA PHE F 386 -17.01 34.41 -26.51
C PHE F 386 -16.73 34.55 -25.00
N ASN F 387 -16.03 33.59 -24.38
CA ASN F 387 -15.77 33.61 -22.92
C ASN F 387 -14.82 34.69 -22.39
N LYS F 388 -15.13 35.32 -21.24
CA LYS F 388 -14.29 36.36 -20.63
C LYS F 388 -14.39 36.26 -19.12
N ILE F 389 -13.35 36.62 -18.38
CA ILE F 389 -13.36 36.58 -16.92
C ILE F 389 -12.67 37.83 -16.45
N LEU F 390 -13.10 38.44 -15.36
CA LEU F 390 -12.43 39.62 -14.80
C LEU F 390 -12.07 39.30 -13.39
N ILE F 391 -10.84 39.54 -12.99
CA ILE F 391 -10.39 39.31 -11.63
C ILE F 391 -10.05 40.70 -11.24
N THR F 392 -10.65 41.24 -10.17
CA THR F 392 -10.45 42.64 -9.81
C THR F 392 -10.27 42.80 -8.33
N GLU F 393 -9.79 43.94 -7.86
CA GLU F 393 -9.50 44.08 -6.43
C GLU F 393 -10.76 43.92 -5.62
N ALA F 394 -10.69 43.18 -4.53
CA ALA F 394 -11.84 42.99 -3.67
C ALA F 394 -12.40 44.31 -3.18
N PRO F 395 -13.74 44.52 -3.27
CA PRO F 395 -14.27 45.76 -2.70
C PRO F 395 -13.96 45.85 -1.20
N GLY G 6 17.42 -17.25 7.86
CA GLY G 6 18.23 -16.15 7.40
C GLY G 6 17.48 -15.29 6.41
N ASN G 7 16.62 -14.41 6.90
CA ASN G 7 15.83 -13.56 6.02
C ASN G 7 16.73 -12.53 5.34
N GLU G 8 16.35 -12.05 4.16
CA GLU G 8 17.11 -10.98 3.48
C GLU G 8 16.15 -9.99 2.86
N MET G 9 16.40 -8.68 2.98
CA MET G 9 15.46 -7.67 2.50
C MET G 9 15.37 -7.59 0.99
N ARG G 10 14.27 -7.05 0.47
CA ARG G 10 14.03 -6.93 -0.97
C ARG G 10 13.71 -5.49 -1.15
N GLY G 11 13.73 -4.99 -2.38
CA GLY G 11 13.58 -3.54 -2.57
C GLY G 11 12.34 -2.80 -2.12
N MET G 12 11.14 -3.24 -2.42
CA MET G 12 9.95 -2.57 -1.90
C MET G 12 9.75 -1.11 -2.33
N THR G 13 10.30 -0.68 -3.46
CA THR G 13 10.03 0.65 -3.99
C THR G 13 10.31 0.64 -5.50
N HIS G 14 9.44 1.24 -6.30
CA HIS G 14 9.61 1.26 -7.76
C HIS G 14 10.83 2.03 -8.21
N ALA G 15 11.07 3.20 -7.62
CA ALA G 15 12.26 3.99 -7.93
C ALA G 15 12.66 4.71 -6.67
N ASN G 16 13.96 4.81 -6.42
CA ASN G 16 14.46 5.53 -5.25
C ASN G 16 15.81 6.11 -5.53
N TYR G 17 16.21 7.15 -4.80
CA TYR G 17 17.56 7.68 -4.94
C TYR G 17 18.43 6.67 -4.23
N GLU G 18 19.69 6.58 -4.57
CA GLU G 18 20.51 5.51 -4.01
C GLU G 18 20.72 5.66 -2.51
N ASP G 19 21.00 4.56 -1.81
CA ASP G 19 21.23 4.59 -0.35
C ASP G 19 22.69 4.64 0.02
N SER G 20 23.57 4.87 -0.93
CA SER G 20 24.97 5.01 -0.62
C SER G 20 25.02 6.24 0.22
N ARG G 21 25.98 6.36 1.13
CA ARG G 21 26.15 7.50 2.03
C ARG G 21 25.52 7.22 3.37
N LEU G 22 24.67 6.21 3.48
CA LEU G 22 24.17 5.78 4.78
C LEU G 22 24.79 4.41 5.08
N ASN G 23 25.75 3.96 4.26
CA ASN G 23 26.34 2.63 4.40
C ASN G 23 27.75 2.71 4.96
N LYS G 24 28.06 1.92 5.98
CA LYS G 24 29.40 1.89 6.61
C LYS G 24 30.14 0.62 6.21
N SER G 25 29.79 0.04 5.08
CA SER G 25 30.45 -1.16 4.63
C SER G 25 31.91 -0.89 4.39
N ARG G 26 32.24 0.23 3.80
CA ARG G 26 33.64 0.58 3.61
C ARG G 26 34.38 0.82 4.91
N GLU G 27 33.75 1.50 5.86
CA GLU G 27 34.37 1.72 7.17
C GLU G 27 34.60 0.48 8.03
N LEU G 28 33.61 -0.41 8.17
CA LEU G 28 33.72 -1.63 8.97
C LEU G 28 33.09 -2.71 8.14
N ASN G 29 33.61 -3.92 8.19
CA ASN G 29 33.12 -5.00 7.37
C ASN G 29 33.47 -6.28 8.10
N ALA G 30 32.90 -7.40 7.69
CA ALA G 30 33.19 -8.69 8.32
C ALA G 30 34.63 -9.05 8.17
N ASN G 31 35.24 -8.61 7.08
CA ASN G 31 36.64 -8.87 6.79
C ASN G 31 37.33 -7.81 7.64
N MET G 32 38.49 -7.32 7.28
CA MET G 32 39.13 -6.37 8.17
C MET G 32 39.30 -7.04 9.51
N SER G 33 39.77 -8.30 9.53
CA SER G 33 39.95 -9.07 10.76
C SER G 33 41.32 -9.71 10.82
N ILE G 34 41.81 -10.02 12.03
CA ILE G 34 43.15 -10.61 12.20
C ILE G 34 43.25 -11.97 11.56
N GLY G 35 44.43 -12.31 11.07
CA GLY G 35 44.62 -13.58 10.38
C GLY G 35 45.05 -14.67 11.33
N THR G 36 44.25 -15.71 11.51
CA THR G 36 44.68 -16.82 12.34
C THR G 36 45.84 -17.57 11.69
N SER G 37 45.77 -17.83 10.40
CA SER G 37 46.77 -18.70 9.74
C SER G 37 48.18 -18.23 9.43
N LYS G 38 49.12 -18.43 10.35
CA LYS G 38 50.53 -18.15 10.07
C LYS G 38 51.28 -19.07 11.03
N SER G 39 52.47 -19.55 10.68
CA SER G 39 53.19 -20.51 11.52
C SER G 39 54.30 -19.85 12.32
N GLU G 40 54.89 -20.54 13.31
CA GLU G 40 55.89 -19.90 14.16
C GLU G 40 57.11 -19.41 13.43
N ASP G 41 57.74 -18.38 13.96
CA ASP G 41 58.94 -17.83 13.36
C ASP G 41 59.99 -18.86 13.63
N GLU G 42 61.17 -18.72 13.04
CA GLU G 42 62.17 -19.75 13.18
C GLU G 42 62.44 -19.98 14.65
N TYR G 43 62.46 -18.94 15.45
CA TYR G 43 62.78 -19.13 16.86
C TYR G 43 61.76 -20.00 17.53
N GLY G 44 60.50 -19.79 17.23
CA GLY G 44 59.46 -20.55 17.86
C GLY G 44 59.53 -22.01 17.52
N ARG G 45 59.76 -22.32 16.26
CA ARG G 45 59.77 -23.70 15.87
C ARG G 45 60.90 -24.38 16.61
N GLN G 46 62.04 -23.71 16.74
CA GLN G 46 63.20 -24.28 17.43
C GLN G 46 62.92 -24.54 18.91
N VAL G 47 62.19 -23.65 19.57
CA VAL G 47 61.84 -23.90 20.96
C VAL G 47 61.00 -25.17 21.05
N HIS G 48 60.03 -25.34 20.16
CA HIS G 48 59.13 -26.49 20.24
C HIS G 48 59.89 -27.78 20.05
N SER G 49 60.76 -27.86 19.06
CA SER G 49 61.60 -29.04 18.86
C SER G 49 62.90 -28.42 18.45
N LEU G 50 64.03 -28.84 19.00
CA LEU G 50 65.30 -28.14 18.69
C LEU G 50 65.83 -28.64 17.37
N THR G 51 65.13 -28.30 16.29
CA THR G 51 65.48 -28.79 14.98
C THR G 51 66.79 -28.29 14.45
N LYS G 52 67.06 -27.00 14.64
CA LYS G 52 68.27 -26.45 14.05
C LYS G 52 69.40 -26.70 15.00
N GLN G 53 70.19 -27.72 14.73
CA GLN G 53 71.35 -27.99 15.54
C GLN G 53 72.58 -27.44 14.84
N SER G 54 72.39 -26.81 13.69
CA SER G 54 73.52 -26.33 12.87
C SER G 54 74.42 -25.21 13.35
N TYR G 55 73.86 -24.14 13.91
CA TYR G 55 74.67 -22.95 14.23
C TYR G 55 74.80 -22.56 15.67
N SER G 56 76.03 -22.32 16.14
CA SER G 56 76.24 -21.80 17.48
C SER G 56 77.30 -20.72 17.25
N ASP G 57 77.07 -19.48 17.66
CA ASP G 57 77.99 -18.38 17.34
C ASP G 57 79.39 -18.49 17.96
N ASP G 58 79.47 -18.97 19.18
CA ASP G 58 80.76 -19.03 19.88
C ASP G 58 81.67 -20.04 19.24
N SER G 59 82.96 -19.74 19.22
CA SER G 59 83.94 -20.70 18.71
C SER G 59 84.24 -21.76 19.75
N VAL G 60 84.83 -22.87 19.34
CA VAL G 60 85.25 -23.89 20.31
C VAL G 60 86.14 -23.20 21.33
N ASN H 31 28.92 -63.98 29.61
CA ASN H 31 30.03 -63.34 30.28
C ASN H 31 30.86 -62.55 29.29
N MET H 32 30.21 -61.67 28.54
CA MET H 32 30.90 -60.83 27.58
C MET H 32 31.52 -59.63 28.26
N SER H 33 32.38 -58.87 27.56
CA SER H 33 33.12 -57.75 28.16
C SER H 33 32.97 -56.42 27.45
N ILE H 34 33.21 -55.33 28.16
CA ILE H 34 33.13 -53.99 27.55
C ILE H 34 34.20 -53.92 26.46
N GLY H 35 33.83 -53.41 25.28
CA GLY H 35 34.72 -53.46 24.12
C GLY H 35 36.02 -52.75 23.90
N THR H 36 36.68 -52.19 24.93
CA THR H 36 38.01 -51.62 24.77
C THR H 36 38.18 -50.41 23.85
N SER H 37 37.82 -50.47 22.57
CA SER H 37 37.82 -49.29 21.67
C SER H 37 37.02 -49.15 20.39
N LYS H 38 36.57 -47.94 20.06
CA LYS H 38 35.91 -47.65 18.79
C LYS H 38 36.44 -46.22 18.65
N SER H 39 36.40 -45.59 17.48
CA SER H 39 36.90 -44.20 17.43
C SER H 39 35.92 -43.18 18.00
N GLU H 40 36.38 -41.98 18.35
CA GLU H 40 35.51 -40.96 18.98
C GLU H 40 34.41 -40.52 18.05
N ASP H 41 33.28 -40.07 18.56
CA ASP H 41 32.22 -39.54 17.68
C ASP H 41 32.73 -38.35 16.86
N GLU H 42 32.00 -37.89 15.85
CA GLU H 42 32.41 -36.69 15.12
C GLU H 42 32.72 -35.52 16.04
N TYR H 43 31.99 -35.39 17.15
CA TYR H 43 32.22 -34.31 18.08
C TYR H 43 33.56 -34.46 18.72
N GLY H 44 33.93 -35.67 19.07
CA GLY H 44 35.18 -35.86 19.75
C GLY H 44 36.32 -35.42 18.88
N ARG H 45 36.32 -35.83 17.63
CA ARG H 45 37.41 -35.49 16.75
C ARG H 45 37.48 -33.99 16.55
N GLN H 46 36.35 -33.30 16.38
CA GLN H 46 36.31 -31.85 16.11
C GLN H 46 36.68 -31.04 17.34
N VAL H 47 36.48 -31.57 18.52
CA VAL H 47 36.92 -30.89 19.73
C VAL H 47 38.43 -30.95 19.77
N HIS H 48 39.00 -32.12 19.51
CA HIS H 48 40.45 -32.29 19.54
C HIS H 48 41.16 -31.47 18.49
N SER H 49 40.64 -31.43 17.26
CA SER H 49 41.30 -30.72 16.16
C SER H 49 40.77 -29.34 15.80
N LEU H 50 39.50 -29.08 15.98
CA LEU H 50 38.90 -27.81 15.55
C LEU H 50 39.28 -27.53 14.12
N THR H 51 38.93 -28.46 13.22
CA THR H 51 39.19 -28.26 11.80
C THR H 51 38.08 -27.35 11.37
N LYS H 52 38.24 -26.05 11.63
CA LYS H 52 37.17 -25.10 11.37
C LYS H 52 36.84 -25.03 9.90
N GLN H 53 35.55 -25.00 9.57
CA GLN H 53 35.13 -24.98 8.18
C GLN H 53 33.66 -24.60 8.10
#